data_2L1L
#
_entry.id   2L1L
#
loop_
_entity.id
_entity.type
_entity.pdbx_description
1 polymer 'cAMP-dependent protein kinase inhibitor alpha'
2 polymer Exportin-1
#
loop_
_entity_poly.entity_id
_entity_poly.type
_entity_poly.pdbx_seq_one_letter_code
_entity_poly.pdbx_strand_id
1 'polypeptide(L)' GSASGNLNELALKLAGLDINKTEGEEC A
2 'polypeptide(L)'
;ISGAMHEEDEKRFLVTVIKDLLGLCEQKRGKDNKAIIASNIMYIVGQYPRFLRAHWKFLKTVVNKLFEFMHETHDGVQDM
ACDTFIKIAQKCRRHFVQVQVGEVMPFIDEILNNINTIICDLQPQQV
;
B
#
# COMPACT_ATOMS: atom_id res chain seq x y z
N GLY A 1 24.59 12.79 -1.42
CA GLY A 1 23.25 13.43 -1.58
C GLY A 1 22.55 13.67 -0.26
N SER A 2 21.83 14.78 -0.17
CA SER A 2 21.11 15.14 1.05
C SER A 2 19.74 14.48 1.08
N ALA A 3 18.94 14.75 0.06
CA ALA A 3 17.60 14.18 -0.05
C ALA A 3 16.74 14.57 1.14
N SER A 4 16.07 15.72 1.05
CA SER A 4 15.22 16.21 2.11
C SER A 4 13.91 15.42 2.17
N GLY A 5 13.08 15.59 1.15
CA GLY A 5 11.82 14.88 1.10
C GLY A 5 11.02 15.20 -0.17
N ASN A 6 10.17 14.26 -0.56
CA ASN A 6 9.35 14.42 -1.77
C ASN A 6 8.25 13.36 -1.81
N LEU A 7 8.60 12.15 -1.41
CA LEU A 7 7.66 11.04 -1.40
C LEU A 7 6.48 11.31 -0.47
N ASN A 8 6.64 12.31 0.39
CA ASN A 8 5.60 12.66 1.34
C ASN A 8 4.36 13.19 0.62
N GLU A 9 4.57 13.91 -0.48
CA GLU A 9 3.46 14.47 -1.25
C GLU A 9 2.82 13.39 -2.12
N LEU A 10 3.59 12.36 -2.44
CA LEU A 10 3.10 11.26 -3.26
C LEU A 10 2.19 10.34 -2.46
N ALA A 11 2.22 10.51 -1.14
CA ALA A 11 1.40 9.68 -0.25
C ALA A 11 -0.04 10.19 -0.20
N LEU A 12 -0.20 11.51 -0.13
CA LEU A 12 -1.52 12.13 -0.07
C LEU A 12 -2.36 11.75 -1.29
N LYS A 13 -1.68 11.40 -2.38
CA LYS A 13 -2.37 11.03 -3.61
C LYS A 13 -3.08 9.67 -3.46
N LEU A 14 -2.35 8.69 -2.94
CA LEU A 14 -2.90 7.36 -2.75
C LEU A 14 -4.14 7.39 -1.86
N ALA A 15 -4.29 8.47 -1.09
CA ALA A 15 -5.43 8.63 -0.21
C ALA A 15 -6.75 8.61 -0.99
N GLY A 16 -6.65 8.77 -2.30
CA GLY A 16 -7.84 8.77 -3.14
C GLY A 16 -8.00 7.47 -3.90
N LEU A 17 -8.51 6.45 -3.22
CA LEU A 17 -8.72 5.14 -3.84
C LEU A 17 -10.00 4.50 -3.31
N ASP A 18 -11.12 4.77 -3.99
CA ASP A 18 -12.40 4.22 -3.59
C ASP A 18 -12.61 2.83 -4.19
N ILE A 19 -13.55 2.08 -3.63
CA ILE A 19 -13.85 0.74 -4.10
C ILE A 19 -15.17 0.24 -3.52
N ASN A 20 -15.42 0.58 -2.26
CA ASN A 20 -16.66 0.17 -1.59
C ASN A 20 -17.08 1.21 -0.55
N LYS A 21 -16.57 1.05 0.68
CA LYS A 21 -16.90 1.97 1.76
C LYS A 21 -18.41 2.12 1.94
N THR A 22 -19.01 3.04 1.20
CA THR A 22 -20.45 3.27 1.28
C THR A 22 -21.08 3.24 -0.11
N GLU A 23 -20.89 4.31 -0.87
CA GLU A 23 -21.43 4.42 -2.22
C GLU A 23 -22.95 4.30 -2.20
N GLY A 24 -23.63 5.42 -1.93
CA GLY A 24 -25.08 5.42 -1.89
C GLY A 24 -25.71 6.06 -3.13
N GLU A 25 -25.12 5.79 -4.29
CA GLU A 25 -25.62 6.34 -5.54
C GLU A 25 -26.14 5.23 -6.44
N GLU A 26 -27.19 5.53 -7.20
CA GLU A 26 -27.80 4.56 -8.10
C GLU A 26 -28.68 5.24 -9.13
N CYS A 27 -29.32 4.44 -9.98
CA CYS A 27 -30.20 4.97 -11.03
C CYS A 27 -31.60 5.19 -10.48
N ILE B 1 10.18 -7.57 -13.76
CA ILE B 1 11.52 -7.04 -14.03
C ILE B 1 12.12 -6.32 -12.83
N SER B 2 11.49 -6.49 -11.67
CA SER B 2 12.03 -5.96 -10.41
C SER B 2 13.50 -6.30 -10.20
N GLY B 3 14.35 -5.28 -10.10
CA GLY B 3 15.77 -5.50 -9.91
C GLY B 3 16.57 -5.53 -11.21
N ALA B 4 15.91 -5.34 -12.35
CA ALA B 4 16.62 -5.29 -13.64
C ALA B 4 16.99 -3.85 -14.05
N MET B 5 16.49 -2.87 -13.30
CA MET B 5 16.84 -1.47 -13.48
C MET B 5 17.63 -0.91 -12.30
N HIS B 6 18.34 0.20 -12.55
CA HIS B 6 19.07 0.93 -11.51
C HIS B 6 18.07 1.60 -10.57
N GLU B 7 18.30 1.48 -9.25
CA GLU B 7 17.36 1.94 -8.24
C GLU B 7 16.72 3.29 -8.58
N GLU B 8 17.52 4.15 -9.19
CA GLU B 8 17.12 5.52 -9.52
C GLU B 8 16.13 5.56 -10.69
N ASP B 9 16.40 4.76 -11.71
CA ASP B 9 15.43 4.58 -12.80
C ASP B 9 14.16 3.90 -12.29
N GLU B 10 14.36 2.93 -11.40
CA GLU B 10 13.27 2.22 -10.77
C GLU B 10 12.29 3.19 -10.11
N LYS B 11 12.81 4.12 -9.33
CA LYS B 11 11.99 5.11 -8.64
C LYS B 11 11.10 5.87 -9.60
N ARG B 12 11.72 6.52 -10.59
CA ARG B 12 11.03 7.35 -11.58
C ARG B 12 9.96 6.56 -12.30
N PHE B 13 10.27 5.30 -12.53
CA PHE B 13 9.41 4.45 -13.33
C PHE B 13 8.18 4.02 -12.52
N LEU B 14 8.42 3.60 -11.28
CA LEU B 14 7.36 3.22 -10.37
C LEU B 14 6.48 4.38 -9.98
N VAL B 15 7.04 5.59 -9.89
CA VAL B 15 6.20 6.72 -9.55
C VAL B 15 5.22 6.98 -10.68
N THR B 16 5.67 6.76 -11.91
CA THR B 16 4.83 6.94 -13.09
C THR B 16 3.78 5.82 -13.23
N VAL B 17 4.16 4.61 -12.88
CA VAL B 17 3.29 3.46 -13.08
C VAL B 17 2.10 3.48 -12.13
N ILE B 18 2.36 3.83 -10.88
CA ILE B 18 1.32 3.78 -9.86
C ILE B 18 0.53 5.07 -9.67
N LYS B 19 1.12 6.21 -10.01
CA LYS B 19 0.41 7.49 -10.02
C LYS B 19 -0.75 7.40 -11.00
N ASP B 20 -0.52 6.68 -12.08
CA ASP B 20 -1.55 6.58 -13.11
C ASP B 20 -2.49 5.37 -12.96
N LEU B 21 -2.06 4.33 -12.25
CA LEU B 21 -2.97 3.23 -11.85
C LEU B 21 -3.94 3.75 -10.80
N LEU B 22 -3.42 4.47 -9.81
CA LEU B 22 -4.24 5.19 -8.87
C LEU B 22 -5.25 6.10 -9.61
N GLY B 23 -4.78 6.82 -10.61
CA GLY B 23 -5.63 7.72 -11.35
C GLY B 23 -6.69 6.96 -12.13
N LEU B 24 -6.28 5.83 -12.71
CA LEU B 24 -7.21 4.95 -13.41
C LEU B 24 -8.25 4.35 -12.45
N CYS B 25 -7.82 4.07 -11.22
CA CYS B 25 -8.68 3.41 -10.27
C CYS B 25 -9.87 4.29 -9.93
N GLU B 26 -9.59 5.55 -9.65
CA GLU B 26 -10.63 6.54 -9.43
C GLU B 26 -11.51 6.76 -10.68
N GLN B 27 -10.93 6.55 -11.86
CA GLN B 27 -11.63 6.75 -13.13
C GLN B 27 -12.70 5.70 -13.41
N LYS B 28 -12.29 4.44 -13.38
CA LYS B 28 -13.18 3.34 -13.69
C LYS B 28 -14.25 3.18 -12.60
N ARG B 29 -15.48 2.93 -13.02
CA ARG B 29 -16.56 2.72 -12.09
C ARG B 29 -16.79 1.23 -11.87
N GLY B 30 -17.46 0.91 -10.76
CA GLY B 30 -17.75 -0.47 -10.43
C GLY B 30 -16.65 -1.16 -9.65
N LYS B 31 -17.00 -1.62 -8.45
CA LYS B 31 -16.08 -2.36 -7.59
C LYS B 31 -15.33 -3.48 -8.33
N ASP B 32 -15.98 -4.15 -9.27
CA ASP B 32 -15.28 -5.13 -10.09
C ASP B 32 -14.01 -4.55 -10.69
N ASN B 33 -14.12 -3.39 -11.35
CA ASN B 33 -12.97 -2.70 -11.93
C ASN B 33 -11.99 -2.21 -10.88
N LYS B 34 -12.51 -1.60 -9.83
CA LYS B 34 -11.66 -0.99 -8.82
C LYS B 34 -10.89 -2.07 -8.06
N ALA B 35 -11.51 -3.23 -7.92
CA ALA B 35 -10.89 -4.37 -7.24
C ALA B 35 -9.73 -4.93 -8.06
N ILE B 36 -9.95 -5.12 -9.36
CA ILE B 36 -8.87 -5.50 -10.26
C ILE B 36 -7.73 -4.48 -10.24
N ILE B 37 -8.05 -3.22 -10.50
CA ILE B 37 -7.02 -2.19 -10.53
C ILE B 37 -6.26 -2.15 -9.19
N ALA B 38 -7.01 -2.15 -8.10
CA ALA B 38 -6.44 -2.13 -6.75
C ALA B 38 -5.50 -3.31 -6.46
N SER B 39 -5.91 -4.50 -6.87
CA SER B 39 -5.09 -5.69 -6.62
C SER B 39 -3.73 -5.56 -7.30
N ASN B 40 -3.75 -4.98 -8.50
CA ASN B 40 -2.58 -4.84 -9.34
C ASN B 40 -1.53 -3.85 -8.82
N ILE B 41 -1.99 -2.69 -8.41
CA ILE B 41 -1.14 -1.76 -7.71
C ILE B 41 -0.49 -2.50 -6.51
N MET B 42 -1.30 -3.25 -5.77
CA MET B 42 -0.76 -3.99 -4.63
C MET B 42 0.26 -5.05 -5.05
N TYR B 43 -0.03 -5.78 -6.12
CA TYR B 43 0.93 -6.75 -6.59
C TYR B 43 2.25 -6.05 -6.93
N ILE B 44 2.17 -4.96 -7.69
CA ILE B 44 3.33 -4.17 -8.08
C ILE B 44 4.16 -3.69 -6.89
N VAL B 45 3.56 -2.91 -6.02
CA VAL B 45 4.26 -2.49 -4.82
C VAL B 45 4.95 -3.69 -4.12
N GLY B 46 4.25 -4.81 -4.01
CA GLY B 46 4.78 -5.99 -3.32
C GLY B 46 6.09 -6.48 -3.93
N GLN B 47 6.25 -6.21 -5.23
CA GLN B 47 7.39 -6.69 -5.98
C GLN B 47 8.58 -5.76 -5.90
N TYR B 48 8.37 -4.57 -5.33
CA TYR B 48 9.43 -3.59 -5.26
C TYR B 48 9.78 -3.15 -3.84
N PRO B 49 10.20 -4.11 -2.99
CA PRO B 49 10.60 -3.75 -1.63
C PRO B 49 11.69 -2.68 -1.57
N ARG B 50 12.67 -2.74 -2.47
CA ARG B 50 13.80 -1.84 -2.41
C ARG B 50 13.33 -0.40 -2.43
N PHE B 51 12.41 -0.11 -3.36
CA PHE B 51 11.64 1.13 -3.38
C PHE B 51 11.01 1.45 -2.02
N LEU B 52 10.17 0.55 -1.52
CA LEU B 52 9.49 0.74 -0.24
C LEU B 52 10.49 1.02 0.85
N ARG B 53 11.53 0.19 0.89
CA ARG B 53 12.57 0.30 1.90
C ARG B 53 13.22 1.70 1.98
N ALA B 54 13.37 2.35 0.84
CA ALA B 54 14.01 3.66 0.82
C ALA B 54 13.02 4.79 1.10
N HIS B 55 11.72 4.50 1.08
CA HIS B 55 10.71 5.55 1.29
C HIS B 55 9.67 5.22 2.38
N TRP B 56 10.04 5.39 3.64
CA TRP B 56 9.16 5.02 4.78
C TRP B 56 7.73 5.58 4.74
N LYS B 57 7.61 6.88 4.47
CA LYS B 57 6.31 7.52 4.41
C LYS B 57 5.41 6.83 3.38
N PHE B 58 5.98 6.39 2.27
CA PHE B 58 5.18 5.65 1.31
C PHE B 58 4.88 4.21 1.80
N LEU B 59 5.91 3.53 2.31
CA LEU B 59 5.74 2.21 2.90
C LEU B 59 4.60 2.21 3.90
N LYS B 60 4.70 3.06 4.93
CA LYS B 60 3.65 3.17 5.95
C LYS B 60 2.23 3.37 5.37
N THR B 61 2.15 4.15 4.30
CA THR B 61 0.87 4.50 3.68
C THR B 61 0.29 3.29 2.96
N VAL B 62 1.15 2.54 2.30
CA VAL B 62 0.76 1.27 1.70
C VAL B 62 0.27 0.25 2.72
N VAL B 63 0.95 0.16 3.86
CA VAL B 63 0.59 -0.83 4.87
C VAL B 63 -0.73 -0.49 5.53
N ASN B 64 -0.84 0.75 6.00
CA ASN B 64 -2.13 1.25 6.48
C ASN B 64 -3.24 1.03 5.44
N LYS B 65 -2.91 1.19 4.16
CA LYS B 65 -3.92 1.02 3.11
C LYS B 65 -4.26 -0.45 2.95
N LEU B 66 -3.28 -1.30 3.19
CA LEU B 66 -3.47 -2.74 3.14
C LEU B 66 -4.38 -3.15 4.31
N PHE B 67 -4.23 -2.49 5.45
CA PHE B 67 -5.07 -2.77 6.61
C PHE B 67 -6.51 -2.39 6.32
N GLU B 68 -6.68 -1.27 5.62
CA GLU B 68 -8.03 -0.88 5.23
C GLU B 68 -8.69 -1.98 4.39
N PHE B 69 -8.02 -2.42 3.33
CA PHE B 69 -8.58 -3.41 2.44
C PHE B 69 -8.86 -4.78 3.12
N MET B 70 -8.40 -4.98 4.35
CA MET B 70 -8.66 -6.23 5.04
C MET B 70 -10.08 -6.24 5.56
N HIS B 71 -10.74 -5.11 5.38
CA HIS B 71 -12.16 -5.00 5.69
C HIS B 71 -13.01 -4.88 4.43
N GLU B 72 -12.34 -4.89 3.27
CA GLU B 72 -13.02 -4.84 1.98
C GLU B 72 -13.78 -6.13 1.74
N THR B 73 -15.05 -6.01 1.38
CA THR B 73 -15.87 -7.19 1.19
C THR B 73 -15.77 -7.76 -0.23
N HIS B 74 -15.36 -6.94 -1.19
CA HIS B 74 -15.35 -7.39 -2.58
C HIS B 74 -14.44 -8.60 -2.81
N ASP B 75 -15.01 -9.64 -3.43
CA ASP B 75 -14.36 -10.93 -3.58
C ASP B 75 -12.89 -10.83 -3.99
N GLY B 76 -12.00 -11.46 -3.21
CA GLY B 76 -10.59 -11.54 -3.55
C GLY B 76 -9.69 -10.50 -2.90
N VAL B 77 -10.20 -9.30 -2.71
CA VAL B 77 -9.41 -8.18 -2.19
C VAL B 77 -8.72 -8.52 -0.88
N GLN B 78 -9.47 -9.11 0.05
CA GLN B 78 -8.92 -9.47 1.35
C GLN B 78 -7.73 -10.43 1.25
N ASP B 79 -7.86 -11.41 0.37
CA ASP B 79 -6.75 -12.29 0.05
C ASP B 79 -5.57 -11.53 -0.55
N MET B 80 -5.84 -10.59 -1.44
CA MET B 80 -4.79 -9.74 -1.99
C MET B 80 -4.12 -8.95 -0.89
N ALA B 81 -4.92 -8.30 -0.06
CA ALA B 81 -4.41 -7.45 1.01
C ALA B 81 -3.46 -8.22 1.93
N CYS B 82 -3.84 -9.44 2.29
CA CYS B 82 -3.02 -10.21 3.22
C CYS B 82 -1.77 -10.76 2.55
N ASP B 83 -1.92 -11.22 1.31
CA ASP B 83 -0.80 -11.77 0.55
C ASP B 83 0.31 -10.75 0.35
N THR B 84 -0.06 -9.53 -0.03
CA THR B 84 0.85 -8.42 -0.19
C THR B 84 1.49 -8.08 1.14
N PHE B 85 0.69 -8.11 2.20
CA PHE B 85 1.17 -7.76 3.53
C PHE B 85 2.29 -8.69 3.97
N ILE B 86 2.24 -9.94 3.55
CA ILE B 86 3.24 -10.84 4.06
C ILE B 86 4.54 -10.65 3.29
N LYS B 87 4.42 -10.38 1.99
CA LYS B 87 5.59 -10.09 1.18
C LYS B 87 6.32 -8.91 1.80
N ILE B 88 5.56 -7.85 2.09
CA ILE B 88 6.10 -6.61 2.62
C ILE B 88 6.72 -6.78 4.01
N ALA B 89 6.05 -7.52 4.89
CA ALA B 89 6.59 -7.77 6.21
C ALA B 89 7.89 -8.58 6.16
N GLN B 90 7.98 -9.56 5.27
CA GLN B 90 9.25 -10.27 5.12
C GLN B 90 10.33 -9.29 4.64
N LYS B 91 10.21 -8.86 3.39
CA LYS B 91 11.17 -7.99 2.74
C LYS B 91 11.50 -6.66 3.46
N CYS B 92 10.60 -6.14 4.30
CA CYS B 92 10.86 -4.87 4.98
C CYS B 92 10.83 -4.96 6.49
N ARG B 93 11.09 -6.15 7.00
CA ARG B 93 10.95 -6.45 8.43
C ARG B 93 11.59 -5.43 9.40
N ARG B 94 12.76 -4.90 9.06
CA ARG B 94 13.48 -4.00 9.98
C ARG B 94 12.79 -2.65 10.15
N HIS B 95 12.15 -2.20 9.10
CA HIS B 95 11.55 -0.87 9.05
C HIS B 95 10.34 -0.76 9.96
N PHE B 96 9.96 -1.88 10.56
CA PHE B 96 8.76 -1.93 11.41
C PHE B 96 9.16 -1.98 12.87
N VAL B 97 10.42 -2.32 13.11
CA VAL B 97 10.95 -2.50 14.45
C VAL B 97 11.86 -1.32 14.86
N GLN B 98 12.41 -0.64 13.87
CA GLN B 98 13.21 0.54 14.19
C GLN B 98 12.43 1.84 13.94
N VAL B 99 12.60 2.80 14.85
CA VAL B 99 11.93 4.09 14.73
C VAL B 99 12.37 4.74 13.45
N GLN B 100 11.41 5.08 12.59
CA GLN B 100 11.70 5.68 11.29
C GLN B 100 11.66 7.20 11.40
N VAL B 101 12.14 7.89 10.38
CA VAL B 101 12.23 9.36 10.47
C VAL B 101 10.85 10.04 10.38
N GLY B 102 10.58 10.91 11.34
CA GLY B 102 9.29 11.55 11.43
C GLY B 102 8.34 10.79 12.33
N GLU B 103 8.84 9.76 13.00
CA GLU B 103 8.00 9.05 13.96
C GLU B 103 8.72 8.87 15.28
N VAL B 104 7.93 8.66 16.33
CA VAL B 104 8.43 8.58 17.68
C VAL B 104 8.50 7.13 18.19
N MET B 105 7.70 6.25 17.59
CA MET B 105 7.59 4.88 18.09
C MET B 105 7.59 3.85 16.97
N PRO B 106 8.24 2.71 17.20
CA PRO B 106 8.29 1.65 16.18
C PRO B 106 6.89 1.28 15.67
N PHE B 107 6.71 1.22 14.35
CA PHE B 107 5.40 1.00 13.75
C PHE B 107 4.75 -0.31 14.25
N ILE B 108 5.57 -1.32 14.56
CA ILE B 108 5.07 -2.58 15.08
C ILE B 108 4.11 -2.34 16.26
N ASP B 109 4.51 -1.45 17.16
CA ASP B 109 3.72 -1.05 18.31
C ASP B 109 2.29 -0.68 17.94
N GLU B 110 2.13 0.22 16.97
CA GLU B 110 0.79 0.62 16.55
C GLU B 110 0.02 -0.58 16.05
N ILE B 111 0.72 -1.48 15.36
CA ILE B 111 0.07 -2.69 14.86
C ILE B 111 -0.45 -3.59 16.01
N LEU B 112 0.42 -3.84 16.99
CA LEU B 112 0.09 -4.71 18.12
C LEU B 112 -1.05 -4.19 18.97
N ASN B 113 -1.20 -2.87 19.03
CA ASN B 113 -2.26 -2.26 19.81
C ASN B 113 -3.64 -2.25 19.14
N ASN B 114 -3.71 -2.84 17.96
CA ASN B 114 -4.90 -2.82 17.13
C ASN B 114 -5.14 -4.12 16.38
N ILE B 115 -4.47 -5.18 16.79
CA ILE B 115 -4.61 -6.44 16.06
C ILE B 115 -6.08 -6.72 15.79
N ASN B 116 -6.90 -6.58 16.83
CA ASN B 116 -8.30 -6.90 16.69
C ASN B 116 -9.04 -6.03 15.68
N THR B 117 -8.92 -4.72 15.82
CA THR B 117 -9.59 -3.83 14.88
C THR B 117 -9.18 -4.15 13.45
N ILE B 118 -7.94 -4.60 13.24
CA ILE B 118 -7.46 -4.90 11.90
C ILE B 118 -7.93 -6.24 11.33
N ILE B 119 -7.90 -7.30 12.14
CA ILE B 119 -8.28 -8.61 11.60
C ILE B 119 -9.78 -8.93 11.67
N CYS B 120 -10.53 -8.04 12.32
CA CYS B 120 -12.00 -8.17 12.51
C CYS B 120 -12.73 -9.09 11.56
N ASP B 121 -12.58 -8.76 10.27
CA ASP B 121 -13.43 -9.28 9.22
C ASP B 121 -12.76 -10.43 8.50
N LEU B 122 -11.49 -10.67 8.82
CA LEU B 122 -10.70 -11.66 8.10
C LEU B 122 -11.14 -13.10 8.42
N GLN B 123 -11.04 -13.99 7.44
CA GLN B 123 -11.33 -15.42 7.66
C GLN B 123 -10.15 -16.04 8.38
N PRO B 124 -10.35 -17.21 8.99
CA PRO B 124 -9.28 -17.88 9.73
C PRO B 124 -7.93 -17.98 9.02
N GLN B 125 -7.96 -18.33 7.75
CA GLN B 125 -6.72 -18.55 7.02
C GLN B 125 -5.96 -17.24 6.87
N GLN B 126 -6.70 -16.18 6.54
CA GLN B 126 -6.12 -14.85 6.39
C GLN B 126 -5.54 -14.36 7.71
N VAL B 127 -6.23 -14.66 8.81
CA VAL B 127 -5.72 -14.29 10.13
C VAL B 127 -4.35 -14.94 10.38
N GLY A 1 18.56 9.45 -5.90
CA GLY A 1 18.62 10.20 -7.19
C GLY A 1 18.96 11.66 -7.01
N SER A 2 18.01 12.54 -7.32
CA SER A 2 18.21 13.97 -7.18
C SER A 2 16.91 14.68 -6.82
N ALA A 3 16.90 15.33 -5.67
CA ALA A 3 15.72 16.05 -5.19
C ALA A 3 14.52 15.12 -5.12
N SER A 4 14.45 14.31 -4.07
CA SER A 4 13.34 13.38 -3.88
C SER A 4 12.30 13.97 -2.92
N GLY A 5 12.29 15.29 -2.80
CA GLY A 5 11.34 15.95 -1.93
C GLY A 5 10.00 16.20 -2.60
N ASN A 6 9.47 15.18 -3.25
CA ASN A 6 8.19 15.29 -3.94
C ASN A 6 7.33 14.05 -3.71
N LEU A 7 7.92 13.02 -3.11
CA LEU A 7 7.22 11.77 -2.84
C LEU A 7 6.01 12.02 -1.93
N ASN A 8 6.03 13.15 -1.23
CA ASN A 8 4.95 13.51 -0.31
C ASN A 8 3.61 13.58 -1.05
N GLU A 9 3.62 14.18 -2.24
CA GLU A 9 2.41 14.30 -3.03
C GLU A 9 1.91 12.94 -3.50
N LEU A 10 2.81 11.96 -3.51
CA LEU A 10 2.46 10.61 -3.93
C LEU A 10 1.74 9.87 -2.82
N ALA A 11 2.04 10.24 -1.57
CA ALA A 11 1.42 9.61 -0.41
C ALA A 11 -0.05 9.96 -0.30
N LEU A 12 -0.39 11.19 -0.67
CA LEU A 12 -1.78 11.65 -0.62
C LEU A 12 -2.62 11.02 -1.72
N LYS A 13 -1.95 10.34 -2.65
CA LYS A 13 -2.66 9.71 -3.76
C LYS A 13 -3.26 8.36 -3.34
N LEU A 14 -2.44 7.52 -2.72
CA LEU A 14 -2.90 6.21 -2.26
C LEU A 14 -3.67 6.33 -0.95
N ALA A 15 -3.42 7.39 -0.21
CA ALA A 15 -4.09 7.63 1.07
C ALA A 15 -5.60 7.78 0.88
N GLY A 16 -6.01 8.00 -0.36
CA GLY A 16 -7.43 8.16 -0.65
C GLY A 16 -7.90 7.23 -1.75
N LEU A 17 -7.39 6.00 -1.75
CA LEU A 17 -7.77 5.02 -2.75
C LEU A 17 -9.20 4.54 -2.53
N ASP A 18 -10.06 4.75 -3.53
CA ASP A 18 -11.45 4.35 -3.44
C ASP A 18 -11.70 3.01 -4.12
N ILE A 19 -12.89 2.46 -3.90
CA ILE A 19 -13.27 1.18 -4.48
C ILE A 19 -14.77 0.96 -4.32
N ASN A 20 -15.32 1.44 -3.21
CA ASN A 20 -16.75 1.30 -2.93
C ASN A 20 -17.43 2.67 -2.89
N LYS A 21 -16.77 3.66 -3.49
CA LYS A 21 -17.29 5.03 -3.55
C LYS A 21 -17.49 5.60 -2.14
N THR A 22 -17.81 6.88 -2.07
CA THR A 22 -18.03 7.55 -0.80
C THR A 22 -19.31 8.39 -0.82
N GLU A 23 -19.51 9.11 -1.92
CA GLU A 23 -20.70 9.95 -2.08
C GLU A 23 -20.84 10.42 -3.52
N GLY A 24 -19.77 10.27 -4.30
CA GLY A 24 -19.80 10.68 -5.69
C GLY A 24 -19.41 12.13 -5.87
N GLU A 25 -18.58 12.39 -6.88
CA GLU A 25 -18.13 13.76 -7.18
C GLU A 25 -17.45 14.38 -5.97
N GLU A 26 -16.13 14.18 -5.87
CA GLU A 26 -15.36 14.73 -4.77
C GLU A 26 -15.00 16.19 -5.02
N CYS A 27 -15.69 17.10 -4.35
CA CYS A 27 -15.44 18.53 -4.51
C CYS A 27 -14.31 18.99 -3.60
N ILE B 1 10.18 -7.57 -13.76
CA ILE B 1 11.52 -7.04 -14.03
C ILE B 1 12.12 -6.32 -12.83
N SER B 2 11.49 -6.49 -11.67
CA SER B 2 12.03 -5.96 -10.41
C SER B 2 13.50 -6.30 -10.20
N GLY B 3 14.35 -5.28 -10.10
CA GLY B 3 15.77 -5.50 -9.91
C GLY B 3 16.57 -5.53 -11.21
N ALA B 4 15.91 -5.34 -12.35
CA ALA B 4 16.62 -5.29 -13.64
C ALA B 4 16.99 -3.85 -14.05
N MET B 5 16.49 -2.87 -13.30
CA MET B 5 16.84 -1.47 -13.48
C MET B 5 17.63 -0.91 -12.30
N HIS B 6 18.34 0.20 -12.55
CA HIS B 6 19.07 0.93 -11.51
C HIS B 6 18.07 1.60 -10.57
N GLU B 7 18.30 1.48 -9.25
CA GLU B 7 17.36 1.94 -8.24
C GLU B 7 16.72 3.29 -8.58
N GLU B 8 17.52 4.15 -9.19
CA GLU B 8 17.12 5.52 -9.52
C GLU B 8 16.13 5.56 -10.69
N ASP B 9 16.40 4.76 -11.71
CA ASP B 9 15.43 4.58 -12.80
C ASP B 9 14.16 3.90 -12.29
N GLU B 10 14.36 2.93 -11.40
CA GLU B 10 13.27 2.22 -10.77
C GLU B 10 12.29 3.19 -10.11
N LYS B 11 12.82 4.12 -9.33
CA LYS B 11 11.99 5.11 -8.64
C LYS B 11 11.10 5.87 -9.60
N ARG B 12 11.72 6.52 -10.59
CA ARG B 12 11.03 7.35 -11.58
C ARG B 12 9.96 6.56 -12.30
N PHE B 13 10.27 5.30 -12.53
CA PHE B 13 9.41 4.45 -13.33
C PHE B 13 8.18 4.02 -12.52
N LEU B 14 8.42 3.60 -11.28
CA LEU B 14 7.36 3.22 -10.37
C LEU B 14 6.48 4.38 -9.98
N VAL B 15 7.04 5.59 -9.89
CA VAL B 15 6.20 6.72 -9.55
C VAL B 15 5.22 6.98 -10.68
N THR B 16 5.67 6.76 -11.91
CA THR B 16 4.83 6.94 -13.09
C THR B 16 3.78 5.82 -13.23
N VAL B 17 4.16 4.61 -12.88
CA VAL B 17 3.29 3.46 -13.08
C VAL B 17 2.10 3.48 -12.13
N ILE B 18 2.36 3.83 -10.88
CA ILE B 18 1.32 3.78 -9.86
C ILE B 18 0.53 5.07 -9.67
N LYS B 19 1.12 6.21 -10.02
CA LYS B 19 0.41 7.49 -10.02
C LYS B 19 -0.75 7.40 -11.00
N ASP B 20 -0.52 6.69 -12.09
CA ASP B 20 -1.55 6.58 -13.11
C ASP B 20 -2.49 5.37 -12.96
N LEU B 21 -2.06 4.33 -12.25
CA LEU B 21 -2.97 3.23 -11.85
C LEU B 21 -3.94 3.75 -10.80
N LEU B 22 -3.42 4.47 -9.81
CA LEU B 22 -4.24 5.19 -8.87
C LEU B 22 -5.25 6.10 -9.61
N GLY B 23 -4.78 6.82 -10.61
CA GLY B 23 -5.63 7.72 -11.35
C GLY B 23 -6.69 6.96 -12.13
N LEU B 24 -6.28 5.83 -12.71
CA LEU B 24 -7.21 4.95 -13.41
C LEU B 24 -8.25 4.35 -12.45
N CYS B 25 -7.82 4.07 -11.22
CA CYS B 25 -8.68 3.41 -10.27
C CYS B 25 -9.87 4.29 -9.93
N GLU B 26 -9.59 5.55 -9.65
CA GLU B 26 -10.63 6.54 -9.43
C GLU B 26 -11.51 6.76 -10.68
N GLN B 27 -10.93 6.55 -11.86
CA GLN B 27 -11.63 6.75 -13.13
C GLN B 27 -12.70 5.70 -13.41
N LYS B 28 -12.29 4.44 -13.38
CA LYS B 28 -13.18 3.34 -13.69
C LYS B 28 -14.25 3.17 -12.60
N ARG B 29 -15.48 2.93 -13.02
CA ARG B 29 -16.56 2.72 -12.09
C ARG B 29 -16.79 1.23 -11.87
N GLY B 30 -17.46 0.91 -10.76
CA GLY B 30 -17.75 -0.47 -10.43
C GLY B 30 -16.65 -1.16 -9.65
N LYS B 31 -17.00 -1.62 -8.45
CA LYS B 31 -16.08 -2.36 -7.59
C LYS B 31 -15.32 -3.47 -8.33
N ASP B 32 -15.98 -4.15 -9.27
CA ASP B 32 -15.28 -5.13 -10.09
C ASP B 32 -14.01 -4.55 -10.69
N ASN B 33 -14.12 -3.39 -11.35
CA ASN B 33 -12.97 -2.70 -11.93
C ASN B 33 -11.99 -2.21 -10.88
N LYS B 34 -12.51 -1.60 -9.83
CA LYS B 34 -11.66 -0.99 -8.82
C LYS B 34 -10.89 -2.06 -8.07
N ALA B 35 -11.51 -3.23 -7.92
CA ALA B 35 -10.89 -4.37 -7.24
C ALA B 35 -9.73 -4.93 -8.06
N ILE B 36 -9.95 -5.12 -9.36
CA ILE B 36 -8.87 -5.50 -10.26
C ILE B 36 -7.73 -4.48 -10.24
N ILE B 37 -8.05 -3.22 -10.50
CA ILE B 37 -7.02 -2.19 -10.53
C ILE B 37 -6.26 -2.15 -9.19
N ALA B 38 -7.01 -2.15 -8.10
CA ALA B 38 -6.44 -2.13 -6.75
C ALA B 38 -5.50 -3.31 -6.46
N SER B 39 -5.91 -4.50 -6.87
CA SER B 39 -5.09 -5.69 -6.62
C SER B 39 -3.73 -5.56 -7.30
N ASN B 40 -3.75 -4.98 -8.50
CA ASN B 40 -2.58 -4.84 -9.34
C ASN B 40 -1.53 -3.85 -8.82
N ILE B 41 -1.99 -2.69 -8.41
CA ILE B 41 -1.14 -1.76 -7.71
C ILE B 41 -0.49 -2.50 -6.51
N MET B 42 -1.30 -3.25 -5.77
CA MET B 42 -0.76 -3.98 -4.63
C MET B 42 0.26 -5.05 -5.05
N TYR B 43 -0.03 -5.78 -6.12
CA TYR B 43 0.93 -6.75 -6.59
C TYR B 43 2.25 -6.05 -6.93
N ILE B 44 2.17 -4.96 -7.69
CA ILE B 44 3.33 -4.17 -8.08
C ILE B 44 4.16 -3.69 -6.89
N VAL B 45 3.56 -2.91 -6.02
CA VAL B 45 4.26 -2.49 -4.82
C VAL B 45 4.95 -3.69 -4.12
N GLY B 46 4.25 -4.81 -4.01
CA GLY B 46 4.78 -5.99 -3.32
C GLY B 46 6.09 -6.48 -3.93
N GLN B 47 6.25 -6.21 -5.23
CA GLN B 47 7.39 -6.69 -5.98
C GLN B 47 8.58 -5.76 -5.90
N TYR B 48 8.37 -4.57 -5.33
CA TYR B 48 9.43 -3.59 -5.26
C TYR B 48 9.78 -3.15 -3.84
N PRO B 49 10.20 -4.11 -2.99
CA PRO B 49 10.60 -3.75 -1.63
C PRO B 49 11.69 -2.68 -1.57
N ARG B 50 12.67 -2.74 -2.47
CA ARG B 50 13.80 -1.84 -2.41
C ARG B 50 13.33 -0.40 -2.43
N PHE B 51 12.41 -0.11 -3.36
CA PHE B 51 11.64 1.13 -3.38
C PHE B 51 11.02 1.46 -2.02
N LEU B 52 10.17 0.55 -1.52
CA LEU B 52 9.49 0.74 -0.24
C LEU B 52 10.49 1.02 0.85
N ARG B 53 11.53 0.19 0.90
CA ARG B 53 12.57 0.30 1.90
C ARG B 53 13.22 1.70 1.98
N ALA B 54 13.37 2.35 0.84
CA ALA B 54 14.01 3.66 0.82
C ALA B 54 13.02 4.79 1.10
N HIS B 55 11.72 4.50 1.08
CA HIS B 55 10.71 5.55 1.29
C HIS B 55 9.67 5.22 2.38
N TRP B 56 10.04 5.39 3.64
CA TRP B 56 9.16 5.02 4.78
C TRP B 56 7.73 5.58 4.74
N LYS B 57 7.61 6.88 4.47
CA LYS B 57 6.30 7.52 4.41
C LYS B 57 5.41 6.83 3.38
N PHE B 58 5.98 6.39 2.27
CA PHE B 58 5.17 5.64 1.31
C PHE B 58 4.88 4.21 1.80
N LEU B 59 5.90 3.53 2.31
CA LEU B 59 5.74 2.21 2.90
C LEU B 59 4.60 2.21 3.90
N LYS B 60 4.70 3.06 4.93
CA LYS B 60 3.65 3.18 5.94
C LYS B 60 2.23 3.37 5.37
N THR B 61 2.15 4.15 4.30
CA THR B 61 0.87 4.50 3.68
C THR B 61 0.29 3.29 2.95
N VAL B 62 1.15 2.54 2.30
CA VAL B 62 0.76 1.27 1.70
C VAL B 62 0.27 0.25 2.72
N VAL B 63 0.95 0.16 3.86
CA VAL B 63 0.59 -0.83 4.87
C VAL B 63 -0.73 -0.49 5.53
N ASN B 64 -0.84 0.75 6.00
CA ASN B 64 -2.13 1.25 6.48
C ASN B 64 -3.24 1.03 5.44
N LYS B 65 -2.91 1.19 4.16
CA LYS B 65 -3.92 1.02 3.11
C LYS B 65 -4.26 -0.45 2.95
N LEU B 66 -3.28 -1.30 3.19
CA LEU B 66 -3.47 -2.74 3.14
C LEU B 66 -4.38 -3.15 4.31
N PHE B 67 -4.23 -2.49 5.45
CA PHE B 67 -5.07 -2.77 6.61
C PHE B 67 -6.50 -2.39 6.32
N GLU B 68 -6.68 -1.27 5.62
CA GLU B 68 -8.03 -0.88 5.23
C GLU B 68 -8.69 -1.98 4.39
N PHE B 69 -8.02 -2.42 3.33
CA PHE B 69 -8.58 -3.41 2.44
C PHE B 69 -8.86 -4.78 3.12
N MET B 70 -8.40 -4.98 4.35
CA MET B 70 -8.66 -6.23 5.04
C MET B 70 -10.08 -6.24 5.56
N HIS B 71 -10.74 -5.11 5.38
CA HIS B 71 -12.16 -5.00 5.69
C HIS B 71 -13.01 -4.88 4.43
N GLU B 72 -12.34 -4.89 3.27
CA GLU B 72 -13.02 -4.84 1.98
C GLU B 72 -13.78 -6.13 1.74
N THR B 73 -15.05 -6.01 1.38
CA THR B 73 -15.87 -7.19 1.19
C THR B 73 -15.77 -7.76 -0.23
N HIS B 74 -15.36 -6.94 -1.19
CA HIS B 74 -15.35 -7.39 -2.58
C HIS B 74 -14.44 -8.60 -2.81
N ASP B 75 -15.01 -9.64 -3.43
CA ASP B 75 -14.36 -10.94 -3.57
C ASP B 75 -12.89 -10.83 -3.99
N GLY B 76 -12.00 -11.46 -3.21
CA GLY B 76 -10.59 -11.54 -3.55
C GLY B 76 -9.69 -10.50 -2.90
N VAL B 77 -10.20 -9.30 -2.71
CA VAL B 77 -9.41 -8.19 -2.20
C VAL B 77 -8.73 -8.51 -0.87
N GLN B 78 -9.47 -9.11 0.06
CA GLN B 78 -8.92 -9.46 1.36
C GLN B 78 -7.73 -10.43 1.25
N ASP B 79 -7.86 -11.41 0.37
CA ASP B 79 -6.75 -12.29 0.05
C ASP B 79 -5.57 -11.53 -0.55
N MET B 80 -5.84 -10.59 -1.44
CA MET B 80 -4.79 -9.74 -1.99
C MET B 80 -4.12 -8.95 -0.89
N ALA B 81 -4.93 -8.30 -0.05
CA ALA B 81 -4.40 -7.45 1.01
C ALA B 81 -3.46 -8.22 1.93
N CYS B 82 -3.84 -9.44 2.29
CA CYS B 82 -3.02 -10.21 3.22
C CYS B 82 -1.77 -10.76 2.55
N ASP B 83 -1.92 -11.22 1.31
CA ASP B 83 -0.80 -11.77 0.55
C ASP B 83 0.31 -10.75 0.35
N THR B 84 -0.06 -9.53 -0.03
CA THR B 84 0.85 -8.42 -0.19
C THR B 84 1.49 -8.08 1.14
N PHE B 85 0.69 -8.11 2.20
CA PHE B 85 1.17 -7.76 3.53
C PHE B 85 2.29 -8.69 3.97
N ILE B 86 2.24 -9.94 3.55
CA ILE B 86 3.24 -10.84 4.06
C ILE B 86 4.54 -10.65 3.29
N LYS B 87 4.43 -10.38 2.00
CA LYS B 87 5.59 -10.09 1.18
C LYS B 87 6.32 -8.91 1.80
N ILE B 88 5.57 -7.86 2.08
CA ILE B 88 6.10 -6.61 2.62
C ILE B 88 6.72 -6.78 4.01
N ALA B 89 6.05 -7.52 4.89
CA ALA B 89 6.59 -7.77 6.21
C ALA B 89 7.89 -8.58 6.16
N GLN B 90 7.98 -9.56 5.27
CA GLN B 90 9.25 -10.27 5.12
C GLN B 90 10.33 -9.29 4.64
N LYS B 91 10.21 -8.86 3.39
CA LYS B 91 11.17 -7.99 2.74
C LYS B 91 11.50 -6.66 3.46
N CYS B 92 10.60 -6.14 4.30
CA CYS B 92 10.86 -4.87 4.98
C CYS B 92 10.83 -4.96 6.49
N ARG B 93 11.09 -6.15 7.00
CA ARG B 93 10.95 -6.45 8.43
C ARG B 93 11.59 -5.43 9.40
N ARG B 94 12.76 -4.90 9.06
CA ARG B 94 13.48 -4.00 9.98
C ARG B 94 12.79 -2.66 10.16
N HIS B 95 12.15 -2.20 9.10
CA HIS B 95 11.55 -0.87 9.05
C HIS B 95 10.34 -0.76 9.96
N PHE B 96 9.96 -1.88 10.56
CA PHE B 96 8.76 -1.93 11.41
C PHE B 96 9.16 -1.98 12.87
N VAL B 97 10.42 -2.32 13.11
CA VAL B 97 10.95 -2.50 14.45
C VAL B 97 11.86 -1.32 14.85
N GLN B 98 12.41 -0.64 13.87
CA GLN B 98 13.21 0.54 14.19
C GLN B 98 12.43 1.84 13.94
N VAL B 99 12.60 2.80 14.85
CA VAL B 99 11.93 4.09 14.73
C VAL B 99 12.37 4.74 13.45
N GLN B 100 11.41 5.08 12.59
CA GLN B 100 11.70 5.68 11.29
C GLN B 100 11.66 7.20 11.40
N VAL B 101 12.14 7.89 10.38
CA VAL B 101 12.23 9.36 10.47
C VAL B 101 10.85 10.04 10.38
N GLY B 102 10.58 10.91 11.34
CA GLY B 102 9.29 11.55 11.43
C GLY B 102 8.34 10.79 12.33
N GLU B 103 8.84 9.76 13.00
CA GLU B 103 8.00 9.05 13.96
C GLU B 103 8.72 8.87 15.28
N VAL B 104 7.93 8.66 16.33
CA VAL B 104 8.43 8.58 17.68
C VAL B 104 8.50 7.13 18.19
N MET B 105 7.70 6.25 17.59
CA MET B 105 7.59 4.88 18.09
C MET B 105 7.59 3.85 16.97
N PRO B 106 8.24 2.71 17.20
CA PRO B 106 8.29 1.65 16.18
C PRO B 106 6.89 1.28 15.67
N PHE B 107 6.71 1.22 14.35
CA PHE B 107 5.40 1.00 13.75
C PHE B 107 4.75 -0.31 14.25
N ILE B 108 5.57 -1.31 14.56
CA ILE B 108 5.07 -2.58 15.08
C ILE B 108 4.11 -2.34 16.26
N ASP B 109 4.51 -1.45 17.16
CA ASP B 109 3.71 -1.05 18.30
C ASP B 109 2.29 -0.68 17.94
N GLU B 110 2.13 0.22 16.97
CA GLU B 110 0.79 0.62 16.55
C GLU B 110 0.02 -0.58 16.05
N ILE B 111 0.72 -1.48 15.36
CA ILE B 111 0.07 -2.69 14.86
C ILE B 111 -0.45 -3.59 16.01
N LEU B 112 0.42 -3.84 16.99
CA LEU B 112 0.09 -4.71 18.12
C LEU B 112 -1.05 -4.19 18.97
N ASN B 113 -1.20 -2.87 19.03
CA ASN B 113 -2.26 -2.26 19.81
C ASN B 113 -3.64 -2.25 19.14
N ASN B 114 -3.71 -2.84 17.96
CA ASN B 114 -4.90 -2.82 17.13
C ASN B 114 -5.14 -4.12 16.38
N ILE B 115 -4.47 -5.18 16.79
CA ILE B 115 -4.61 -6.44 16.06
C ILE B 115 -6.08 -6.72 15.79
N ASN B 116 -6.90 -6.58 16.83
CA ASN B 116 -8.30 -6.90 16.69
C ASN B 116 -9.04 -6.03 15.68
N THR B 117 -8.92 -4.72 15.82
CA THR B 117 -9.59 -3.83 14.88
C THR B 117 -9.18 -4.14 13.45
N ILE B 118 -7.94 -4.60 13.24
CA ILE B 118 -7.46 -4.90 11.90
C ILE B 118 -7.93 -6.24 11.33
N ILE B 119 -7.90 -7.30 12.14
CA ILE B 119 -8.28 -8.61 11.60
C ILE B 119 -9.78 -8.93 11.67
N CYS B 120 -10.53 -8.04 12.32
CA CYS B 120 -12.00 -8.17 12.50
C CYS B 120 -12.73 -9.09 11.56
N ASP B 121 -12.58 -8.76 10.27
CA ASP B 121 -13.43 -9.28 9.22
C ASP B 121 -12.76 -10.43 8.50
N LEU B 122 -11.49 -10.67 8.82
CA LEU B 122 -10.70 -11.65 8.09
C LEU B 122 -11.14 -13.10 8.42
N GLN B 123 -11.04 -13.99 7.44
CA GLN B 123 -11.33 -15.42 7.66
C GLN B 123 -10.15 -16.04 8.38
N PRO B 124 -10.35 -17.21 8.99
CA PRO B 124 -9.28 -17.88 9.73
C PRO B 124 -7.93 -17.98 9.02
N GLN B 125 -7.96 -18.33 7.75
CA GLN B 125 -6.73 -18.56 7.02
C GLN B 125 -5.96 -17.24 6.87
N GLN B 126 -6.70 -16.18 6.54
CA GLN B 126 -6.12 -14.85 6.39
C GLN B 126 -5.54 -14.36 7.71
N VAL B 127 -6.23 -14.66 8.81
CA VAL B 127 -5.72 -14.29 10.13
C VAL B 127 -4.35 -14.94 10.38
N GLY A 1 16.85 14.59 -13.64
CA GLY A 1 15.96 13.98 -12.61
C GLY A 1 16.10 14.65 -11.26
N SER A 2 15.54 15.85 -11.12
CA SER A 2 15.61 16.58 -9.86
C SER A 2 14.40 16.29 -8.99
N ALA A 3 14.66 15.91 -7.74
CA ALA A 3 13.58 15.60 -6.80
C ALA A 3 14.08 15.66 -5.37
N SER A 4 14.05 16.85 -4.77
CA SER A 4 14.49 17.05 -3.40
C SER A 4 13.34 16.88 -2.42
N GLY A 5 12.21 16.38 -2.91
CA GLY A 5 11.05 16.18 -2.07
C GLY A 5 9.75 16.24 -2.84
N ASN A 6 9.58 15.29 -3.77
CA ASN A 6 8.37 15.24 -4.59
C ASN A 6 7.59 13.96 -4.29
N LEU A 7 8.19 13.05 -3.54
CA LEU A 7 7.56 11.79 -3.17
C LEU A 7 6.43 12.02 -2.17
N ASN A 8 6.45 13.18 -1.52
CA ASN A 8 5.44 13.52 -0.53
C ASN A 8 4.06 13.67 -1.18
N GLU A 9 4.04 14.16 -2.42
CA GLU A 9 2.78 14.36 -3.14
C GLU A 9 2.27 13.04 -3.72
N LEU A 10 3.16 12.06 -3.83
CA LEU A 10 2.78 10.75 -4.38
C LEU A 10 2.00 9.94 -3.35
N ALA A 11 2.38 10.08 -2.09
CA ALA A 11 1.72 9.35 -1.01
C ALA A 11 0.32 9.89 -0.75
N LEU A 12 0.17 11.20 -0.78
CA LEU A 12 -1.12 11.85 -0.54
C LEU A 12 -2.14 11.43 -1.60
N LYS A 13 -1.65 10.98 -2.76
CA LYS A 13 -2.52 10.57 -3.84
C LYS A 13 -3.08 9.17 -3.60
N LEU A 14 -2.34 8.36 -2.85
CA LEU A 14 -2.76 7.00 -2.53
C LEU A 14 -4.04 6.99 -1.71
N ALA A 15 -4.34 8.13 -1.09
CA ALA A 15 -5.54 8.26 -0.26
C ALA A 15 -6.80 7.95 -1.06
N GLY A 16 -6.73 8.18 -2.37
CA GLY A 16 -7.88 7.90 -3.22
C GLY A 16 -7.94 6.46 -3.68
N LEU A 17 -8.60 5.62 -2.87
CA LEU A 17 -8.73 4.20 -3.20
C LEU A 17 -9.89 3.58 -2.42
N ASP A 18 -11.06 3.53 -3.07
CA ASP A 18 -12.24 2.98 -2.44
C ASP A 18 -12.92 1.96 -3.36
N ILE A 19 -13.42 0.88 -2.78
CA ILE A 19 -14.10 -0.15 -3.56
C ILE A 19 -15.38 -0.60 -2.87
N ASN A 20 -16.36 0.30 -2.83
CA ASN A 20 -17.65 0.01 -2.20
C ASN A 20 -18.81 0.45 -3.08
N LYS A 21 -19.91 -0.29 -3.02
CA LYS A 21 -21.10 0.02 -3.81
C LYS A 21 -22.35 -0.47 -3.09
N THR A 22 -22.90 0.39 -2.23
CA THR A 22 -24.11 0.06 -1.47
C THR A 22 -23.93 -1.25 -0.69
N GLU A 23 -25.01 -1.67 -0.02
CA GLU A 23 -25.00 -2.90 0.78
C GLU A 23 -23.66 -3.11 1.49
N GLY A 24 -23.38 -2.26 2.47
CA GLY A 24 -22.13 -2.35 3.20
C GLY A 24 -22.31 -2.94 4.60
N GLU A 25 -22.80 -2.12 5.52
CA GLU A 25 -23.02 -2.56 6.90
C GLU A 25 -24.27 -3.42 6.99
N GLU A 26 -25.00 -3.53 5.88
CA GLU A 26 -26.21 -4.33 5.83
C GLU A 26 -25.94 -5.71 5.27
N CYS A 27 -25.44 -5.75 4.04
CA CYS A 27 -25.14 -7.02 3.37
C CYS A 27 -26.37 -7.91 3.29
N ILE B 1 10.18 -7.57 -13.76
CA ILE B 1 11.52 -7.04 -14.03
C ILE B 1 12.12 -6.32 -12.83
N SER B 2 11.49 -6.49 -11.67
CA SER B 2 12.03 -5.96 -10.41
C SER B 2 13.50 -6.30 -10.20
N GLY B 3 14.35 -5.28 -10.10
CA GLY B 3 15.77 -5.50 -9.91
C GLY B 3 16.57 -5.53 -11.21
N ALA B 4 15.91 -5.34 -12.35
CA ALA B 4 16.62 -5.29 -13.64
C ALA B 4 16.99 -3.85 -14.05
N MET B 5 16.49 -2.87 -13.30
CA MET B 5 16.84 -1.46 -13.48
C MET B 5 17.63 -0.91 -12.30
N HIS B 6 18.34 0.20 -12.55
CA HIS B 6 19.07 0.93 -11.51
C HIS B 6 18.07 1.60 -10.57
N GLU B 7 18.30 1.48 -9.25
CA GLU B 7 17.36 1.94 -8.25
C GLU B 7 16.72 3.30 -8.58
N GLU B 8 17.52 4.15 -9.19
CA GLU B 8 17.12 5.52 -9.52
C GLU B 8 16.13 5.56 -10.69
N ASP B 9 16.40 4.76 -11.71
CA ASP B 9 15.43 4.58 -12.80
C ASP B 9 14.16 3.90 -12.29
N GLU B 10 14.36 2.93 -11.40
CA GLU B 10 13.27 2.22 -10.77
C GLU B 10 12.29 3.19 -10.11
N LYS B 11 12.82 4.13 -9.34
CA LYS B 11 11.99 5.11 -8.64
C LYS B 11 11.10 5.87 -9.60
N ARG B 12 11.72 6.52 -10.59
CA ARG B 12 11.03 7.35 -11.58
C ARG B 12 9.96 6.56 -12.30
N PHE B 13 10.27 5.30 -12.53
CA PHE B 13 9.41 4.45 -13.33
C PHE B 13 8.18 4.02 -12.52
N LEU B 14 8.42 3.60 -11.28
CA LEU B 14 7.36 3.22 -10.37
C LEU B 14 6.48 4.38 -9.98
N VAL B 15 7.04 5.59 -9.89
CA VAL B 15 6.20 6.72 -9.55
C VAL B 15 5.22 6.98 -10.68
N THR B 16 5.67 6.76 -11.91
CA THR B 16 4.83 6.94 -13.09
C THR B 16 3.78 5.82 -13.23
N VAL B 17 4.16 4.61 -12.88
CA VAL B 17 3.29 3.46 -13.08
C VAL B 17 2.10 3.48 -12.13
N ILE B 18 2.36 3.83 -10.88
CA ILE B 18 1.32 3.78 -9.86
C ILE B 18 0.53 5.07 -9.67
N LYS B 19 1.12 6.21 -10.02
CA LYS B 19 0.41 7.49 -10.02
C LYS B 19 -0.75 7.40 -11.00
N ASP B 20 -0.52 6.68 -12.08
CA ASP B 20 -1.55 6.58 -13.11
C ASP B 20 -2.49 5.37 -12.96
N LEU B 21 -2.06 4.33 -12.25
CA LEU B 21 -2.97 3.23 -11.85
C LEU B 21 -3.94 3.75 -10.80
N LEU B 22 -3.42 4.47 -9.81
CA LEU B 22 -4.24 5.19 -8.87
C LEU B 22 -5.25 6.10 -9.61
N GLY B 23 -4.78 6.82 -10.61
CA GLY B 23 -5.63 7.72 -11.35
C GLY B 23 -6.69 6.96 -12.13
N LEU B 24 -6.28 5.83 -12.71
CA LEU B 24 -7.21 4.95 -13.41
C LEU B 24 -8.25 4.35 -12.45
N CYS B 25 -7.82 4.07 -11.22
CA CYS B 25 -8.68 3.41 -10.27
C CYS B 25 -9.87 4.29 -9.93
N GLU B 26 -9.59 5.55 -9.65
CA GLU B 26 -10.63 6.54 -9.43
C GLU B 26 -11.52 6.76 -10.68
N GLN B 27 -10.93 6.55 -11.86
CA GLN B 27 -11.63 6.75 -13.13
C GLN B 27 -12.70 5.70 -13.41
N LYS B 28 -12.29 4.44 -13.38
CA LYS B 28 -13.18 3.34 -13.69
C LYS B 28 -14.25 3.17 -12.60
N ARG B 29 -15.48 2.93 -13.02
CA ARG B 29 -16.56 2.72 -12.09
C ARG B 29 -16.79 1.23 -11.87
N GLY B 30 -17.46 0.91 -10.76
CA GLY B 30 -17.75 -0.47 -10.43
C GLY B 30 -16.65 -1.16 -9.65
N LYS B 31 -17.00 -1.62 -8.45
CA LYS B 31 -16.08 -2.36 -7.59
C LYS B 31 -15.32 -3.47 -8.33
N ASP B 32 -15.98 -4.15 -9.27
CA ASP B 32 -15.28 -5.13 -10.09
C ASP B 32 -14.01 -4.55 -10.69
N ASN B 33 -14.12 -3.39 -11.35
CA ASN B 33 -12.97 -2.70 -11.93
C ASN B 33 -11.99 -2.21 -10.88
N LYS B 34 -12.51 -1.60 -9.83
CA LYS B 34 -11.66 -0.99 -8.82
C LYS B 34 -10.89 -2.07 -8.06
N ALA B 35 -11.51 -3.23 -7.92
CA ALA B 35 -10.89 -4.37 -7.24
C ALA B 35 -9.73 -4.93 -8.06
N ILE B 36 -9.95 -5.12 -9.36
CA ILE B 36 -8.87 -5.50 -10.26
C ILE B 36 -7.73 -4.48 -10.24
N ILE B 37 -8.05 -3.22 -10.50
CA ILE B 37 -7.02 -2.19 -10.53
C ILE B 37 -6.26 -2.15 -9.19
N ALA B 38 -7.01 -2.15 -8.10
CA ALA B 38 -6.44 -2.13 -6.75
C ALA B 38 -5.50 -3.31 -6.46
N SER B 39 -5.91 -4.50 -6.87
CA SER B 39 -5.09 -5.69 -6.62
C SER B 39 -3.73 -5.56 -7.30
N ASN B 40 -3.75 -4.98 -8.50
CA ASN B 40 -2.58 -4.84 -9.34
C ASN B 40 -1.53 -3.85 -8.82
N ILE B 41 -1.99 -2.69 -8.41
CA ILE B 41 -1.14 -1.76 -7.71
C ILE B 41 -0.49 -2.50 -6.51
N MET B 42 -1.30 -3.25 -5.77
CA MET B 42 -0.76 -3.99 -4.63
C MET B 42 0.26 -5.05 -5.05
N TYR B 43 -0.03 -5.78 -6.12
CA TYR B 43 0.93 -6.75 -6.59
C TYR B 43 2.25 -6.05 -6.93
N ILE B 44 2.17 -4.96 -7.69
CA ILE B 44 3.33 -4.17 -8.08
C ILE B 44 4.16 -3.69 -6.89
N VAL B 45 3.56 -2.91 -6.02
CA VAL B 45 4.26 -2.49 -4.82
C VAL B 45 4.95 -3.69 -4.12
N GLY B 46 4.25 -4.81 -4.01
CA GLY B 46 4.78 -5.98 -3.33
C GLY B 46 6.09 -6.48 -3.93
N GLN B 47 6.25 -6.21 -5.23
CA GLN B 47 7.39 -6.69 -5.98
C GLN B 47 8.58 -5.76 -5.90
N TYR B 48 8.37 -4.58 -5.34
CA TYR B 48 9.43 -3.59 -5.26
C TYR B 48 9.78 -3.15 -3.84
N PRO B 49 10.20 -4.11 -2.99
CA PRO B 49 10.60 -3.75 -1.63
C PRO B 49 11.69 -2.68 -1.57
N ARG B 50 12.67 -2.74 -2.47
CA ARG B 50 13.80 -1.84 -2.41
C ARG B 50 13.33 -0.40 -2.43
N PHE B 51 12.41 -0.11 -3.36
CA PHE B 51 11.64 1.13 -3.38
C PHE B 51 11.01 1.45 -2.02
N LEU B 52 10.17 0.55 -1.52
CA LEU B 52 9.49 0.74 -0.24
C LEU B 52 10.49 1.02 0.85
N ARG B 53 11.53 0.19 0.90
CA ARG B 53 12.57 0.30 1.90
C ARG B 53 13.22 1.70 1.98
N ALA B 54 13.37 2.35 0.84
CA ALA B 54 14.01 3.66 0.82
C ALA B 54 13.02 4.79 1.10
N HIS B 55 11.72 4.50 1.08
CA HIS B 55 10.71 5.55 1.29
C HIS B 55 9.67 5.22 2.38
N TRP B 56 10.04 5.39 3.64
CA TRP B 56 9.16 5.02 4.78
C TRP B 56 7.73 5.58 4.74
N LYS B 57 7.61 6.88 4.47
CA LYS B 57 6.30 7.52 4.41
C LYS B 57 5.41 6.83 3.38
N PHE B 58 5.98 6.39 2.27
CA PHE B 58 5.18 5.65 1.31
C PHE B 58 4.88 4.21 1.80
N LEU B 59 5.90 3.53 2.31
CA LEU B 59 5.74 2.21 2.90
C LEU B 59 4.60 2.21 3.90
N LYS B 60 4.70 3.06 4.93
CA LYS B 60 3.65 3.17 5.95
C LYS B 60 2.23 3.37 5.37
N THR B 61 2.15 4.15 4.30
CA THR B 61 0.87 4.50 3.68
C THR B 61 0.29 3.29 2.95
N VAL B 62 1.15 2.54 2.30
CA VAL B 62 0.76 1.27 1.70
C VAL B 62 0.27 0.25 2.72
N VAL B 63 0.95 0.16 3.86
CA VAL B 63 0.59 -0.83 4.87
C VAL B 63 -0.74 -0.49 5.53
N ASN B 64 -0.84 0.75 6.00
CA ASN B 64 -2.12 1.25 6.48
C ASN B 64 -3.24 1.03 5.44
N LYS B 65 -2.91 1.19 4.16
CA LYS B 65 -3.92 1.02 3.11
C LYS B 65 -4.26 -0.45 2.95
N LEU B 66 -3.28 -1.30 3.19
CA LEU B 66 -3.47 -2.74 3.14
C LEU B 66 -4.38 -3.15 4.31
N PHE B 67 -4.23 -2.49 5.45
CA PHE B 67 -5.07 -2.77 6.61
C PHE B 67 -6.50 -2.39 6.32
N GLU B 68 -6.68 -1.27 5.62
CA GLU B 68 -8.03 -0.88 5.23
C GLU B 68 -8.69 -1.98 4.39
N PHE B 69 -8.02 -2.42 3.33
CA PHE B 69 -8.58 -3.41 2.44
C PHE B 69 -8.86 -4.78 3.12
N MET B 70 -8.40 -4.98 4.35
CA MET B 70 -8.66 -6.23 5.04
C MET B 70 -10.08 -6.24 5.56
N HIS B 71 -10.74 -5.11 5.38
CA HIS B 71 -12.16 -5.00 5.69
C HIS B 71 -13.01 -4.88 4.43
N GLU B 72 -12.34 -4.89 3.27
CA GLU B 72 -13.02 -4.84 1.98
C GLU B 72 -13.78 -6.13 1.74
N THR B 73 -15.05 -6.01 1.38
CA THR B 73 -15.87 -7.19 1.19
C THR B 73 -15.77 -7.76 -0.23
N HIS B 74 -15.36 -6.94 -1.20
CA HIS B 74 -15.35 -7.39 -2.58
C HIS B 74 -14.45 -8.61 -2.80
N ASP B 75 -15.01 -9.64 -3.43
CA ASP B 75 -14.36 -10.94 -3.57
C ASP B 75 -12.89 -10.83 -3.99
N GLY B 76 -12.00 -11.46 -3.21
CA GLY B 76 -10.59 -11.54 -3.55
C GLY B 76 -9.69 -10.50 -2.90
N VAL B 77 -10.20 -9.30 -2.71
CA VAL B 77 -9.41 -8.18 -2.19
C VAL B 77 -8.72 -8.52 -0.88
N GLN B 78 -9.47 -9.11 0.05
CA GLN B 78 -8.92 -9.47 1.35
C GLN B 78 -7.73 -10.43 1.25
N ASP B 79 -7.86 -11.41 0.37
CA ASP B 79 -6.75 -12.29 0.05
C ASP B 79 -5.57 -11.53 -0.55
N MET B 80 -5.84 -10.59 -1.44
CA MET B 80 -4.79 -9.74 -1.99
C MET B 80 -4.12 -8.95 -0.89
N ALA B 81 -4.92 -8.30 -0.06
CA ALA B 81 -4.40 -7.45 1.01
C ALA B 81 -3.46 -8.22 1.93
N CYS B 82 -3.84 -9.44 2.29
CA CYS B 82 -3.02 -10.21 3.22
C CYS B 82 -1.77 -10.76 2.55
N ASP B 83 -1.92 -11.22 1.31
CA ASP B 83 -0.80 -11.77 0.55
C ASP B 83 0.31 -10.75 0.35
N THR B 84 -0.06 -9.53 -0.03
CA THR B 84 0.85 -8.42 -0.19
C THR B 84 1.49 -8.08 1.14
N PHE B 85 0.69 -8.11 2.20
CA PHE B 85 1.17 -7.76 3.53
C PHE B 85 2.29 -8.69 3.97
N ILE B 86 2.24 -9.94 3.55
CA ILE B 86 3.24 -10.84 4.06
C ILE B 86 4.54 -10.65 3.29
N LYS B 87 4.43 -10.38 2.00
CA LYS B 87 5.59 -10.09 1.18
C LYS B 87 6.32 -8.91 1.80
N ILE B 88 5.57 -7.86 2.08
CA ILE B 88 6.10 -6.61 2.62
C ILE B 88 6.72 -6.78 4.01
N ALA B 89 6.05 -7.52 4.89
CA ALA B 89 6.59 -7.77 6.21
C ALA B 89 7.89 -8.58 6.16
N GLN B 90 7.98 -9.56 5.27
CA GLN B 90 9.25 -10.27 5.12
C GLN B 90 10.33 -9.29 4.64
N LYS B 91 10.21 -8.86 3.39
CA LYS B 91 11.17 -7.99 2.74
C LYS B 91 11.50 -6.66 3.46
N CYS B 92 10.60 -6.14 4.30
CA CYS B 92 10.86 -4.87 4.98
C CYS B 92 10.83 -4.96 6.49
N ARG B 93 11.09 -6.15 7.00
CA ARG B 93 10.95 -6.45 8.43
C ARG B 93 11.59 -5.43 9.40
N ARG B 94 12.76 -4.90 9.06
CA ARG B 94 13.48 -4.00 9.98
C ARG B 94 12.80 -2.66 10.15
N HIS B 95 12.15 -2.20 9.10
CA HIS B 95 11.55 -0.87 9.05
C HIS B 95 10.34 -0.76 9.96
N PHE B 96 9.96 -1.88 10.56
CA PHE B 96 8.76 -1.93 11.41
C PHE B 96 9.16 -1.98 12.87
N VAL B 97 10.42 -2.32 13.11
CA VAL B 97 10.95 -2.50 14.45
C VAL B 97 11.86 -1.32 14.85
N GLN B 98 12.41 -0.63 13.88
CA GLN B 98 13.21 0.54 14.19
C GLN B 98 12.43 1.84 13.94
N VAL B 99 12.60 2.80 14.85
CA VAL B 99 11.93 4.09 14.73
C VAL B 99 12.37 4.75 13.45
N GLN B 100 11.41 5.08 12.59
CA GLN B 100 11.70 5.68 11.29
C GLN B 100 11.66 7.20 11.40
N VAL B 101 12.14 7.89 10.38
CA VAL B 101 12.23 9.36 10.47
C VAL B 101 10.85 10.04 10.38
N GLY B 102 10.58 10.91 11.34
CA GLY B 102 9.29 11.55 11.43
C GLY B 102 8.34 10.79 12.33
N GLU B 103 8.84 9.76 13.00
CA GLU B 103 8.00 9.05 13.96
C GLU B 103 8.72 8.87 15.28
N VAL B 104 7.93 8.66 16.33
CA VAL B 104 8.43 8.58 17.68
C VAL B 104 8.50 7.13 18.19
N MET B 105 7.70 6.25 17.59
CA MET B 105 7.59 4.88 18.09
C MET B 105 7.59 3.85 16.97
N PRO B 106 8.24 2.71 17.20
CA PRO B 106 8.29 1.65 16.18
C PRO B 106 6.89 1.28 15.67
N PHE B 107 6.71 1.22 14.35
CA PHE B 107 5.40 1.00 13.75
C PHE B 107 4.75 -0.30 14.24
N ILE B 108 5.57 -1.32 14.56
CA ILE B 108 5.07 -2.58 15.08
C ILE B 108 4.11 -2.34 16.26
N ASP B 109 4.51 -1.45 17.16
CA ASP B 109 3.71 -1.05 18.30
C ASP B 109 2.29 -0.68 17.94
N GLU B 110 2.13 0.22 16.97
CA GLU B 110 0.79 0.62 16.55
C GLU B 110 0.02 -0.58 16.05
N ILE B 111 0.72 -1.48 15.36
CA ILE B 111 0.07 -2.69 14.86
C ILE B 111 -0.45 -3.59 16.01
N LEU B 112 0.42 -3.84 16.99
CA LEU B 112 0.09 -4.71 18.12
C LEU B 112 -1.05 -4.19 18.97
N ASN B 113 -1.20 -2.87 19.03
CA ASN B 113 -2.26 -2.26 19.81
C ASN B 113 -3.64 -2.25 19.14
N ASN B 114 -3.71 -2.84 17.96
CA ASN B 114 -4.90 -2.82 17.13
C ASN B 114 -5.14 -4.12 16.38
N ILE B 115 -4.47 -5.18 16.79
CA ILE B 115 -4.61 -6.44 16.06
C ILE B 115 -6.08 -6.72 15.79
N ASN B 116 -6.90 -6.58 16.83
CA ASN B 116 -8.30 -6.90 16.69
C ASN B 116 -9.04 -6.03 15.68
N THR B 117 -8.92 -4.72 15.82
CA THR B 117 -9.59 -3.83 14.88
C THR B 117 -9.18 -4.14 13.45
N ILE B 118 -7.94 -4.60 13.24
CA ILE B 118 -7.46 -4.90 11.90
C ILE B 118 -7.93 -6.24 11.33
N ILE B 119 -7.90 -7.30 12.14
CA ILE B 119 -8.28 -8.61 11.60
C ILE B 119 -9.78 -8.93 11.67
N CYS B 120 -10.53 -8.04 12.32
CA CYS B 120 -12.00 -8.17 12.50
C CYS B 120 -12.73 -9.09 11.56
N ASP B 121 -12.58 -8.76 10.27
CA ASP B 121 -13.43 -9.28 9.22
C ASP B 121 -12.76 -10.43 8.50
N LEU B 122 -11.49 -10.67 8.82
CA LEU B 122 -10.70 -11.65 8.09
C LEU B 122 -11.14 -13.10 8.42
N GLN B 123 -11.04 -13.99 7.44
CA GLN B 123 -11.33 -15.42 7.66
C GLN B 123 -10.15 -16.04 8.38
N PRO B 124 -10.35 -17.21 8.99
CA PRO B 124 -9.28 -17.88 9.73
C PRO B 124 -7.93 -17.98 9.02
N GLN B 125 -7.96 -18.33 7.75
CA GLN B 125 -6.73 -18.56 7.02
C GLN B 125 -5.96 -17.24 6.87
N GLN B 126 -6.70 -16.18 6.54
CA GLN B 126 -6.12 -14.85 6.39
C GLN B 126 -5.54 -14.36 7.71
N VAL B 127 -6.23 -14.66 8.81
CA VAL B 127 -5.72 -14.30 10.13
C VAL B 127 -4.35 -14.94 10.39
N GLY A 1 22.47 13.85 -2.69
CA GLY A 1 21.34 14.56 -3.36
C GLY A 1 20.00 14.18 -2.78
N SER A 2 20.00 13.71 -1.54
CA SER A 2 18.76 13.32 -0.87
C SER A 2 18.89 13.47 0.65
N ALA A 3 18.73 14.71 1.11
CA ALA A 3 18.83 15.00 2.54
C ALA A 3 17.54 14.63 3.26
N SER A 4 16.44 14.56 2.51
CA SER A 4 15.15 14.21 3.08
C SER A 4 14.28 13.50 2.05
N GLY A 5 14.53 13.78 0.76
CA GLY A 5 13.76 13.16 -0.30
C GLY A 5 12.89 14.15 -1.04
N ASN A 6 12.20 13.67 -2.07
CA ASN A 6 11.31 14.51 -2.86
C ASN A 6 10.03 13.78 -3.21
N LEU A 7 10.01 12.47 -2.96
CA LEU A 7 8.85 11.65 -3.25
C LEU A 7 7.77 11.82 -2.18
N ASN A 8 8.14 12.50 -1.10
CA ASN A 8 7.20 12.73 0.01
C ASN A 8 5.98 13.52 -0.46
N GLU A 9 6.16 14.32 -1.51
CA GLU A 9 5.08 15.14 -2.04
C GLU A 9 4.13 14.29 -2.90
N LEU A 10 4.71 13.50 -3.79
CA LEU A 10 3.92 12.64 -4.67
C LEU A 10 3.35 11.44 -3.92
N ALA A 11 3.80 11.27 -2.67
CA ALA A 11 3.32 10.17 -1.84
C ALA A 11 1.91 10.46 -1.32
N LEU A 12 1.50 11.73 -1.41
CA LEU A 12 0.18 12.15 -0.95
C LEU A 12 -0.91 11.61 -1.88
N LYS A 13 -0.49 11.06 -3.02
CA LYS A 13 -1.41 10.52 -4.00
C LYS A 13 -2.17 9.30 -3.47
N LEU A 14 -1.45 8.33 -2.92
CA LEU A 14 -2.07 7.12 -2.39
C LEU A 14 -2.87 7.41 -1.14
N ALA A 15 -2.76 8.63 -0.62
CA ALA A 15 -3.47 9.04 0.59
C ALA A 15 -4.95 8.66 0.54
N GLY A 16 -5.48 8.45 -0.67
CA GLY A 16 -6.87 8.09 -0.80
C GLY A 16 -7.17 7.27 -2.04
N LEU A 17 -7.98 6.22 -1.87
CA LEU A 17 -8.36 5.34 -2.97
C LEU A 17 -9.84 5.01 -2.91
N ASP A 18 -10.42 4.63 -4.04
CA ASP A 18 -11.84 4.29 -4.09
C ASP A 18 -12.03 2.82 -4.47
N ILE A 19 -12.40 2.00 -3.49
CA ILE A 19 -12.63 0.58 -3.73
C ILE A 19 -13.96 0.14 -3.15
N ASN A 20 -14.35 0.76 -2.03
CA ASN A 20 -15.60 0.42 -1.37
C ASN A 20 -16.78 1.13 -2.03
N LYS A 21 -16.72 2.45 -2.08
CA LYS A 21 -17.78 3.24 -2.70
C LYS A 21 -17.34 4.69 -2.86
N THR A 22 -16.92 5.31 -1.76
CA THR A 22 -16.48 6.70 -1.79
C THR A 22 -15.12 6.85 -1.10
N GLU A 23 -14.54 8.03 -1.17
CA GLU A 23 -13.25 8.30 -0.55
C GLU A 23 -13.42 8.93 0.82
N GLY A 24 -13.82 10.20 0.84
CA GLY A 24 -14.02 10.89 2.10
C GLY A 24 -13.55 12.33 2.05
N GLU A 25 -12.54 12.64 2.85
CA GLU A 25 -11.99 14.00 2.90
C GLU A 25 -10.47 13.98 3.00
N GLU A 26 -9.82 14.92 2.33
CA GLU A 26 -8.37 15.01 2.34
C GLU A 26 -7.86 15.75 3.56
N CYS A 27 -7.01 15.09 4.35
CA CYS A 27 -6.44 15.67 5.56
C CYS A 27 -7.54 16.13 6.52
N ILE B 1 10.18 -7.57 -13.76
CA ILE B 1 11.52 -7.04 -14.03
C ILE B 1 12.12 -6.32 -12.83
N SER B 2 11.49 -6.49 -11.67
CA SER B 2 12.03 -5.95 -10.42
C SER B 2 13.50 -6.30 -10.20
N GLY B 3 14.35 -5.28 -10.10
CA GLY B 3 15.77 -5.50 -9.91
C GLY B 3 16.57 -5.53 -11.21
N ALA B 4 15.91 -5.34 -12.35
CA ALA B 4 16.62 -5.29 -13.64
C ALA B 4 16.99 -3.85 -14.05
N MET B 5 16.49 -2.87 -13.30
CA MET B 5 16.84 -1.46 -13.48
C MET B 5 17.63 -0.91 -12.30
N HIS B 6 18.34 0.20 -12.55
CA HIS B 6 19.07 0.93 -11.51
C HIS B 6 18.07 1.60 -10.57
N GLU B 7 18.30 1.48 -9.25
CA GLU B 7 17.36 1.94 -8.24
C GLU B 7 16.72 3.29 -8.58
N GLU B 8 17.52 4.15 -9.19
CA GLU B 8 17.12 5.52 -9.52
C GLU B 8 16.13 5.56 -10.69
N ASP B 9 16.40 4.76 -11.71
CA ASP B 9 15.43 4.58 -12.80
C ASP B 9 14.16 3.90 -12.29
N GLU B 10 14.36 2.93 -11.40
CA GLU B 10 13.27 2.22 -10.77
C GLU B 10 12.29 3.19 -10.11
N LYS B 11 12.81 4.12 -9.33
CA LYS B 11 11.99 5.11 -8.64
C LYS B 11 11.10 5.87 -9.60
N ARG B 12 11.72 6.52 -10.59
CA ARG B 12 11.03 7.35 -11.58
C ARG B 12 9.96 6.56 -12.30
N PHE B 13 10.27 5.30 -12.53
CA PHE B 13 9.41 4.45 -13.33
C PHE B 13 8.18 4.02 -12.52
N LEU B 14 8.42 3.60 -11.28
CA LEU B 14 7.36 3.22 -10.38
C LEU B 14 6.48 4.38 -9.98
N VAL B 15 7.04 5.59 -9.89
CA VAL B 15 6.20 6.72 -9.55
C VAL B 15 5.22 6.98 -10.68
N THR B 16 5.67 6.76 -11.91
CA THR B 16 4.83 6.94 -13.09
C THR B 16 3.78 5.82 -13.23
N VAL B 17 4.16 4.61 -12.88
CA VAL B 17 3.29 3.46 -13.08
C VAL B 17 2.10 3.48 -12.13
N ILE B 18 2.36 3.83 -10.88
CA ILE B 18 1.32 3.78 -9.86
C ILE B 18 0.53 5.07 -9.67
N LYS B 19 1.12 6.21 -10.02
CA LYS B 19 0.41 7.49 -10.02
C LYS B 19 -0.75 7.40 -11.00
N ASP B 20 -0.52 6.68 -12.08
CA ASP B 20 -1.55 6.58 -13.11
C ASP B 20 -2.49 5.37 -12.96
N LEU B 21 -2.06 4.33 -12.25
CA LEU B 21 -2.97 3.24 -11.86
C LEU B 21 -3.94 3.75 -10.80
N LEU B 22 -3.42 4.47 -9.81
CA LEU B 22 -4.24 5.19 -8.87
C LEU B 22 -5.25 6.10 -9.61
N GLY B 23 -4.78 6.82 -10.61
CA GLY B 23 -5.63 7.72 -11.35
C GLY B 23 -6.69 6.96 -12.13
N LEU B 24 -6.28 5.83 -12.71
CA LEU B 24 -7.21 4.95 -13.41
C LEU B 24 -8.25 4.35 -12.45
N CYS B 25 -7.82 4.07 -11.22
CA CYS B 25 -8.68 3.41 -10.27
C CYS B 25 -9.87 4.29 -9.93
N GLU B 26 -9.59 5.55 -9.65
CA GLU B 26 -10.63 6.54 -9.43
C GLU B 26 -11.51 6.76 -10.68
N GLN B 27 -10.93 6.55 -11.86
CA GLN B 27 -11.63 6.75 -13.13
C GLN B 27 -12.70 5.70 -13.41
N LYS B 28 -12.29 4.44 -13.38
CA LYS B 28 -13.18 3.34 -13.69
C LYS B 28 -14.25 3.17 -12.60
N ARG B 29 -15.48 2.93 -13.02
CA ARG B 29 -16.56 2.72 -12.09
C ARG B 29 -16.79 1.23 -11.87
N GLY B 30 -17.46 0.91 -10.76
CA GLY B 30 -17.75 -0.47 -10.43
C GLY B 30 -16.65 -1.16 -9.65
N LYS B 31 -17.00 -1.62 -8.45
CA LYS B 31 -16.08 -2.36 -7.59
C LYS B 31 -15.33 -3.48 -8.33
N ASP B 32 -15.98 -4.15 -9.27
CA ASP B 32 -15.28 -5.13 -10.09
C ASP B 32 -14.01 -4.55 -10.69
N ASN B 33 -14.12 -3.39 -11.34
CA ASN B 33 -12.97 -2.70 -11.93
C ASN B 33 -11.99 -2.21 -10.88
N LYS B 34 -12.51 -1.60 -9.83
CA LYS B 34 -11.66 -0.99 -8.82
C LYS B 34 -10.89 -2.06 -8.07
N ALA B 35 -11.51 -3.23 -7.92
CA ALA B 35 -10.89 -4.37 -7.24
C ALA B 35 -9.73 -4.93 -8.06
N ILE B 36 -9.95 -5.12 -9.36
CA ILE B 36 -8.87 -5.50 -10.26
C ILE B 36 -7.73 -4.48 -10.24
N ILE B 37 -8.05 -3.22 -10.50
CA ILE B 37 -7.02 -2.19 -10.53
C ILE B 37 -6.26 -2.15 -9.19
N ALA B 38 -7.01 -2.15 -8.10
CA ALA B 38 -6.44 -2.13 -6.75
C ALA B 38 -5.50 -3.31 -6.46
N SER B 39 -5.91 -4.50 -6.87
CA SER B 39 -5.09 -5.69 -6.62
C SER B 39 -3.73 -5.56 -7.30
N ASN B 40 -3.75 -4.98 -8.50
CA ASN B 40 -2.58 -4.84 -9.34
C ASN B 40 -1.53 -3.85 -8.82
N ILE B 41 -1.99 -2.69 -8.41
CA ILE B 41 -1.14 -1.76 -7.71
C ILE B 41 -0.49 -2.50 -6.51
N MET B 42 -1.30 -3.25 -5.77
CA MET B 42 -0.76 -3.99 -4.63
C MET B 42 0.26 -5.05 -5.05
N TYR B 43 -0.03 -5.78 -6.12
CA TYR B 43 0.93 -6.75 -6.59
C TYR B 43 2.25 -6.05 -6.93
N ILE B 44 2.17 -4.96 -7.69
CA ILE B 44 3.33 -4.17 -8.08
C ILE B 44 4.16 -3.69 -6.89
N VAL B 45 3.56 -2.91 -6.02
CA VAL B 45 4.26 -2.49 -4.82
C VAL B 45 4.95 -3.69 -4.12
N GLY B 46 4.25 -4.81 -4.01
CA GLY B 46 4.78 -5.98 -3.33
C GLY B 46 6.09 -6.48 -3.93
N GLN B 47 6.25 -6.21 -5.23
CA GLN B 47 7.39 -6.69 -5.98
C GLN B 47 8.58 -5.76 -5.90
N TYR B 48 8.37 -4.58 -5.34
CA TYR B 48 9.43 -3.59 -5.26
C TYR B 48 9.78 -3.15 -3.84
N PRO B 49 10.20 -4.11 -2.99
CA PRO B 49 10.60 -3.75 -1.63
C PRO B 49 11.69 -2.68 -1.57
N ARG B 50 12.67 -2.75 -2.46
CA ARG B 50 13.80 -1.84 -2.41
C ARG B 50 13.33 -0.40 -2.43
N PHE B 51 12.41 -0.11 -3.36
CA PHE B 51 11.64 1.13 -3.38
C PHE B 51 11.01 1.45 -2.02
N LEU B 52 10.17 0.55 -1.52
CA LEU B 52 9.49 0.74 -0.24
C LEU B 52 10.49 1.01 0.85
N ARG B 53 11.53 0.20 0.90
CA ARG B 53 12.57 0.30 1.90
C ARG B 53 13.22 1.70 1.98
N ALA B 54 13.37 2.35 0.84
CA ALA B 54 14.01 3.66 0.82
C ALA B 54 13.02 4.79 1.10
N HIS B 55 11.72 4.50 1.08
CA HIS B 55 10.71 5.55 1.29
C HIS B 55 9.67 5.22 2.38
N TRP B 56 10.04 5.39 3.64
CA TRP B 56 9.16 5.02 4.78
C TRP B 56 7.73 5.58 4.74
N LYS B 57 7.61 6.88 4.47
CA LYS B 57 6.30 7.52 4.41
C LYS B 57 5.41 6.83 3.38
N PHE B 58 5.98 6.39 2.27
CA PHE B 58 5.18 5.65 1.31
C PHE B 58 4.88 4.21 1.80
N LEU B 59 5.90 3.53 2.31
CA LEU B 59 5.74 2.21 2.90
C LEU B 59 4.60 2.21 3.90
N LYS B 60 4.70 3.06 4.93
CA LYS B 60 3.65 3.17 5.95
C LYS B 60 2.23 3.37 5.37
N THR B 61 2.15 4.15 4.30
CA THR B 61 0.87 4.50 3.68
C THR B 61 0.29 3.29 2.95
N VAL B 62 1.15 2.54 2.30
CA VAL B 62 0.76 1.27 1.70
C VAL B 62 0.27 0.25 2.72
N VAL B 63 0.95 0.16 3.86
CA VAL B 63 0.59 -0.83 4.87
C VAL B 63 -0.74 -0.50 5.53
N ASN B 64 -0.84 0.75 6.00
CA ASN B 64 -2.12 1.25 6.47
C ASN B 64 -3.24 1.03 5.44
N LYS B 65 -2.91 1.19 4.16
CA LYS B 65 -3.92 1.02 3.11
C LYS B 65 -4.26 -0.45 2.95
N LEU B 66 -3.28 -1.30 3.19
CA LEU B 66 -3.48 -2.74 3.14
C LEU B 66 -4.38 -3.15 4.30
N PHE B 67 -4.23 -2.49 5.45
CA PHE B 67 -5.07 -2.77 6.61
C PHE B 67 -6.50 -2.39 6.32
N GLU B 68 -6.68 -1.27 5.62
CA GLU B 68 -8.03 -0.88 5.23
C GLU B 68 -8.69 -1.98 4.39
N PHE B 69 -8.02 -2.42 3.33
CA PHE B 69 -8.58 -3.41 2.44
C PHE B 69 -8.86 -4.78 3.12
N MET B 70 -8.40 -4.98 4.35
CA MET B 70 -8.66 -6.23 5.04
C MET B 70 -10.08 -6.24 5.56
N HIS B 71 -10.74 -5.11 5.38
CA HIS B 71 -12.16 -5.00 5.69
C HIS B 71 -13.01 -4.88 4.43
N GLU B 72 -12.34 -4.89 3.27
CA GLU B 72 -13.02 -4.84 1.98
C GLU B 72 -13.78 -6.13 1.74
N THR B 73 -15.05 -6.01 1.38
CA THR B 73 -15.87 -7.19 1.19
C THR B 73 -15.77 -7.76 -0.23
N HIS B 74 -15.36 -6.94 -1.20
CA HIS B 74 -15.35 -7.39 -2.58
C HIS B 74 -14.45 -8.61 -2.80
N ASP B 75 -15.01 -9.64 -3.43
CA ASP B 75 -14.36 -10.94 -3.57
C ASP B 75 -12.89 -10.83 -3.99
N GLY B 76 -12.00 -11.46 -3.21
CA GLY B 76 -10.59 -11.54 -3.55
C GLY B 76 -9.69 -10.50 -2.90
N VAL B 77 -10.20 -9.30 -2.71
CA VAL B 77 -9.41 -8.19 -2.20
C VAL B 77 -8.73 -8.51 -0.87
N GLN B 78 -9.47 -9.11 0.05
CA GLN B 78 -8.92 -9.47 1.36
C GLN B 78 -7.73 -10.43 1.25
N ASP B 79 -7.86 -11.41 0.37
CA ASP B 79 -6.75 -12.29 0.05
C ASP B 79 -5.57 -11.53 -0.55
N MET B 80 -5.84 -10.59 -1.45
CA MET B 80 -4.79 -9.74 -1.99
C MET B 80 -4.12 -8.95 -0.89
N ALA B 81 -4.93 -8.30 -0.05
CA ALA B 81 -4.40 -7.45 1.01
C ALA B 81 -3.46 -8.22 1.93
N CYS B 82 -3.84 -9.44 2.29
CA CYS B 82 -3.02 -10.21 3.22
C CYS B 82 -1.77 -10.76 2.55
N ASP B 83 -1.92 -11.22 1.31
CA ASP B 83 -0.80 -11.77 0.55
C ASP B 83 0.31 -10.75 0.35
N THR B 84 -0.06 -9.53 -0.03
CA THR B 84 0.85 -8.42 -0.19
C THR B 84 1.49 -8.08 1.14
N PHE B 85 0.69 -8.11 2.20
CA PHE B 85 1.17 -7.76 3.53
C PHE B 85 2.29 -8.69 3.97
N ILE B 86 2.24 -9.94 3.55
CA ILE B 86 3.24 -10.84 4.06
C ILE B 86 4.54 -10.65 3.29
N LYS B 87 4.42 -10.38 1.99
CA LYS B 87 5.59 -10.09 1.18
C LYS B 87 6.32 -8.91 1.80
N ILE B 88 5.57 -7.86 2.08
CA ILE B 88 6.10 -6.61 2.62
C ILE B 88 6.72 -6.78 4.01
N ALA B 89 6.05 -7.52 4.89
CA ALA B 89 6.60 -7.76 6.21
C ALA B 89 7.89 -8.58 6.16
N GLN B 90 7.98 -9.56 5.27
CA GLN B 90 9.24 -10.27 5.11
C GLN B 90 10.33 -9.29 4.64
N LYS B 91 10.21 -8.86 3.39
CA LYS B 91 11.17 -7.99 2.74
C LYS B 91 11.50 -6.66 3.46
N CYS B 92 10.60 -6.14 4.30
CA CYS B 92 10.86 -4.87 4.98
C CYS B 92 10.83 -4.96 6.49
N ARG B 93 11.09 -6.15 7.00
CA ARG B 93 10.95 -6.45 8.43
C ARG B 93 11.59 -5.43 9.40
N ARG B 94 12.76 -4.90 9.06
CA ARG B 94 13.48 -4.00 9.98
C ARG B 94 12.79 -2.65 10.15
N HIS B 95 12.15 -2.20 9.10
CA HIS B 95 11.55 -0.87 9.05
C HIS B 95 10.34 -0.77 9.96
N PHE B 96 9.96 -1.88 10.56
CA PHE B 96 8.76 -1.93 11.41
C PHE B 96 9.16 -1.98 12.87
N VAL B 97 10.42 -2.32 13.11
CA VAL B 97 10.95 -2.50 14.45
C VAL B 97 11.86 -1.32 14.85
N GLN B 98 12.41 -0.64 13.87
CA GLN B 98 13.21 0.54 14.19
C GLN B 98 12.43 1.84 13.94
N VAL B 99 12.60 2.80 14.85
CA VAL B 99 11.93 4.09 14.73
C VAL B 99 12.37 4.75 13.45
N GLN B 100 11.41 5.08 12.59
CA GLN B 100 11.70 5.68 11.29
C GLN B 100 11.66 7.20 11.40
N VAL B 101 12.14 7.89 10.38
CA VAL B 101 12.23 9.36 10.47
C VAL B 101 10.85 10.04 10.38
N GLY B 102 10.58 10.91 11.34
CA GLY B 102 9.29 11.55 11.43
C GLY B 102 8.34 10.79 12.33
N GLU B 103 8.84 9.76 13.00
CA GLU B 103 8.00 9.05 13.96
C GLU B 103 8.72 8.87 15.28
N VAL B 104 7.93 8.66 16.33
CA VAL B 104 8.43 8.58 17.68
C VAL B 104 8.50 7.13 18.19
N MET B 105 7.70 6.25 17.59
CA MET B 105 7.59 4.88 18.09
C MET B 105 7.59 3.85 16.97
N PRO B 106 8.24 2.71 17.20
CA PRO B 106 8.29 1.65 16.18
C PRO B 106 6.89 1.28 15.67
N PHE B 107 6.71 1.22 14.35
CA PHE B 107 5.40 1.00 13.75
C PHE B 107 4.75 -0.31 14.25
N ILE B 108 5.57 -1.32 14.56
CA ILE B 108 5.07 -2.58 15.08
C ILE B 108 4.11 -2.34 16.26
N ASP B 109 4.51 -1.45 17.16
CA ASP B 109 3.71 -1.05 18.30
C ASP B 109 2.29 -0.68 17.94
N GLU B 110 2.13 0.22 16.97
CA GLU B 110 0.79 0.62 16.55
C GLU B 110 0.02 -0.58 16.05
N ILE B 111 0.72 -1.48 15.36
CA ILE B 111 0.07 -2.69 14.86
C ILE B 111 -0.45 -3.59 16.01
N LEU B 112 0.42 -3.84 16.99
CA LEU B 112 0.09 -4.71 18.12
C LEU B 112 -1.05 -4.19 18.97
N ASN B 113 -1.20 -2.87 19.03
CA ASN B 113 -2.26 -2.26 19.81
C ASN B 113 -3.64 -2.25 19.14
N ASN B 114 -3.71 -2.84 17.96
CA ASN B 114 -4.90 -2.82 17.13
C ASN B 114 -5.14 -4.12 16.38
N ILE B 115 -4.47 -5.18 16.79
CA ILE B 115 -4.61 -6.43 16.06
C ILE B 115 -6.08 -6.72 15.79
N ASN B 116 -6.90 -6.58 16.83
CA ASN B 116 -8.30 -6.90 16.69
C ASN B 116 -9.04 -6.03 15.68
N THR B 117 -8.92 -4.72 15.82
CA THR B 117 -9.59 -3.83 14.88
C THR B 117 -9.18 -4.14 13.45
N ILE B 118 -7.94 -4.60 13.24
CA ILE B 118 -7.46 -4.90 11.90
C ILE B 118 -7.93 -6.24 11.33
N ILE B 119 -7.90 -7.30 12.13
CA ILE B 119 -8.28 -8.61 11.60
C ILE B 119 -9.78 -8.93 11.67
N CYS B 120 -10.53 -8.04 12.32
CA CYS B 120 -12.00 -8.18 12.50
C CYS B 120 -12.73 -9.09 11.56
N ASP B 121 -12.58 -8.76 10.27
CA ASP B 121 -13.43 -9.28 9.22
C ASP B 121 -12.76 -10.43 8.50
N LEU B 122 -11.49 -10.67 8.82
CA LEU B 122 -10.70 -11.66 8.10
C LEU B 122 -11.14 -13.10 8.42
N GLN B 123 -11.04 -13.99 7.44
CA GLN B 123 -11.33 -15.42 7.66
C GLN B 123 -10.15 -16.04 8.38
N PRO B 124 -10.35 -17.21 8.99
CA PRO B 124 -9.28 -17.88 9.73
C PRO B 124 -7.93 -17.98 9.02
N GLN B 125 -7.96 -18.33 7.75
CA GLN B 125 -6.73 -18.56 7.02
C GLN B 125 -5.96 -17.24 6.87
N GLN B 126 -6.70 -16.18 6.54
CA GLN B 126 -6.12 -14.85 6.39
C GLN B 126 -5.54 -14.36 7.71
N VAL B 127 -6.23 -14.66 8.81
CA VAL B 127 -5.72 -14.29 10.13
C VAL B 127 -4.35 -14.94 10.38
N GLY A 1 15.50 25.70 -7.63
CA GLY A 1 14.61 26.79 -8.08
C GLY A 1 13.24 26.72 -7.44
N SER A 2 12.28 26.14 -8.14
CA SER A 2 10.92 26.01 -7.63
C SER A 2 10.75 24.68 -6.89
N ALA A 3 10.05 24.73 -5.76
CA ALA A 3 9.80 23.54 -4.96
C ALA A 3 11.11 22.93 -4.46
N SER A 4 10.99 21.80 -3.77
CA SER A 4 12.17 21.11 -3.24
C SER A 4 11.89 19.61 -3.08
N GLY A 5 10.96 19.11 -3.89
CA GLY A 5 10.62 17.70 -3.83
C GLY A 5 9.36 17.39 -4.62
N ASN A 6 9.19 16.13 -4.98
CA ASN A 6 8.02 15.69 -5.74
C ASN A 6 7.54 14.33 -5.27
N LEU A 7 8.44 13.56 -4.65
CA LEU A 7 8.10 12.23 -4.16
C LEU A 7 7.30 12.32 -2.87
N ASN A 8 7.35 13.47 -2.21
CA ASN A 8 6.63 13.69 -0.96
C ASN A 8 5.14 13.92 -1.23
N GLU A 9 4.84 14.83 -2.15
CA GLU A 9 3.46 15.14 -2.52
C GLU A 9 2.89 14.05 -3.41
N LEU A 10 3.77 13.15 -3.85
CA LEU A 10 3.37 12.04 -4.72
C LEU A 10 2.39 11.12 -4.01
N ALA A 11 2.62 10.89 -2.72
CA ALA A 11 1.77 10.02 -1.92
C ALA A 11 0.50 10.74 -1.49
N LEU A 12 0.45 12.06 -1.69
CA LEU A 12 -0.70 12.86 -1.32
C LEU A 12 -1.96 12.39 -2.06
N LYS A 13 -1.74 11.72 -3.20
CA LYS A 13 -2.86 11.24 -4.02
C LYS A 13 -3.42 9.92 -3.47
N LEU A 14 -2.61 9.20 -2.69
CA LEU A 14 -3.03 7.93 -2.10
C LEU A 14 -4.37 8.08 -1.38
N ALA A 15 -4.61 9.29 -0.86
CA ALA A 15 -5.85 9.59 -0.14
C ALA A 15 -7.09 9.14 -0.90
N GLY A 16 -6.93 8.90 -2.21
CA GLY A 16 -8.04 8.46 -3.03
C GLY A 16 -8.26 6.96 -2.95
N LEU A 17 -8.22 6.30 -4.12
CA LEU A 17 -8.41 4.86 -4.19
C LEU A 17 -9.74 4.46 -3.54
N ASP A 18 -10.82 4.56 -4.32
CA ASP A 18 -12.13 4.20 -3.81
C ASP A 18 -12.50 2.77 -4.20
N ILE A 19 -13.36 2.15 -3.40
CA ILE A 19 -13.79 0.78 -3.66
C ILE A 19 -14.93 0.38 -2.71
N ASN A 20 -15.06 1.12 -1.61
CA ASN A 20 -16.11 0.85 -0.63
C ASN A 20 -17.49 1.09 -1.23
N LYS A 21 -18.10 0.03 -1.74
CA LYS A 21 -19.43 0.12 -2.35
C LYS A 21 -20.06 -1.26 -2.52
N THR A 22 -21.35 -1.35 -2.21
CA THR A 22 -22.08 -2.61 -2.33
C THR A 22 -23.19 -2.49 -3.37
N GLU A 23 -24.00 -1.44 -3.25
CA GLU A 23 -25.10 -1.20 -4.17
C GLU A 23 -26.07 -2.38 -4.19
N GLY A 24 -27.07 -2.34 -3.32
CA GLY A 24 -28.05 -3.40 -3.25
C GLY A 24 -28.76 -3.44 -1.90
N GLU A 25 -28.24 -4.25 -0.99
CA GLU A 25 -28.83 -4.38 0.34
C GLU A 25 -30.31 -4.75 0.26
N GLU A 26 -30.58 -6.02 -0.02
CA GLU A 26 -31.96 -6.51 -0.13
C GLU A 26 -32.14 -7.79 0.67
N CYS A 27 -31.35 -7.94 1.74
CA CYS A 27 -31.43 -9.12 2.59
C CYS A 27 -31.20 -10.40 1.79
N ILE B 1 10.18 -7.57 -13.76
CA ILE B 1 11.52 -7.04 -14.03
C ILE B 1 12.12 -6.32 -12.83
N SER B 2 11.49 -6.49 -11.67
CA SER B 2 12.03 -5.96 -10.41
C SER B 2 13.50 -6.30 -10.20
N GLY B 3 14.35 -5.28 -10.10
CA GLY B 3 15.77 -5.50 -9.91
C GLY B 3 16.57 -5.53 -11.21
N ALA B 4 15.91 -5.34 -12.35
CA ALA B 4 16.62 -5.29 -13.64
C ALA B 4 16.99 -3.85 -14.05
N MET B 5 16.49 -2.87 -13.30
CA MET B 5 16.84 -1.46 -13.48
C MET B 5 17.63 -0.91 -12.30
N HIS B 6 18.34 0.20 -12.55
CA HIS B 6 19.07 0.93 -11.51
C HIS B 6 18.07 1.60 -10.57
N GLU B 7 18.30 1.48 -9.25
CA GLU B 7 17.36 1.94 -8.24
C GLU B 7 16.72 3.29 -8.58
N GLU B 8 17.52 4.15 -9.19
CA GLU B 8 17.12 5.52 -9.52
C GLU B 8 16.13 5.56 -10.69
N ASP B 9 16.40 4.76 -11.71
CA ASP B 9 15.43 4.58 -12.80
C ASP B 9 14.16 3.90 -12.29
N GLU B 10 14.36 2.93 -11.40
CA GLU B 10 13.27 2.22 -10.77
C GLU B 10 12.29 3.19 -10.11
N LYS B 11 12.81 4.12 -9.33
CA LYS B 11 11.99 5.11 -8.64
C LYS B 11 11.10 5.87 -9.60
N ARG B 12 11.73 6.53 -10.59
CA ARG B 12 11.03 7.35 -11.58
C ARG B 12 9.96 6.56 -12.30
N PHE B 13 10.27 5.30 -12.53
CA PHE B 13 9.41 4.45 -13.33
C PHE B 13 8.18 4.02 -12.52
N LEU B 14 8.42 3.60 -11.28
CA LEU B 14 7.36 3.22 -10.37
C LEU B 14 6.48 4.38 -9.98
N VAL B 15 7.04 5.59 -9.89
CA VAL B 15 6.20 6.72 -9.55
C VAL B 15 5.22 6.98 -10.68
N THR B 16 5.67 6.76 -11.91
CA THR B 16 4.83 6.94 -13.09
C THR B 16 3.78 5.82 -13.23
N VAL B 17 4.16 4.61 -12.88
CA VAL B 17 3.29 3.46 -13.08
C VAL B 17 2.10 3.48 -12.13
N ILE B 18 2.36 3.83 -10.88
CA ILE B 18 1.32 3.78 -9.86
C ILE B 18 0.53 5.07 -9.67
N LYS B 19 1.12 6.21 -10.02
CA LYS B 19 0.41 7.49 -10.02
C LYS B 19 -0.75 7.40 -11.00
N ASP B 20 -0.52 6.69 -12.09
CA ASP B 20 -1.55 6.58 -13.11
C ASP B 20 -2.49 5.37 -12.96
N LEU B 21 -2.06 4.33 -12.25
CA LEU B 21 -2.97 3.23 -11.85
C LEU B 21 -3.94 3.75 -10.80
N LEU B 22 -3.42 4.47 -9.81
CA LEU B 22 -4.24 5.19 -8.87
C LEU B 22 -5.25 6.10 -9.61
N GLY B 23 -4.78 6.82 -10.61
CA GLY B 23 -5.63 7.72 -11.35
C GLY B 23 -6.69 6.96 -12.13
N LEU B 24 -6.28 5.83 -12.71
CA LEU B 24 -7.21 4.95 -13.41
C LEU B 24 -8.25 4.35 -12.45
N CYS B 25 -7.82 4.07 -11.22
CA CYS B 25 -8.68 3.41 -10.27
C CYS B 25 -9.87 4.29 -9.93
N GLU B 26 -9.59 5.55 -9.65
CA GLU B 26 -10.64 6.55 -9.43
C GLU B 26 -11.51 6.76 -10.68
N GLN B 27 -10.93 6.55 -11.86
CA GLN B 27 -11.63 6.75 -13.13
C GLN B 27 -12.70 5.70 -13.41
N LYS B 28 -12.29 4.44 -13.38
CA LYS B 28 -13.18 3.34 -13.69
C LYS B 28 -14.25 3.18 -12.60
N ARG B 29 -15.48 2.93 -13.02
CA ARG B 29 -16.56 2.72 -12.09
C ARG B 29 -16.79 1.23 -11.87
N GLY B 30 -17.46 0.91 -10.76
CA GLY B 30 -17.75 -0.47 -10.43
C GLY B 30 -16.65 -1.16 -9.65
N LYS B 31 -17.00 -1.62 -8.45
CA LYS B 31 -16.08 -2.36 -7.59
C LYS B 31 -15.33 -3.48 -8.33
N ASP B 32 -15.98 -4.15 -9.27
CA ASP B 32 -15.28 -5.13 -10.09
C ASP B 32 -14.01 -4.55 -10.69
N ASN B 33 -14.12 -3.39 -11.35
CA ASN B 33 -12.97 -2.70 -11.93
C ASN B 33 -11.98 -2.20 -10.88
N LYS B 34 -12.51 -1.60 -9.83
CA LYS B 34 -11.65 -0.99 -8.82
C LYS B 34 -10.89 -2.06 -8.07
N ALA B 35 -11.51 -3.23 -7.92
CA ALA B 35 -10.89 -4.37 -7.24
C ALA B 35 -9.73 -4.93 -8.06
N ILE B 36 -9.95 -5.12 -9.36
CA ILE B 36 -8.87 -5.50 -10.26
C ILE B 36 -7.73 -4.48 -10.24
N ILE B 37 -8.05 -3.22 -10.50
CA ILE B 37 -7.02 -2.19 -10.53
C ILE B 37 -6.26 -2.15 -9.19
N ALA B 38 -7.01 -2.15 -8.10
CA ALA B 38 -6.44 -2.13 -6.75
C ALA B 38 -5.50 -3.31 -6.46
N SER B 39 -5.91 -4.50 -6.87
CA SER B 39 -5.09 -5.69 -6.62
C SER B 39 -3.73 -5.56 -7.30
N ASN B 40 -3.75 -4.98 -8.50
CA ASN B 40 -2.58 -4.84 -9.34
C ASN B 40 -1.53 -3.85 -8.82
N ILE B 41 -1.99 -2.69 -8.41
CA ILE B 41 -1.14 -1.76 -7.71
C ILE B 41 -0.49 -2.50 -6.51
N MET B 42 -1.30 -3.25 -5.77
CA MET B 42 -0.76 -3.99 -4.63
C MET B 42 0.26 -5.05 -5.05
N TYR B 43 -0.03 -5.78 -6.12
CA TYR B 43 0.93 -6.75 -6.59
C TYR B 43 2.25 -6.05 -6.93
N ILE B 44 2.17 -4.96 -7.69
CA ILE B 44 3.33 -4.17 -8.08
C ILE B 44 4.16 -3.69 -6.89
N VAL B 45 3.56 -2.91 -6.02
CA VAL B 45 4.26 -2.49 -4.82
C VAL B 45 4.95 -3.69 -4.12
N GLY B 46 4.25 -4.81 -4.01
CA GLY B 46 4.78 -5.98 -3.33
C GLY B 46 6.09 -6.48 -3.93
N GLN B 47 6.25 -6.21 -5.23
CA GLN B 47 7.39 -6.69 -5.98
C GLN B 47 8.58 -5.76 -5.90
N TYR B 48 8.37 -4.57 -5.33
CA TYR B 48 9.43 -3.59 -5.26
C TYR B 48 9.78 -3.15 -3.84
N PRO B 49 10.20 -4.11 -2.99
CA PRO B 49 10.60 -3.75 -1.63
C PRO B 49 11.69 -2.68 -1.57
N ARG B 50 12.67 -2.74 -2.47
CA ARG B 50 13.80 -1.84 -2.41
C ARG B 50 13.33 -0.40 -2.43
N PHE B 51 12.41 -0.11 -3.36
CA PHE B 51 11.64 1.13 -3.38
C PHE B 51 11.02 1.46 -2.02
N LEU B 52 10.17 0.55 -1.52
CA LEU B 52 9.49 0.74 -0.24
C LEU B 52 10.49 1.02 0.85
N ARG B 53 11.53 0.20 0.90
CA ARG B 53 12.57 0.30 1.90
C ARG B 53 13.22 1.70 1.98
N ALA B 54 13.37 2.35 0.84
CA ALA B 54 14.01 3.66 0.82
C ALA B 54 13.02 4.79 1.10
N HIS B 55 11.72 4.50 1.08
CA HIS B 55 10.71 5.55 1.29
C HIS B 55 9.67 5.22 2.38
N TRP B 56 10.05 5.39 3.64
CA TRP B 56 9.16 5.02 4.78
C TRP B 56 7.73 5.58 4.74
N LYS B 57 7.61 6.88 4.47
CA LYS B 57 6.30 7.52 4.41
C LYS B 57 5.41 6.83 3.38
N PHE B 58 5.98 6.39 2.27
CA PHE B 58 5.17 5.64 1.31
C PHE B 58 4.88 4.21 1.80
N LEU B 59 5.90 3.53 2.31
CA LEU B 59 5.74 2.21 2.90
C LEU B 59 4.60 2.21 3.90
N LYS B 60 4.70 3.06 4.93
CA LYS B 60 3.65 3.18 5.94
C LYS B 60 2.23 3.37 5.37
N THR B 61 2.15 4.15 4.30
CA THR B 61 0.87 4.50 3.68
C THR B 61 0.29 3.29 2.95
N VAL B 62 1.15 2.54 2.30
CA VAL B 62 0.76 1.27 1.70
C VAL B 62 0.27 0.25 2.72
N VAL B 63 0.95 0.16 3.86
CA VAL B 63 0.59 -0.83 4.87
C VAL B 63 -0.73 -0.49 5.54
N ASN B 64 -0.84 0.75 6.00
CA ASN B 64 -2.12 1.25 6.47
C ASN B 64 -3.24 1.03 5.44
N LYS B 65 -2.91 1.19 4.16
CA LYS B 65 -3.92 1.02 3.11
C LYS B 65 -4.26 -0.45 2.95
N LEU B 66 -3.28 -1.30 3.19
CA LEU B 66 -3.47 -2.74 3.14
C LEU B 66 -4.38 -3.15 4.31
N PHE B 67 -4.23 -2.49 5.45
CA PHE B 67 -5.07 -2.77 6.61
C PHE B 67 -6.50 -2.39 6.32
N GLU B 68 -6.68 -1.27 5.62
CA GLU B 68 -8.03 -0.88 5.22
C GLU B 68 -8.69 -1.98 4.39
N PHE B 69 -8.02 -2.42 3.33
CA PHE B 69 -8.58 -3.41 2.44
C PHE B 69 -8.86 -4.78 3.12
N MET B 70 -8.40 -4.98 4.35
CA MET B 70 -8.66 -6.23 5.04
C MET B 70 -10.08 -6.24 5.56
N HIS B 71 -10.74 -5.11 5.38
CA HIS B 71 -12.16 -5.00 5.69
C HIS B 71 -13.01 -4.88 4.43
N GLU B 72 -12.34 -4.89 3.27
CA GLU B 72 -13.02 -4.84 1.98
C GLU B 72 -13.78 -6.13 1.74
N THR B 73 -15.05 -6.01 1.38
CA THR B 73 -15.87 -7.19 1.19
C THR B 73 -15.77 -7.76 -0.23
N HIS B 74 -15.36 -6.94 -1.20
CA HIS B 74 -15.35 -7.39 -2.58
C HIS B 74 -14.44 -8.60 -2.81
N ASP B 75 -15.01 -9.64 -3.43
CA ASP B 75 -14.36 -10.93 -3.58
C ASP B 75 -12.89 -10.83 -3.99
N GLY B 76 -12.00 -11.46 -3.21
CA GLY B 76 -10.59 -11.54 -3.55
C GLY B 76 -9.69 -10.50 -2.90
N VAL B 77 -10.20 -9.30 -2.71
CA VAL B 77 -9.41 -8.18 -2.19
C VAL B 77 -8.73 -8.51 -0.87
N GLN B 78 -9.47 -9.11 0.06
CA GLN B 78 -8.92 -9.47 1.36
C GLN B 78 -7.73 -10.43 1.25
N ASP B 79 -7.86 -11.41 0.37
CA ASP B 79 -6.75 -12.29 0.05
C ASP B 79 -5.57 -11.53 -0.55
N MET B 80 -5.84 -10.59 -1.44
CA MET B 80 -4.79 -9.74 -1.99
C MET B 80 -4.12 -8.95 -0.89
N ALA B 81 -4.93 -8.30 -0.05
CA ALA B 81 -4.41 -7.45 1.01
C ALA B 81 -3.46 -8.22 1.93
N CYS B 82 -3.84 -9.44 2.29
CA CYS B 82 -3.02 -10.21 3.21
C CYS B 82 -1.77 -10.76 2.55
N ASP B 83 -1.92 -11.22 1.31
CA ASP B 83 -0.80 -11.77 0.55
C ASP B 83 0.31 -10.75 0.35
N THR B 84 -0.06 -9.53 -0.03
CA THR B 84 0.85 -8.42 -0.19
C THR B 84 1.49 -8.08 1.14
N PHE B 85 0.69 -8.11 2.20
CA PHE B 85 1.17 -7.76 3.53
C PHE B 85 2.29 -8.69 3.97
N ILE B 86 2.24 -9.94 3.55
CA ILE B 86 3.24 -10.84 4.06
C ILE B 86 4.54 -10.65 3.29
N LYS B 87 4.42 -10.38 1.99
CA LYS B 87 5.59 -10.09 1.18
C LYS B 87 6.32 -8.91 1.80
N ILE B 88 5.56 -7.85 2.09
CA ILE B 88 6.10 -6.61 2.62
C ILE B 88 6.72 -6.78 4.01
N ALA B 89 6.05 -7.52 4.89
CA ALA B 89 6.59 -7.77 6.22
C ALA B 89 7.89 -8.58 6.16
N GLN B 90 7.98 -9.56 5.27
CA GLN B 90 9.25 -10.27 5.12
C GLN B 90 10.33 -9.29 4.64
N LYS B 91 10.21 -8.86 3.38
CA LYS B 91 11.17 -7.99 2.74
C LYS B 91 11.50 -6.66 3.46
N CYS B 92 10.60 -6.14 4.30
CA CYS B 92 10.86 -4.87 4.98
C CYS B 92 10.83 -4.96 6.49
N ARG B 93 11.09 -6.15 7.00
CA ARG B 93 10.95 -6.45 8.43
C ARG B 93 11.59 -5.43 9.40
N ARG B 94 12.76 -4.90 9.06
CA ARG B 94 13.48 -4.00 9.98
C ARG B 94 12.80 -2.67 10.16
N HIS B 95 12.15 -2.20 9.10
CA HIS B 95 11.55 -0.87 9.05
C HIS B 95 10.34 -0.76 9.96
N PHE B 96 9.96 -1.88 10.56
CA PHE B 96 8.76 -1.93 11.41
C PHE B 96 9.16 -1.98 12.87
N VAL B 97 10.42 -2.32 13.11
CA VAL B 97 10.95 -2.50 14.45
C VAL B 97 11.86 -1.32 14.85
N GLN B 98 12.41 -0.63 13.88
CA GLN B 98 13.21 0.54 14.19
C GLN B 98 12.43 1.84 13.94
N VAL B 99 12.60 2.80 14.85
CA VAL B 99 11.93 4.09 14.73
C VAL B 99 12.37 4.75 13.45
N GLN B 100 11.41 5.08 12.59
CA GLN B 100 11.70 5.68 11.29
C GLN B 100 11.66 7.20 11.40
N VAL B 101 12.14 7.90 10.38
CA VAL B 101 12.23 9.36 10.47
C VAL B 101 10.85 10.04 10.38
N GLY B 102 10.58 10.91 11.34
CA GLY B 102 9.29 11.55 11.43
C GLY B 102 8.34 10.79 12.33
N GLU B 103 8.84 9.76 13.00
CA GLU B 103 8.00 9.05 13.96
C GLU B 103 8.71 8.87 15.28
N VAL B 104 7.93 8.66 16.33
CA VAL B 104 8.43 8.58 17.68
C VAL B 104 8.50 7.13 18.19
N MET B 105 7.70 6.25 17.59
CA MET B 105 7.59 4.88 18.09
C MET B 105 7.59 3.85 16.97
N PRO B 106 8.24 2.71 17.20
CA PRO B 106 8.29 1.65 16.18
C PRO B 106 6.89 1.28 15.67
N PHE B 107 6.71 1.22 14.35
CA PHE B 107 5.40 1.00 13.75
C PHE B 107 4.75 -0.31 14.25
N ILE B 108 5.57 -1.31 14.56
CA ILE B 108 5.07 -2.58 15.08
C ILE B 108 4.11 -2.34 16.26
N ASP B 109 4.51 -1.45 17.16
CA ASP B 109 3.71 -1.05 18.30
C ASP B 109 2.29 -0.68 17.94
N GLU B 110 2.13 0.22 16.97
CA GLU B 110 0.79 0.62 16.55
C GLU B 110 0.02 -0.58 16.05
N ILE B 111 0.72 -1.48 15.36
CA ILE B 111 0.07 -2.69 14.86
C ILE B 111 -0.45 -3.59 16.01
N LEU B 112 0.42 -3.84 16.99
CA LEU B 112 0.09 -4.71 18.12
C LEU B 112 -1.05 -4.19 18.97
N ASN B 113 -1.20 -2.87 19.03
CA ASN B 113 -2.26 -2.26 19.81
C ASN B 113 -3.64 -2.25 19.14
N ASN B 114 -3.71 -2.84 17.95
CA ASN B 114 -4.90 -2.82 17.13
C ASN B 114 -5.14 -4.12 16.38
N ILE B 115 -4.47 -5.18 16.79
CA ILE B 115 -4.61 -6.43 16.06
C ILE B 115 -6.08 -6.72 15.79
N ASN B 116 -6.90 -6.58 16.83
CA ASN B 116 -8.30 -6.90 16.69
C ASN B 116 -9.04 -6.03 15.68
N THR B 117 -8.92 -4.72 15.82
CA THR B 117 -9.59 -3.83 14.88
C THR B 117 -9.18 -4.14 13.45
N ILE B 118 -7.94 -4.60 13.24
CA ILE B 118 -7.46 -4.90 11.90
C ILE B 118 -7.93 -6.24 11.33
N ILE B 119 -7.90 -7.30 12.14
CA ILE B 119 -8.28 -8.61 11.60
C ILE B 119 -9.78 -8.93 11.67
N CYS B 120 -10.53 -8.04 12.32
CA CYS B 120 -12.00 -8.18 12.51
C CYS B 120 -12.73 -9.09 11.56
N ASP B 121 -12.58 -8.76 10.27
CA ASP B 121 -13.43 -9.28 9.22
C ASP B 121 -12.76 -10.43 8.50
N LEU B 122 -11.49 -10.67 8.82
CA LEU B 122 -10.70 -11.66 8.10
C LEU B 122 -11.14 -13.10 8.42
N GLN B 123 -11.04 -13.99 7.44
CA GLN B 123 -11.33 -15.42 7.66
C GLN B 123 -10.15 -16.04 8.38
N PRO B 124 -10.35 -17.21 8.99
CA PRO B 124 -9.28 -17.88 9.73
C PRO B 124 -7.93 -17.98 9.02
N GLN B 125 -7.96 -18.33 7.75
CA GLN B 125 -6.73 -18.56 7.02
C GLN B 125 -5.96 -17.24 6.87
N GLN B 126 -6.70 -16.18 6.54
CA GLN B 126 -6.12 -14.85 6.39
C GLN B 126 -5.54 -14.36 7.71
N VAL B 127 -6.23 -14.66 8.81
CA VAL B 127 -5.72 -14.29 10.13
C VAL B 127 -4.35 -14.94 10.38
N GLY A 1 9.08 26.27 -8.00
CA GLY A 1 10.22 25.67 -8.73
C GLY A 1 11.04 24.75 -7.85
N SER A 2 11.05 25.03 -6.55
CA SER A 2 11.78 24.22 -5.59
C SER A 2 10.95 23.93 -4.36
N ALA A 3 10.56 22.67 -4.18
CA ALA A 3 9.75 22.26 -3.04
C ALA A 3 10.33 21.02 -2.36
N SER A 4 10.51 21.10 -1.05
CA SER A 4 11.08 19.98 -0.28
C SER A 4 10.14 18.78 -0.33
N GLY A 5 10.70 17.62 -0.65
CA GLY A 5 9.91 16.40 -0.72
C GLY A 5 9.12 16.29 -2.02
N ASN A 6 9.38 15.22 -2.76
CA ASN A 6 8.68 15.00 -4.03
C ASN A 6 7.57 13.96 -3.87
N LEU A 7 7.88 12.87 -3.19
CA LEU A 7 6.91 11.80 -2.96
C LEU A 7 5.88 12.23 -1.92
N ASN A 8 6.12 13.37 -1.28
CA ASN A 8 5.23 13.89 -0.26
C ASN A 8 3.81 14.04 -0.80
N GLU A 9 3.69 14.53 -2.02
CA GLU A 9 2.39 14.71 -2.66
C GLU A 9 1.85 13.41 -3.21
N LEU A 10 2.75 12.46 -3.47
CA LEU A 10 2.37 11.16 -4.01
C LEU A 10 1.49 10.40 -3.02
N ALA A 11 1.61 10.75 -1.74
CA ALA A 11 0.83 10.09 -0.69
C ALA A 11 -0.59 10.64 -0.64
N LEU A 12 -0.76 11.90 -0.98
CA LEU A 12 -2.08 12.53 -0.97
C LEU A 12 -2.97 11.94 -2.06
N LYS A 13 -2.34 11.28 -3.03
CA LYS A 13 -3.07 10.65 -4.13
C LYS A 13 -3.66 9.30 -3.72
N LEU A 14 -2.90 8.54 -2.94
CA LEU A 14 -3.34 7.23 -2.48
C LEU A 14 -4.63 7.34 -1.66
N ALA A 15 -4.84 8.51 -1.08
CA ALA A 15 -6.03 8.75 -0.27
C ALA A 15 -7.30 8.44 -1.06
N GLY A 16 -7.24 8.64 -2.37
CA GLY A 16 -8.39 8.37 -3.22
C GLY A 16 -8.35 6.98 -3.82
N LEU A 17 -8.30 5.97 -2.96
CA LEU A 17 -8.27 4.58 -3.42
C LEU A 17 -9.14 3.70 -2.55
N ASP A 18 -10.32 3.37 -3.05
CA ASP A 18 -11.26 2.53 -2.32
C ASP A 18 -12.21 1.81 -3.27
N ILE A 19 -12.50 0.55 -2.97
CA ILE A 19 -13.40 -0.24 -3.81
C ILE A 19 -14.86 0.12 -3.54
N ASN A 20 -15.09 0.84 -2.45
CA ASN A 20 -16.44 1.27 -2.08
C ASN A 20 -16.41 2.61 -1.36
N LYS A 21 -17.32 3.50 -1.74
CA LYS A 21 -17.39 4.83 -1.13
C LYS A 21 -18.01 4.74 0.26
N THR A 22 -17.16 4.85 1.28
CA THR A 22 -17.62 4.79 2.66
C THR A 22 -17.86 6.18 3.23
N GLU A 23 -19.03 6.37 3.84
CA GLU A 23 -19.38 7.66 4.44
C GLU A 23 -18.58 7.91 5.71
N GLY A 24 -17.49 8.65 5.59
CA GLY A 24 -16.66 8.95 6.74
C GLY A 24 -15.32 9.56 6.35
N GLU A 25 -15.01 10.69 6.95
CA GLU A 25 -13.75 11.39 6.67
C GLU A 25 -12.78 11.26 7.83
N GLU A 26 -13.31 10.99 9.02
CA GLU A 26 -12.48 10.84 10.22
C GLU A 26 -11.59 9.61 10.10
N CYS A 27 -10.52 9.59 10.90
CA CYS A 27 -9.58 8.48 10.88
C CYS A 27 -9.14 8.13 12.30
N ILE B 1 10.18 -7.57 -13.76
CA ILE B 1 11.52 -7.04 -14.03
C ILE B 1 12.12 -6.32 -12.83
N SER B 2 11.49 -6.49 -11.67
CA SER B 2 12.02 -5.96 -10.41
C SER B 2 13.50 -6.30 -10.20
N GLY B 3 14.35 -5.28 -10.10
CA GLY B 3 15.77 -5.50 -9.91
C GLY B 3 16.57 -5.53 -11.21
N ALA B 4 15.91 -5.34 -12.35
CA ALA B 4 16.62 -5.29 -13.64
C ALA B 4 16.99 -3.85 -14.05
N MET B 5 16.49 -2.87 -13.30
CA MET B 5 16.84 -1.46 -13.48
C MET B 5 17.63 -0.91 -12.30
N HIS B 6 18.34 0.20 -12.55
CA HIS B 6 19.07 0.93 -11.51
C HIS B 6 18.07 1.60 -10.57
N GLU B 7 18.30 1.48 -9.26
CA GLU B 7 17.36 1.94 -8.24
C GLU B 7 16.72 3.29 -8.58
N GLU B 8 17.52 4.15 -9.19
CA GLU B 8 17.12 5.52 -9.52
C GLU B 8 16.13 5.56 -10.69
N ASP B 9 16.40 4.76 -11.71
CA ASP B 9 15.43 4.58 -12.80
C ASP B 9 14.16 3.90 -12.29
N GLU B 10 14.36 2.93 -11.40
CA GLU B 10 13.27 2.22 -10.77
C GLU B 10 12.29 3.19 -10.11
N LYS B 11 12.81 4.12 -9.34
CA LYS B 11 11.99 5.11 -8.64
C LYS B 11 11.10 5.87 -9.60
N ARG B 12 11.72 6.52 -10.59
CA ARG B 12 11.02 7.35 -11.58
C ARG B 12 9.96 6.56 -12.30
N PHE B 13 10.27 5.30 -12.53
CA PHE B 13 9.41 4.45 -13.33
C PHE B 13 8.18 4.02 -12.52
N LEU B 14 8.42 3.60 -11.28
CA LEU B 14 7.36 3.22 -10.37
C LEU B 14 6.48 4.38 -9.98
N VAL B 15 7.04 5.59 -9.89
CA VAL B 15 6.20 6.72 -9.55
C VAL B 15 5.22 6.98 -10.68
N THR B 16 5.67 6.76 -11.91
CA THR B 16 4.83 6.94 -13.09
C THR B 16 3.78 5.82 -13.23
N VAL B 17 4.16 4.61 -12.88
CA VAL B 17 3.29 3.46 -13.08
C VAL B 17 2.10 3.48 -12.13
N ILE B 18 2.36 3.83 -10.88
CA ILE B 18 1.32 3.78 -9.86
C ILE B 18 0.53 5.07 -9.67
N LYS B 19 1.12 6.21 -10.02
CA LYS B 19 0.41 7.49 -10.02
C LYS B 19 -0.75 7.40 -11.00
N ASP B 20 -0.52 6.68 -12.08
CA ASP B 20 -1.55 6.58 -13.11
C ASP B 20 -2.49 5.37 -12.96
N LEU B 21 -2.06 4.33 -12.25
CA LEU B 21 -2.97 3.24 -11.86
C LEU B 21 -3.94 3.76 -10.79
N LEU B 22 -3.42 4.47 -9.81
CA LEU B 22 -4.24 5.19 -8.87
C LEU B 22 -5.25 6.10 -9.61
N GLY B 23 -4.78 6.82 -10.61
CA GLY B 23 -5.63 7.72 -11.35
C GLY B 23 -6.69 6.96 -12.13
N LEU B 24 -6.28 5.83 -12.71
CA LEU B 24 -7.21 4.95 -13.41
C LEU B 24 -8.25 4.35 -12.45
N CYS B 25 -7.82 4.07 -11.22
CA CYS B 25 -8.68 3.41 -10.27
C CYS B 25 -9.87 4.29 -9.93
N GLU B 26 -9.59 5.55 -9.65
CA GLU B 26 -10.63 6.54 -9.43
C GLU B 26 -11.51 6.76 -10.68
N GLN B 27 -10.93 6.55 -11.86
CA GLN B 27 -11.63 6.75 -13.13
C GLN B 27 -12.70 5.70 -13.41
N LYS B 28 -12.29 4.44 -13.38
CA LYS B 28 -13.18 3.34 -13.69
C LYS B 28 -14.25 3.18 -12.60
N ARG B 29 -15.48 2.93 -13.02
CA ARG B 29 -16.56 2.72 -12.09
C ARG B 29 -16.79 1.23 -11.87
N GLY B 30 -17.46 0.91 -10.76
CA GLY B 30 -17.75 -0.47 -10.43
C GLY B 30 -16.65 -1.16 -9.65
N LYS B 31 -17.00 -1.62 -8.45
CA LYS B 31 -16.08 -2.36 -7.59
C LYS B 31 -15.33 -3.48 -8.33
N ASP B 32 -15.98 -4.15 -9.27
CA ASP B 32 -15.28 -5.13 -10.09
C ASP B 32 -14.01 -4.55 -10.69
N ASN B 33 -14.12 -3.39 -11.35
CA ASN B 33 -12.97 -2.70 -11.93
C ASN B 33 -11.99 -2.21 -10.88
N LYS B 34 -12.51 -1.60 -9.83
CA LYS B 34 -11.66 -0.99 -8.82
C LYS B 34 -10.89 -2.07 -8.06
N ALA B 35 -11.51 -3.23 -7.92
CA ALA B 35 -10.89 -4.37 -7.24
C ALA B 35 -9.73 -4.93 -8.06
N ILE B 36 -9.95 -5.12 -9.36
CA ILE B 36 -8.87 -5.50 -10.26
C ILE B 36 -7.73 -4.48 -10.24
N ILE B 37 -8.05 -3.22 -10.50
CA ILE B 37 -7.02 -2.19 -10.53
C ILE B 37 -6.26 -2.15 -9.19
N ALA B 38 -7.01 -2.15 -8.10
CA ALA B 38 -6.44 -2.13 -6.75
C ALA B 38 -5.50 -3.31 -6.46
N SER B 39 -5.91 -4.50 -6.87
CA SER B 39 -5.09 -5.69 -6.62
C SER B 39 -3.73 -5.56 -7.30
N ASN B 40 -3.75 -4.98 -8.50
CA ASN B 40 -2.58 -4.84 -9.34
C ASN B 40 -1.53 -3.85 -8.82
N ILE B 41 -1.99 -2.69 -8.41
CA ILE B 41 -1.14 -1.76 -7.71
C ILE B 41 -0.49 -2.50 -6.51
N MET B 42 -1.30 -3.25 -5.77
CA MET B 42 -0.76 -3.99 -4.63
C MET B 42 0.26 -5.05 -5.05
N TYR B 43 -0.03 -5.78 -6.12
CA TYR B 43 0.93 -6.75 -6.59
C TYR B 43 2.25 -6.05 -6.93
N ILE B 44 2.17 -4.96 -7.69
CA ILE B 44 3.33 -4.17 -8.08
C ILE B 44 4.16 -3.69 -6.89
N VAL B 45 3.56 -2.91 -6.02
CA VAL B 45 4.26 -2.49 -4.82
C VAL B 45 4.95 -3.69 -4.12
N GLY B 46 4.25 -4.81 -4.01
CA GLY B 46 4.78 -5.98 -3.33
C GLY B 46 6.09 -6.48 -3.93
N GLN B 47 6.25 -6.21 -5.23
CA GLN B 47 7.39 -6.69 -5.98
C GLN B 47 8.58 -5.76 -5.90
N TYR B 48 8.37 -4.58 -5.34
CA TYR B 48 9.43 -3.59 -5.26
C TYR B 48 9.78 -3.15 -3.84
N PRO B 49 10.20 -4.11 -2.99
CA PRO B 49 10.60 -3.75 -1.63
C PRO B 49 11.69 -2.68 -1.57
N ARG B 50 12.67 -2.74 -2.47
CA ARG B 50 13.80 -1.84 -2.41
C ARG B 50 13.33 -0.40 -2.43
N PHE B 51 12.41 -0.11 -3.36
CA PHE B 51 11.64 1.13 -3.38
C PHE B 51 11.02 1.46 -2.02
N LEU B 52 10.17 0.55 -1.52
CA LEU B 52 9.49 0.74 -0.24
C LEU B 52 10.49 1.02 0.85
N ARG B 53 11.53 0.20 0.90
CA ARG B 53 12.57 0.30 1.90
C ARG B 53 13.22 1.70 1.98
N ALA B 54 13.37 2.35 0.84
CA ALA B 54 14.01 3.66 0.82
C ALA B 54 13.02 4.79 1.10
N HIS B 55 11.72 4.50 1.08
CA HIS B 55 10.71 5.55 1.29
C HIS B 55 9.67 5.22 2.38
N TRP B 56 10.04 5.39 3.64
CA TRP B 56 9.16 5.02 4.78
C TRP B 56 7.73 5.58 4.74
N LYS B 57 7.61 6.88 4.47
CA LYS B 57 6.31 7.52 4.41
C LYS B 57 5.41 6.83 3.38
N PHE B 58 5.98 6.39 2.27
CA PHE B 58 5.18 5.65 1.31
C PHE B 58 4.88 4.21 1.80
N LEU B 59 5.91 3.53 2.31
CA LEU B 59 5.74 2.21 2.90
C LEU B 59 4.60 2.21 3.90
N LYS B 60 4.70 3.06 4.93
CA LYS B 60 3.64 3.18 5.96
C LYS B 60 2.23 3.37 5.37
N THR B 61 2.15 4.15 4.30
CA THR B 61 0.87 4.50 3.68
C THR B 61 0.29 3.29 2.95
N VAL B 62 1.15 2.54 2.30
CA VAL B 62 0.76 1.27 1.70
C VAL B 62 0.27 0.25 2.72
N VAL B 63 0.95 0.16 3.86
CA VAL B 63 0.59 -0.83 4.87
C VAL B 63 -0.74 -0.50 5.53
N ASN B 64 -0.84 0.75 6.00
CA ASN B 64 -2.13 1.25 6.48
C ASN B 64 -3.24 1.03 5.44
N LYS B 65 -2.91 1.19 4.16
CA LYS B 65 -3.92 1.02 3.11
C LYS B 65 -4.26 -0.45 2.95
N LEU B 66 -3.28 -1.30 3.19
CA LEU B 66 -3.47 -2.74 3.14
C LEU B 66 -4.38 -3.15 4.30
N PHE B 67 -4.23 -2.49 5.45
CA PHE B 67 -5.07 -2.77 6.61
C PHE B 67 -6.51 -2.39 6.32
N GLU B 68 -6.68 -1.27 5.62
CA GLU B 68 -8.03 -0.88 5.22
C GLU B 68 -8.69 -1.98 4.39
N PHE B 69 -8.02 -2.42 3.33
CA PHE B 69 -8.58 -3.41 2.44
C PHE B 69 -8.86 -4.78 3.12
N MET B 70 -8.40 -4.98 4.35
CA MET B 70 -8.66 -6.23 5.04
C MET B 70 -10.08 -6.24 5.56
N HIS B 71 -10.74 -5.11 5.38
CA HIS B 71 -12.16 -5.00 5.69
C HIS B 71 -13.01 -4.88 4.43
N GLU B 72 -12.34 -4.89 3.27
CA GLU B 72 -13.02 -4.84 1.98
C GLU B 72 -13.78 -6.13 1.74
N THR B 73 -15.05 -6.01 1.38
CA THR B 73 -15.87 -7.19 1.19
C THR B 73 -15.77 -7.76 -0.23
N HIS B 74 -15.36 -6.94 -1.20
CA HIS B 74 -15.35 -7.39 -2.58
C HIS B 74 -14.44 -8.60 -2.81
N ASP B 75 -15.01 -9.64 -3.43
CA ASP B 75 -14.36 -10.94 -3.57
C ASP B 75 -12.89 -10.83 -3.99
N GLY B 76 -12.00 -11.46 -3.21
CA GLY B 76 -10.59 -11.54 -3.55
C GLY B 76 -9.69 -10.50 -2.90
N VAL B 77 -10.20 -9.30 -2.71
CA VAL B 77 -9.41 -8.19 -2.20
C VAL B 77 -8.72 -8.52 -0.88
N GLN B 78 -9.47 -9.11 0.06
CA GLN B 78 -8.92 -9.47 1.35
C GLN B 78 -7.73 -10.43 1.25
N ASP B 79 -7.86 -11.41 0.37
CA ASP B 79 -6.75 -12.29 0.05
C ASP B 79 -5.57 -11.53 -0.55
N MET B 80 -5.84 -10.59 -1.44
CA MET B 80 -4.79 -9.74 -1.99
C MET B 80 -4.12 -8.95 -0.89
N ALA B 81 -4.92 -8.30 -0.06
CA ALA B 81 -4.40 -7.45 1.01
C ALA B 81 -3.46 -8.22 1.93
N CYS B 82 -3.84 -9.44 2.29
CA CYS B 82 -3.02 -10.21 3.22
C CYS B 82 -1.77 -10.76 2.55
N ASP B 83 -1.92 -11.22 1.31
CA ASP B 83 -0.80 -11.77 0.55
C ASP B 83 0.31 -10.75 0.35
N THR B 84 -0.06 -9.53 -0.03
CA THR B 84 0.85 -8.42 -0.19
C THR B 84 1.49 -8.08 1.14
N PHE B 85 0.69 -8.11 2.20
CA PHE B 85 1.17 -7.76 3.53
C PHE B 85 2.29 -8.69 3.97
N ILE B 86 2.24 -9.94 3.55
CA ILE B 86 3.24 -10.84 4.06
C ILE B 86 4.54 -10.65 3.29
N LYS B 87 4.43 -10.38 2.00
CA LYS B 87 5.59 -10.09 1.18
C LYS B 87 6.32 -8.91 1.80
N ILE B 88 5.57 -7.86 2.08
CA ILE B 88 6.10 -6.60 2.62
C ILE B 88 6.72 -6.78 4.01
N ALA B 89 6.05 -7.52 4.89
CA ALA B 89 6.59 -7.77 6.21
C ALA B 89 7.89 -8.58 6.16
N GLN B 90 7.98 -9.56 5.27
CA GLN B 90 9.25 -10.27 5.12
C GLN B 90 10.33 -9.29 4.64
N LYS B 91 10.21 -8.86 3.39
CA LYS B 91 11.17 -7.99 2.74
C LYS B 91 11.50 -6.66 3.46
N CYS B 92 10.60 -6.14 4.30
CA CYS B 92 10.86 -4.87 4.98
C CYS B 92 10.83 -4.96 6.49
N ARG B 93 11.09 -6.15 7.00
CA ARG B 93 10.95 -6.45 8.43
C ARG B 93 11.59 -5.43 9.40
N ARG B 94 12.76 -4.90 9.06
CA ARG B 94 13.48 -4.00 9.98
C ARG B 94 12.79 -2.65 10.15
N HIS B 95 12.15 -2.20 9.10
CA HIS B 95 11.55 -0.87 9.05
C HIS B 95 10.34 -0.76 9.96
N PHE B 96 9.96 -1.88 10.56
CA PHE B 96 8.76 -1.93 11.41
C PHE B 96 9.16 -1.98 12.87
N VAL B 97 10.42 -2.32 13.11
CA VAL B 97 10.95 -2.50 14.45
C VAL B 97 11.86 -1.32 14.85
N GLN B 98 12.41 -0.64 13.87
CA GLN B 98 13.21 0.54 14.19
C GLN B 98 12.43 1.84 13.94
N VAL B 99 12.60 2.80 14.85
CA VAL B 99 11.93 4.09 14.73
C VAL B 99 12.37 4.75 13.45
N GLN B 100 11.41 5.08 12.59
CA GLN B 100 11.70 5.68 11.29
C GLN B 100 11.66 7.20 11.40
N VAL B 101 12.14 7.89 10.38
CA VAL B 101 12.23 9.36 10.47
C VAL B 101 10.85 10.04 10.38
N GLY B 102 10.58 10.91 11.34
CA GLY B 102 9.29 11.55 11.43
C GLY B 102 8.34 10.79 12.33
N GLU B 103 8.84 9.76 13.00
CA GLU B 103 8.00 9.05 13.96
C GLU B 103 8.71 8.87 15.28
N VAL B 104 7.93 8.66 16.33
CA VAL B 104 8.43 8.58 17.68
C VAL B 104 8.50 7.13 18.19
N MET B 105 7.70 6.25 17.59
CA MET B 105 7.59 4.88 18.09
C MET B 105 7.59 3.85 16.97
N PRO B 106 8.24 2.71 17.20
CA PRO B 106 8.29 1.65 16.18
C PRO B 106 6.89 1.28 15.67
N PHE B 107 6.71 1.22 14.35
CA PHE B 107 5.40 1.00 13.75
C PHE B 107 4.75 -0.31 14.25
N ILE B 108 5.57 -1.32 14.56
CA ILE B 108 5.07 -2.58 15.08
C ILE B 108 4.11 -2.34 16.26
N ASP B 109 4.51 -1.45 17.16
CA ASP B 109 3.71 -1.05 18.30
C ASP B 109 2.29 -0.68 17.94
N GLU B 110 2.13 0.22 16.97
CA GLU B 110 0.79 0.62 16.55
C GLU B 110 0.02 -0.58 16.05
N ILE B 111 0.72 -1.48 15.36
CA ILE B 111 0.07 -2.69 14.86
C ILE B 111 -0.45 -3.59 16.01
N LEU B 112 0.42 -3.84 16.99
CA LEU B 112 0.09 -4.71 18.12
C LEU B 112 -1.05 -4.19 18.97
N ASN B 113 -1.20 -2.87 19.03
CA ASN B 113 -2.26 -2.26 19.81
C ASN B 113 -3.64 -2.25 19.14
N ASN B 114 -3.71 -2.84 17.96
CA ASN B 114 -4.90 -2.82 17.13
C ASN B 114 -5.14 -4.12 16.38
N ILE B 115 -4.47 -5.18 16.79
CA ILE B 115 -4.61 -6.43 16.06
C ILE B 115 -6.08 -6.72 15.79
N ASN B 116 -6.90 -6.58 16.83
CA ASN B 116 -8.30 -6.91 16.69
C ASN B 116 -9.04 -6.03 15.68
N THR B 117 -8.92 -4.72 15.82
CA THR B 117 -9.59 -3.83 14.88
C THR B 117 -9.18 -4.14 13.45
N ILE B 118 -7.94 -4.60 13.24
CA ILE B 118 -7.46 -4.90 11.90
C ILE B 118 -7.93 -6.24 11.33
N ILE B 119 -7.90 -7.30 12.14
CA ILE B 119 -8.28 -8.61 11.60
C ILE B 119 -9.78 -8.93 11.67
N CYS B 120 -10.53 -8.04 12.32
CA CYS B 120 -12.00 -8.18 12.51
C CYS B 120 -12.73 -9.09 11.56
N ASP B 121 -12.58 -8.76 10.27
CA ASP B 121 -13.43 -9.28 9.22
C ASP B 121 -12.76 -10.43 8.50
N LEU B 122 -11.49 -10.67 8.82
CA LEU B 122 -10.70 -11.66 8.10
C LEU B 122 -11.14 -13.10 8.42
N GLN B 123 -11.04 -13.99 7.44
CA GLN B 123 -11.33 -15.41 7.65
C GLN B 123 -10.15 -16.04 8.38
N PRO B 124 -10.35 -17.21 8.99
CA PRO B 124 -9.28 -17.88 9.73
C PRO B 124 -7.93 -17.98 9.02
N GLN B 125 -7.96 -18.33 7.75
CA GLN B 125 -6.73 -18.56 7.02
C GLN B 125 -5.96 -17.24 6.87
N GLN B 126 -6.70 -16.18 6.54
CA GLN B 126 -6.12 -14.85 6.39
C GLN B 126 -5.54 -14.36 7.71
N VAL B 127 -6.23 -14.66 8.81
CA VAL B 127 -5.72 -14.29 10.13
C VAL B 127 -4.35 -14.94 10.39
N GLY A 1 23.03 19.82 -6.66
CA GLY A 1 23.06 18.62 -5.79
C GLY A 1 21.93 18.61 -4.78
N SER A 2 20.82 19.26 -5.13
CA SER A 2 19.66 19.32 -4.25
C SER A 2 18.51 18.51 -4.82
N ALA A 3 18.50 17.21 -4.54
CA ALA A 3 17.45 16.32 -5.03
C ALA A 3 17.29 15.11 -4.11
N SER A 4 16.71 15.33 -2.95
CA SER A 4 16.50 14.26 -1.98
C SER A 4 15.01 14.06 -1.70
N GLY A 5 14.35 15.11 -1.23
CA GLY A 5 12.93 15.03 -0.93
C GLY A 5 12.07 15.49 -2.09
N ASN A 6 11.18 14.62 -2.54
CA ASN A 6 10.27 14.94 -3.64
C ASN A 6 9.11 13.95 -3.70
N LEU A 7 9.36 12.71 -3.27
CA LEU A 7 8.33 11.68 -3.27
C LEU A 7 7.40 11.81 -2.07
N ASN A 8 7.78 12.69 -1.14
CA ASN A 8 6.98 12.92 0.06
C ASN A 8 5.55 13.33 -0.29
N GLU A 9 5.39 14.04 -1.41
CA GLU A 9 4.07 14.48 -1.84
C GLU A 9 3.29 13.36 -2.51
N LEU A 10 4.00 12.35 -3.00
CA LEU A 10 3.37 11.22 -3.67
C LEU A 10 2.54 10.40 -2.68
N ALA A 11 2.70 10.69 -1.40
CA ALA A 11 1.98 9.98 -0.35
C ALA A 11 0.54 10.47 -0.24
N LEU A 12 0.36 11.78 -0.27
CA LEU A 12 -0.97 12.38 -0.17
C LEU A 12 -1.85 11.96 -1.34
N LYS A 13 -1.22 11.41 -2.38
CA LYS A 13 -1.95 10.97 -3.56
C LYS A 13 -2.61 9.62 -3.33
N LEU A 14 -1.93 8.73 -2.61
CA LEU A 14 -2.45 7.41 -2.32
C LEU A 14 -3.76 7.49 -1.53
N ALA A 15 -4.00 8.65 -0.93
CA ALA A 15 -5.22 8.86 -0.14
C ALA A 15 -6.46 8.54 -0.96
N GLY A 16 -6.35 8.68 -2.28
CA GLY A 16 -7.46 8.41 -3.16
C GLY A 16 -7.43 6.98 -3.68
N LEU A 17 -8.08 6.07 -2.95
CA LEU A 17 -8.13 4.67 -3.34
C LEU A 17 -9.20 3.93 -2.55
N ASP A 18 -10.42 3.95 -3.07
CA ASP A 18 -11.55 3.27 -2.42
C ASP A 18 -12.40 2.54 -3.45
N ILE A 19 -12.70 1.27 -3.15
CA ILE A 19 -13.50 0.44 -4.05
C ILE A 19 -14.99 0.69 -3.84
N ASN A 20 -15.36 1.04 -2.61
CA ASN A 20 -16.75 1.29 -2.27
C ASN A 20 -17.20 2.68 -2.71
N LYS A 21 -16.23 3.58 -2.91
CA LYS A 21 -16.53 4.94 -3.33
C LYS A 21 -17.20 4.96 -4.70
N THR A 22 -18.36 5.61 -4.78
CA THR A 22 -19.10 5.71 -6.03
C THR A 22 -20.02 6.93 -6.03
N GLU A 23 -20.48 7.30 -4.84
CA GLU A 23 -21.36 8.44 -4.69
C GLU A 23 -20.72 9.53 -3.84
N GLY A 24 -20.74 10.76 -4.32
CA GLY A 24 -20.16 11.86 -3.59
C GLY A 24 -19.02 12.53 -4.34
N GLU A 25 -19.21 13.79 -4.70
CA GLU A 25 -18.19 14.54 -5.42
C GLU A 25 -17.17 15.14 -4.47
N GLU A 26 -15.90 14.79 -4.67
CA GLU A 26 -14.82 15.30 -3.84
C GLU A 26 -13.59 15.61 -4.67
N CYS A 27 -13.30 14.74 -5.65
CA CYS A 27 -12.15 14.92 -6.52
C CYS A 27 -12.56 15.54 -7.85
N ILE B 1 10.18 -7.57 -13.76
CA ILE B 1 11.52 -7.04 -14.03
C ILE B 1 12.12 -6.32 -12.83
N SER B 2 11.49 -6.49 -11.67
CA SER B 2 12.03 -5.96 -10.41
C SER B 2 13.50 -6.30 -10.20
N GLY B 3 14.35 -5.28 -10.10
CA GLY B 3 15.77 -5.50 -9.91
C GLY B 3 16.57 -5.53 -11.21
N ALA B 4 15.91 -5.34 -12.35
CA ALA B 4 16.62 -5.29 -13.64
C ALA B 4 16.99 -3.85 -14.05
N MET B 5 16.49 -2.87 -13.30
CA MET B 5 16.84 -1.46 -13.48
C MET B 5 17.63 -0.91 -12.30
N HIS B 6 18.34 0.20 -12.55
CA HIS B 6 19.07 0.93 -11.51
C HIS B 6 18.07 1.60 -10.57
N GLU B 7 18.30 1.48 -9.26
CA GLU B 7 17.36 1.94 -8.24
C GLU B 7 16.73 3.29 -8.58
N GLU B 8 17.52 4.15 -9.19
CA GLU B 8 17.12 5.52 -9.52
C GLU B 8 16.13 5.56 -10.69
N ASP B 9 16.40 4.76 -11.71
CA ASP B 9 15.43 4.58 -12.80
C ASP B 9 14.16 3.90 -12.29
N GLU B 10 14.36 2.93 -11.40
CA GLU B 10 13.27 2.22 -10.77
C GLU B 10 12.29 3.19 -10.11
N LYS B 11 12.81 4.12 -9.33
CA LYS B 11 11.99 5.11 -8.64
C LYS B 11 11.10 5.87 -9.60
N ARG B 12 11.72 6.52 -10.59
CA ARG B 12 11.03 7.35 -11.58
C ARG B 12 9.96 6.56 -12.30
N PHE B 13 10.27 5.30 -12.53
CA PHE B 13 9.41 4.45 -13.33
C PHE B 13 8.18 4.02 -12.52
N LEU B 14 8.42 3.60 -11.28
CA LEU B 14 7.36 3.22 -10.37
C LEU B 14 6.48 4.38 -9.98
N VAL B 15 7.04 5.59 -9.89
CA VAL B 15 6.20 6.72 -9.55
C VAL B 15 5.22 6.98 -10.68
N THR B 16 5.67 6.76 -11.91
CA THR B 16 4.83 6.94 -13.09
C THR B 16 3.78 5.82 -13.23
N VAL B 17 4.16 4.61 -12.88
CA VAL B 17 3.29 3.46 -13.08
C VAL B 17 2.10 3.48 -12.13
N ILE B 18 2.36 3.83 -10.88
CA ILE B 18 1.32 3.78 -9.86
C ILE B 18 0.53 5.07 -9.67
N LYS B 19 1.12 6.21 -10.01
CA LYS B 19 0.41 7.49 -10.02
C LYS B 19 -0.75 7.40 -11.00
N ASP B 20 -0.52 6.68 -12.08
CA ASP B 20 -1.55 6.58 -13.11
C ASP B 20 -2.49 5.37 -12.96
N LEU B 21 -2.06 4.33 -12.25
CA LEU B 21 -2.97 3.23 -11.85
C LEU B 21 -3.94 3.75 -10.80
N LEU B 22 -3.42 4.47 -9.81
CA LEU B 22 -4.24 5.19 -8.87
C LEU B 22 -5.25 6.10 -9.61
N GLY B 23 -4.78 6.82 -10.61
CA GLY B 23 -5.63 7.72 -11.35
C GLY B 23 -6.69 6.96 -12.13
N LEU B 24 -6.28 5.83 -12.71
CA LEU B 24 -7.21 4.95 -13.41
C LEU B 24 -8.25 4.35 -12.45
N CYS B 25 -7.82 4.07 -11.22
CA CYS B 25 -8.68 3.41 -10.27
C CYS B 25 -9.87 4.29 -9.93
N GLU B 26 -9.59 5.55 -9.65
CA GLU B 26 -10.63 6.54 -9.43
C GLU B 26 -11.51 6.76 -10.68
N GLN B 27 -10.93 6.55 -11.86
CA GLN B 27 -11.63 6.76 -13.12
C GLN B 27 -12.70 5.70 -13.41
N LYS B 28 -12.29 4.44 -13.38
CA LYS B 28 -13.18 3.34 -13.69
C LYS B 28 -14.25 3.18 -12.60
N ARG B 29 -15.48 2.93 -13.02
CA ARG B 29 -16.56 2.72 -12.09
C ARG B 29 -16.79 1.23 -11.87
N GLY B 30 -17.46 0.91 -10.76
CA GLY B 30 -17.75 -0.47 -10.43
C GLY B 30 -16.65 -1.16 -9.65
N LYS B 31 -17.00 -1.62 -8.45
CA LYS B 31 -16.08 -2.36 -7.59
C LYS B 31 -15.33 -3.48 -8.33
N ASP B 32 -15.98 -4.15 -9.27
CA ASP B 32 -15.28 -5.13 -10.09
C ASP B 32 -14.01 -4.55 -10.69
N ASN B 33 -14.12 -3.39 -11.34
CA ASN B 33 -12.97 -2.70 -11.93
C ASN B 33 -11.99 -2.21 -10.88
N LYS B 34 -12.51 -1.60 -9.83
CA LYS B 34 -11.66 -0.99 -8.82
C LYS B 34 -10.88 -2.07 -8.07
N ALA B 35 -11.51 -3.23 -7.92
CA ALA B 35 -10.89 -4.37 -7.24
C ALA B 35 -9.73 -4.93 -8.06
N ILE B 36 -9.95 -5.12 -9.36
CA ILE B 36 -8.87 -5.50 -10.26
C ILE B 36 -7.73 -4.48 -10.24
N ILE B 37 -8.05 -3.22 -10.50
CA ILE B 37 -7.02 -2.19 -10.53
C ILE B 37 -6.26 -2.15 -9.19
N ALA B 38 -7.01 -2.15 -8.10
CA ALA B 38 -6.44 -2.13 -6.75
C ALA B 38 -5.50 -3.31 -6.46
N SER B 39 -5.91 -4.50 -6.87
CA SER B 39 -5.09 -5.69 -6.62
C SER B 39 -3.73 -5.56 -7.30
N ASN B 40 -3.75 -4.98 -8.50
CA ASN B 40 -2.58 -4.84 -9.34
C ASN B 40 -1.53 -3.85 -8.82
N ILE B 41 -1.99 -2.69 -8.41
CA ILE B 41 -1.14 -1.76 -7.71
C ILE B 41 -0.49 -2.50 -6.51
N MET B 42 -1.30 -3.25 -5.77
CA MET B 42 -0.75 -3.99 -4.63
C MET B 42 0.26 -5.05 -5.05
N TYR B 43 -0.03 -5.78 -6.12
CA TYR B 43 0.93 -6.75 -6.59
C TYR B 43 2.25 -6.05 -6.93
N ILE B 44 2.17 -4.96 -7.69
CA ILE B 44 3.33 -4.17 -8.08
C ILE B 44 4.16 -3.69 -6.89
N VAL B 45 3.56 -2.91 -6.02
CA VAL B 45 4.26 -2.49 -4.82
C VAL B 45 4.95 -3.69 -4.12
N GLY B 46 4.25 -4.81 -4.01
CA GLY B 46 4.78 -5.98 -3.33
C GLY B 46 6.09 -6.48 -3.93
N GLN B 47 6.25 -6.21 -5.23
CA GLN B 47 7.39 -6.69 -5.98
C GLN B 47 8.58 -5.76 -5.90
N TYR B 48 8.37 -4.58 -5.34
CA TYR B 48 9.43 -3.59 -5.26
C TYR B 48 9.78 -3.15 -3.84
N PRO B 49 10.20 -4.11 -2.99
CA PRO B 49 10.60 -3.75 -1.63
C PRO B 49 11.69 -2.68 -1.57
N ARG B 50 12.67 -2.75 -2.46
CA ARG B 50 13.80 -1.84 -2.41
C ARG B 50 13.33 -0.40 -2.43
N PHE B 51 12.41 -0.11 -3.36
CA PHE B 51 11.64 1.13 -3.38
C PHE B 51 11.01 1.45 -2.02
N LEU B 52 10.17 0.55 -1.52
CA LEU B 52 9.49 0.74 -0.24
C LEU B 52 10.49 1.02 0.85
N ARG B 53 11.53 0.19 0.90
CA ARG B 53 12.57 0.30 1.90
C ARG B 53 13.22 1.70 1.98
N ALA B 54 13.37 2.35 0.84
CA ALA B 54 14.01 3.66 0.82
C ALA B 54 13.02 4.79 1.10
N HIS B 55 11.72 4.50 1.08
CA HIS B 55 10.71 5.55 1.29
C HIS B 55 9.67 5.22 2.38
N TRP B 56 10.05 5.39 3.64
CA TRP B 56 9.16 5.02 4.78
C TRP B 56 7.73 5.58 4.74
N LYS B 57 7.61 6.88 4.47
CA LYS B 57 6.31 7.52 4.41
C LYS B 57 5.41 6.83 3.38
N PHE B 58 5.98 6.39 2.27
CA PHE B 58 5.18 5.65 1.31
C PHE B 58 4.88 4.21 1.80
N LEU B 59 5.91 3.53 2.31
CA LEU B 59 5.74 2.21 2.90
C LEU B 59 4.60 2.21 3.90
N LYS B 60 4.70 3.06 4.93
CA LYS B 60 3.65 3.17 5.95
C LYS B 60 2.23 3.37 5.37
N THR B 61 2.15 4.15 4.30
CA THR B 61 0.87 4.50 3.68
C THR B 61 0.29 3.29 2.95
N VAL B 62 1.15 2.54 2.30
CA VAL B 62 0.76 1.27 1.70
C VAL B 62 0.27 0.25 2.72
N VAL B 63 0.95 0.16 3.86
CA VAL B 63 0.59 -0.83 4.87
C VAL B 63 -0.73 -0.49 5.54
N ASN B 64 -0.84 0.75 6.00
CA ASN B 64 -2.13 1.25 6.48
C ASN B 64 -3.24 1.03 5.44
N LYS B 65 -2.91 1.19 4.16
CA LYS B 65 -3.92 1.02 3.11
C LYS B 65 -4.26 -0.45 2.95
N LEU B 66 -3.28 -1.30 3.19
CA LEU B 66 -3.47 -2.74 3.14
C LEU B 66 -4.38 -3.15 4.31
N PHE B 67 -4.23 -2.49 5.45
CA PHE B 67 -5.07 -2.77 6.61
C PHE B 67 -6.50 -2.39 6.32
N GLU B 68 -6.68 -1.27 5.62
CA GLU B 68 -8.03 -0.88 5.22
C GLU B 68 -8.69 -1.98 4.39
N PHE B 69 -8.02 -2.42 3.33
CA PHE B 69 -8.58 -3.41 2.44
C PHE B 69 -8.86 -4.78 3.12
N MET B 70 -8.40 -4.98 4.35
CA MET B 70 -8.66 -6.23 5.04
C MET B 70 -10.08 -6.24 5.56
N HIS B 71 -10.74 -5.11 5.38
CA HIS B 71 -12.16 -5.00 5.69
C HIS B 71 -13.01 -4.88 4.43
N GLU B 72 -12.34 -4.89 3.27
CA GLU B 72 -13.02 -4.84 1.98
C GLU B 72 -13.78 -6.13 1.74
N THR B 73 -15.05 -6.01 1.38
CA THR B 73 -15.87 -7.19 1.19
C THR B 73 -15.77 -7.76 -0.23
N HIS B 74 -15.36 -6.94 -1.20
CA HIS B 74 -15.35 -7.39 -2.58
C HIS B 74 -14.44 -8.60 -2.81
N ASP B 75 -15.01 -9.64 -3.43
CA ASP B 75 -14.36 -10.94 -3.57
C ASP B 75 -12.89 -10.83 -3.99
N GLY B 76 -12.00 -11.46 -3.21
CA GLY B 76 -10.59 -11.54 -3.55
C GLY B 76 -9.69 -10.50 -2.90
N VAL B 77 -10.20 -9.30 -2.71
CA VAL B 77 -9.41 -8.18 -2.19
C VAL B 77 -8.73 -8.51 -0.87
N GLN B 78 -9.47 -9.11 0.05
CA GLN B 78 -8.92 -9.47 1.36
C GLN B 78 -7.73 -10.43 1.25
N ASP B 79 -7.86 -11.41 0.37
CA ASP B 79 -6.75 -12.29 0.05
C ASP B 79 -5.57 -11.53 -0.55
N MET B 80 -5.84 -10.59 -1.44
CA MET B 80 -4.79 -9.74 -1.99
C MET B 80 -4.12 -8.95 -0.89
N ALA B 81 -4.92 -8.30 -0.06
CA ALA B 81 -4.41 -7.45 1.01
C ALA B 81 -3.46 -8.23 1.93
N CYS B 82 -3.84 -9.44 2.29
CA CYS B 82 -3.02 -10.21 3.21
C CYS B 82 -1.77 -10.76 2.55
N ASP B 83 -1.92 -11.22 1.31
CA ASP B 83 -0.80 -11.77 0.55
C ASP B 83 0.31 -10.75 0.35
N THR B 84 -0.06 -9.53 -0.03
CA THR B 84 0.85 -8.42 -0.19
C THR B 84 1.49 -8.08 1.14
N PHE B 85 0.69 -8.11 2.20
CA PHE B 85 1.17 -7.76 3.53
C PHE B 85 2.29 -8.69 3.97
N ILE B 86 2.24 -9.94 3.55
CA ILE B 86 3.24 -10.84 4.06
C ILE B 86 4.54 -10.65 3.29
N LYS B 87 4.42 -10.38 1.99
CA LYS B 87 5.59 -10.09 1.18
C LYS B 87 6.32 -8.91 1.81
N ILE B 88 5.57 -7.86 2.08
CA ILE B 88 6.10 -6.61 2.62
C ILE B 88 6.72 -6.78 4.01
N ALA B 89 6.05 -7.52 4.89
CA ALA B 89 6.59 -7.77 6.21
C ALA B 89 7.89 -8.58 6.16
N GLN B 90 7.98 -9.56 5.27
CA GLN B 90 9.25 -10.27 5.12
C GLN B 90 10.33 -9.29 4.64
N LYS B 91 10.21 -8.86 3.39
CA LYS B 91 11.17 -7.99 2.74
C LYS B 91 11.50 -6.66 3.46
N CYS B 92 10.60 -6.14 4.30
CA CYS B 92 10.86 -4.87 4.98
C CYS B 92 10.83 -4.96 6.49
N ARG B 93 11.09 -6.15 7.00
CA ARG B 93 10.95 -6.45 8.43
C ARG B 93 11.59 -5.43 9.40
N ARG B 94 12.76 -4.90 9.06
CA ARG B 94 13.48 -4.00 9.98
C ARG B 94 12.79 -2.65 10.15
N HIS B 95 12.15 -2.20 9.10
CA HIS B 95 11.55 -0.87 9.05
C HIS B 95 10.34 -0.76 9.96
N PHE B 96 9.96 -1.88 10.56
CA PHE B 96 8.76 -1.93 11.41
C PHE B 96 9.16 -1.98 12.87
N VAL B 97 10.42 -2.32 13.11
CA VAL B 97 10.95 -2.50 14.45
C VAL B 97 11.86 -1.32 14.85
N GLN B 98 12.41 -0.64 13.87
CA GLN B 98 13.21 0.54 14.19
C GLN B 98 12.43 1.84 13.94
N VAL B 99 12.60 2.80 14.85
CA VAL B 99 11.93 4.09 14.73
C VAL B 99 12.37 4.74 13.45
N GLN B 100 11.41 5.08 12.59
CA GLN B 100 11.70 5.68 11.29
C GLN B 100 11.66 7.20 11.40
N VAL B 101 12.14 7.89 10.38
CA VAL B 101 12.23 9.36 10.47
C VAL B 101 10.85 10.04 10.38
N GLY B 102 10.58 10.91 11.34
CA GLY B 102 9.29 11.55 11.43
C GLY B 102 8.34 10.79 12.33
N GLU B 103 8.84 9.76 13.00
CA GLU B 103 8.00 9.05 13.96
C GLU B 103 8.71 8.87 15.28
N VAL B 104 7.93 8.66 16.33
CA VAL B 104 8.43 8.58 17.68
C VAL B 104 8.50 7.13 18.19
N MET B 105 7.70 6.25 17.59
CA MET B 105 7.59 4.88 18.09
C MET B 105 7.59 3.85 16.97
N PRO B 106 8.24 2.71 17.20
CA PRO B 106 8.29 1.65 16.18
C PRO B 106 6.89 1.28 15.67
N PHE B 107 6.71 1.22 14.35
CA PHE B 107 5.40 1.00 13.75
C PHE B 107 4.75 -0.31 14.25
N ILE B 108 5.57 -1.32 14.56
CA ILE B 108 5.07 -2.58 15.08
C ILE B 108 4.11 -2.34 16.26
N ASP B 109 4.51 -1.45 17.16
CA ASP B 109 3.71 -1.05 18.30
C ASP B 109 2.29 -0.68 17.94
N GLU B 110 2.13 0.22 16.97
CA GLU B 110 0.79 0.62 16.55
C GLU B 110 0.02 -0.58 16.05
N ILE B 111 0.72 -1.48 15.36
CA ILE B 111 0.07 -2.69 14.86
C ILE B 111 -0.45 -3.59 16.01
N LEU B 112 0.42 -3.84 16.99
CA LEU B 112 0.09 -4.71 18.12
C LEU B 112 -1.05 -4.19 18.97
N ASN B 113 -1.20 -2.87 19.03
CA ASN B 113 -2.26 -2.26 19.81
C ASN B 113 -3.64 -2.25 19.14
N ASN B 114 -3.71 -2.84 17.96
CA ASN B 114 -4.90 -2.82 17.13
C ASN B 114 -5.14 -4.12 16.38
N ILE B 115 -4.47 -5.18 16.79
CA ILE B 115 -4.61 -6.43 16.06
C ILE B 115 -6.08 -6.72 15.79
N ASN B 116 -6.90 -6.58 16.83
CA ASN B 116 -8.30 -6.90 16.69
C ASN B 116 -9.04 -6.03 15.68
N THR B 117 -8.92 -4.72 15.82
CA THR B 117 -9.59 -3.83 14.88
C THR B 117 -9.18 -4.14 13.45
N ILE B 118 -7.94 -4.60 13.25
CA ILE B 118 -7.46 -4.90 11.90
C ILE B 118 -7.93 -6.24 11.33
N ILE B 119 -7.90 -7.30 12.14
CA ILE B 119 -8.28 -8.61 11.60
C ILE B 119 -9.78 -8.93 11.67
N CYS B 120 -10.53 -8.04 12.32
CA CYS B 120 -12.00 -8.17 12.51
C CYS B 120 -12.73 -9.09 11.56
N ASP B 121 -12.58 -8.76 10.27
CA ASP B 121 -13.43 -9.28 9.22
C ASP B 121 -12.76 -10.43 8.50
N LEU B 122 -11.49 -10.67 8.82
CA LEU B 122 -10.70 -11.65 8.09
C LEU B 122 -11.14 -13.10 8.42
N GLN B 123 -11.04 -13.99 7.44
CA GLN B 123 -11.33 -15.41 7.65
C GLN B 123 -10.15 -16.04 8.38
N PRO B 124 -10.35 -17.21 8.99
CA PRO B 124 -9.28 -17.88 9.73
C PRO B 124 -7.93 -17.98 9.02
N GLN B 125 -7.96 -18.33 7.75
CA GLN B 125 -6.72 -18.55 7.02
C GLN B 125 -5.96 -17.24 6.87
N GLN B 126 -6.70 -16.18 6.54
CA GLN B 126 -6.12 -14.85 6.39
C GLN B 126 -5.54 -14.36 7.71
N VAL B 127 -6.23 -14.66 8.81
CA VAL B 127 -5.72 -14.29 10.13
C VAL B 127 -4.35 -14.94 10.39
N GLY A 1 20.87 6.98 -2.50
CA GLY A 1 19.74 7.59 -1.74
C GLY A 1 19.06 8.71 -2.52
N SER A 2 19.85 9.48 -3.26
CA SER A 2 19.32 10.57 -4.06
C SER A 2 18.58 11.58 -3.19
N ALA A 3 17.85 12.49 -3.82
CA ALA A 3 17.08 13.50 -3.11
C ALA A 3 15.78 12.92 -2.57
N SER A 4 14.91 13.81 -2.07
CA SER A 4 13.62 13.39 -1.53
C SER A 4 12.69 14.60 -1.41
N GLY A 5 12.94 15.62 -2.22
CA GLY A 5 12.12 16.82 -2.18
C GLY A 5 11.06 16.83 -3.28
N ASN A 6 10.82 15.65 -3.86
CA ASN A 6 9.83 15.53 -4.92
C ASN A 6 9.07 14.21 -4.82
N LEU A 7 9.72 13.21 -4.22
CA LEU A 7 9.12 11.89 -4.06
C LEU A 7 8.03 11.92 -2.99
N ASN A 8 8.04 12.97 -2.17
CA ASN A 8 7.07 13.12 -1.09
C ASN A 8 5.73 13.67 -1.61
N GLU A 9 5.81 14.62 -2.53
CA GLU A 9 4.61 15.24 -3.09
C GLU A 9 3.78 14.22 -3.87
N LEU A 10 4.43 13.49 -4.77
CA LEU A 10 3.74 12.48 -5.57
C LEU A 10 3.22 11.32 -4.71
N ALA A 11 3.63 11.30 -3.45
CA ALA A 11 3.22 10.25 -2.53
C ALA A 11 1.81 10.50 -2.01
N LEU A 12 1.31 11.72 -2.22
CA LEU A 12 -0.02 12.10 -1.77
C LEU A 12 -1.10 11.34 -2.55
N LYS A 13 -0.67 10.65 -3.60
CA LYS A 13 -1.59 9.88 -4.44
C LYS A 13 -1.99 8.56 -3.77
N LEU A 14 -1.02 7.92 -3.13
CA LEU A 14 -1.27 6.64 -2.45
C LEU A 14 -2.36 6.79 -1.40
N ALA A 15 -2.41 7.94 -0.74
CA ALA A 15 -3.40 8.20 0.29
C ALA A 15 -4.82 8.11 -0.28
N GLY A 16 -4.93 8.09 -1.60
CA GLY A 16 -6.23 8.02 -2.24
C GLY A 16 -6.43 6.71 -3.00
N LEU A 17 -7.24 5.82 -2.43
CA LEU A 17 -7.52 4.53 -3.05
C LEU A 17 -8.70 3.85 -2.36
N ASP A 18 -9.76 3.62 -3.12
CA ASP A 18 -10.96 2.98 -2.58
C ASP A 18 -11.71 2.23 -3.67
N ILE A 19 -12.24 1.06 -3.31
CA ILE A 19 -12.98 0.24 -4.26
C ILE A 19 -14.48 0.57 -4.21
N ASN A 20 -14.90 1.23 -3.13
CA ASN A 20 -16.31 1.60 -2.96
C ASN A 20 -16.44 2.95 -2.26
N LYS A 21 -16.74 3.99 -3.04
CA LYS A 21 -16.88 5.34 -2.51
C LYS A 21 -17.39 6.29 -3.59
N THR A 22 -18.28 7.19 -3.20
CA THR A 22 -18.84 8.17 -4.14
C THR A 22 -18.03 9.46 -4.14
N GLU A 23 -16.71 9.32 -4.12
CA GLU A 23 -15.82 10.48 -4.11
C GLU A 23 -15.21 10.70 -5.49
N GLY A 24 -15.72 11.69 -6.22
CA GLY A 24 -15.21 11.99 -7.54
C GLY A 24 -15.49 13.42 -7.95
N GLU A 25 -14.48 14.27 -7.86
CA GLU A 25 -14.63 15.68 -8.22
C GLU A 25 -13.34 16.24 -8.81
N GLU A 26 -13.28 17.56 -8.95
CA GLU A 26 -12.10 18.22 -9.51
C GLU A 26 -10.88 18.00 -8.60
N CYS A 27 -9.83 17.44 -9.17
CA CYS A 27 -8.61 17.18 -8.42
C CYS A 27 -7.39 17.20 -9.34
N ILE B 1 10.18 -7.57 -13.76
CA ILE B 1 11.52 -7.04 -14.03
C ILE B 1 12.12 -6.32 -12.83
N SER B 2 11.49 -6.49 -11.67
CA SER B 2 12.03 -5.95 -10.42
C SER B 2 13.50 -6.30 -10.20
N GLY B 3 14.35 -5.28 -10.10
CA GLY B 3 15.77 -5.50 -9.91
C GLY B 3 16.57 -5.53 -11.21
N ALA B 4 15.91 -5.34 -12.35
CA ALA B 4 16.62 -5.29 -13.64
C ALA B 4 16.99 -3.85 -14.05
N MET B 5 16.49 -2.87 -13.30
CA MET B 5 16.84 -1.47 -13.48
C MET B 5 17.63 -0.91 -12.30
N HIS B 6 18.34 0.20 -12.55
CA HIS B 6 19.07 0.93 -11.51
C HIS B 6 18.07 1.60 -10.57
N GLU B 7 18.30 1.48 -9.25
CA GLU B 7 17.36 1.94 -8.24
C GLU B 7 16.72 3.29 -8.58
N GLU B 8 17.52 4.15 -9.19
CA GLU B 8 17.12 5.52 -9.52
C GLU B 8 16.13 5.56 -10.69
N ASP B 9 16.40 4.76 -11.71
CA ASP B 9 15.43 4.58 -12.80
C ASP B 9 14.16 3.90 -12.29
N GLU B 10 14.36 2.93 -11.40
CA GLU B 10 13.27 2.22 -10.77
C GLU B 10 12.29 3.19 -10.11
N LYS B 11 12.81 4.12 -9.33
CA LYS B 11 11.99 5.11 -8.64
C LYS B 11 11.10 5.87 -9.60
N ARG B 12 11.73 6.53 -10.59
CA ARG B 12 11.03 7.35 -11.58
C ARG B 12 9.96 6.56 -12.30
N PHE B 13 10.27 5.30 -12.53
CA PHE B 13 9.41 4.45 -13.33
C PHE B 13 8.18 4.02 -12.52
N LEU B 14 8.42 3.60 -11.28
CA LEU B 14 7.36 3.22 -10.37
C LEU B 14 6.48 4.38 -9.98
N VAL B 15 7.04 5.59 -9.89
CA VAL B 15 6.20 6.72 -9.55
C VAL B 15 5.22 6.98 -10.68
N THR B 16 5.67 6.76 -11.91
CA THR B 16 4.83 6.94 -13.09
C THR B 16 3.78 5.82 -13.23
N VAL B 17 4.16 4.61 -12.88
CA VAL B 17 3.29 3.46 -13.08
C VAL B 17 2.10 3.48 -12.13
N ILE B 18 2.36 3.83 -10.88
CA ILE B 18 1.32 3.78 -9.86
C ILE B 18 0.53 5.07 -9.67
N LYS B 19 1.12 6.21 -10.01
CA LYS B 19 0.41 7.49 -10.02
C LYS B 19 -0.75 7.40 -11.00
N ASP B 20 -0.52 6.68 -12.08
CA ASP B 20 -1.55 6.58 -13.11
C ASP B 20 -2.49 5.37 -12.96
N LEU B 21 -2.06 4.33 -12.25
CA LEU B 21 -2.97 3.23 -11.85
C LEU B 21 -3.94 3.76 -10.79
N LEU B 22 -3.42 4.47 -9.81
CA LEU B 22 -4.24 5.19 -8.87
C LEU B 22 -5.25 6.10 -9.61
N GLY B 23 -4.78 6.82 -10.61
CA GLY B 23 -5.63 7.72 -11.35
C GLY B 23 -6.69 6.96 -12.13
N LEU B 24 -6.28 5.83 -12.71
CA LEU B 24 -7.21 4.95 -13.41
C LEU B 24 -8.25 4.35 -12.45
N CYS B 25 -7.82 4.07 -11.22
CA CYS B 25 -8.68 3.41 -10.27
C CYS B 25 -9.87 4.29 -9.93
N GLU B 26 -9.59 5.55 -9.65
CA GLU B 26 -10.64 6.55 -9.43
C GLU B 26 -11.51 6.76 -10.68
N GLN B 27 -10.93 6.55 -11.86
CA GLN B 27 -11.63 6.76 -13.12
C GLN B 27 -12.70 5.70 -13.41
N LYS B 28 -12.29 4.44 -13.38
CA LYS B 28 -13.18 3.33 -13.68
C LYS B 28 -14.25 3.17 -12.60
N ARG B 29 -15.48 2.93 -13.02
CA ARG B 29 -16.56 2.72 -12.09
C ARG B 29 -16.79 1.23 -11.87
N GLY B 30 -17.46 0.91 -10.76
CA GLY B 30 -17.75 -0.47 -10.43
C GLY B 30 -16.65 -1.16 -9.65
N LYS B 31 -17.00 -1.62 -8.45
CA LYS B 31 -16.08 -2.36 -7.59
C LYS B 31 -15.33 -3.48 -8.33
N ASP B 32 -15.98 -4.15 -9.27
CA ASP B 32 -15.28 -5.13 -10.09
C ASP B 32 -14.01 -4.55 -10.69
N ASN B 33 -14.12 -3.39 -11.35
CA ASN B 33 -12.97 -2.70 -11.93
C ASN B 33 -11.99 -2.21 -10.88
N LYS B 34 -12.51 -1.60 -9.83
CA LYS B 34 -11.66 -0.99 -8.82
C LYS B 34 -10.89 -2.06 -8.07
N ALA B 35 -11.51 -3.23 -7.92
CA ALA B 35 -10.89 -4.37 -7.24
C ALA B 35 -9.73 -4.93 -8.06
N ILE B 36 -9.95 -5.12 -9.36
CA ILE B 36 -8.88 -5.51 -10.26
C ILE B 36 -7.73 -4.48 -10.24
N ILE B 37 -8.05 -3.22 -10.50
CA ILE B 37 -7.02 -2.19 -10.53
C ILE B 37 -6.26 -2.15 -9.19
N ALA B 38 -7.01 -2.15 -8.10
CA ALA B 38 -6.44 -2.13 -6.75
C ALA B 38 -5.50 -3.31 -6.46
N SER B 39 -5.91 -4.50 -6.87
CA SER B 39 -5.09 -5.69 -6.62
C SER B 39 -3.73 -5.56 -7.30
N ASN B 40 -3.75 -4.98 -8.50
CA ASN B 40 -2.58 -4.84 -9.34
C ASN B 40 -1.53 -3.85 -8.82
N ILE B 41 -1.99 -2.69 -8.41
CA ILE B 41 -1.14 -1.76 -7.71
C ILE B 41 -0.49 -2.50 -6.51
N MET B 42 -1.30 -3.25 -5.77
CA MET B 42 -0.76 -3.99 -4.63
C MET B 42 0.26 -5.05 -5.05
N TYR B 43 -0.03 -5.78 -6.12
CA TYR B 43 0.93 -6.75 -6.59
C TYR B 43 2.25 -6.05 -6.93
N ILE B 44 2.17 -4.96 -7.69
CA ILE B 44 3.33 -4.17 -8.08
C ILE B 44 4.16 -3.69 -6.89
N VAL B 45 3.56 -2.91 -6.02
CA VAL B 45 4.26 -2.49 -4.82
C VAL B 45 4.95 -3.69 -4.12
N GLY B 46 4.25 -4.81 -4.01
CA GLY B 46 4.78 -5.98 -3.33
C GLY B 46 6.09 -6.48 -3.93
N GLN B 47 6.25 -6.21 -5.23
CA GLN B 47 7.39 -6.69 -5.98
C GLN B 47 8.58 -5.76 -5.90
N TYR B 48 8.37 -4.58 -5.34
CA TYR B 48 9.43 -3.59 -5.26
C TYR B 48 9.78 -3.15 -3.84
N PRO B 49 10.20 -4.11 -2.99
CA PRO B 49 10.60 -3.75 -1.63
C PRO B 49 11.69 -2.68 -1.57
N ARG B 50 12.67 -2.75 -2.46
CA ARG B 50 13.80 -1.84 -2.41
C ARG B 50 13.33 -0.40 -2.43
N PHE B 51 12.41 -0.11 -3.36
CA PHE B 51 11.64 1.13 -3.38
C PHE B 51 11.02 1.46 -2.02
N LEU B 52 10.17 0.55 -1.52
CA LEU B 52 9.49 0.74 -0.24
C LEU B 52 10.49 1.01 0.85
N ARG B 53 11.53 0.19 0.89
CA ARG B 53 12.57 0.30 1.90
C ARG B 53 13.22 1.70 1.98
N ALA B 54 13.37 2.35 0.84
CA ALA B 54 14.01 3.66 0.82
C ALA B 54 13.02 4.79 1.10
N HIS B 55 11.72 4.50 1.08
CA HIS B 55 10.71 5.55 1.29
C HIS B 55 9.67 5.22 2.38
N TRP B 56 10.04 5.39 3.64
CA TRP B 56 9.16 5.02 4.78
C TRP B 56 7.73 5.58 4.74
N LYS B 57 7.61 6.88 4.47
CA LYS B 57 6.30 7.52 4.41
C LYS B 57 5.41 6.83 3.38
N PHE B 58 5.98 6.39 2.27
CA PHE B 58 5.18 5.65 1.31
C PHE B 58 4.88 4.21 1.80
N LEU B 59 5.90 3.53 2.31
CA LEU B 59 5.74 2.21 2.90
C LEU B 59 4.60 2.21 3.90
N LYS B 60 4.70 3.06 4.93
CA LYS B 60 3.65 3.18 5.94
C LYS B 60 2.23 3.37 5.37
N THR B 61 2.15 4.15 4.30
CA THR B 61 0.87 4.50 3.68
C THR B 61 0.29 3.29 2.95
N VAL B 62 1.15 2.54 2.30
CA VAL B 62 0.76 1.27 1.70
C VAL B 62 0.27 0.25 2.72
N VAL B 63 0.95 0.16 3.86
CA VAL B 63 0.59 -0.83 4.87
C VAL B 63 -0.74 -0.50 5.53
N ASN B 64 -0.84 0.75 6.00
CA ASN B 64 -2.13 1.25 6.48
C ASN B 64 -3.24 1.03 5.44
N LYS B 65 -2.91 1.19 4.16
CA LYS B 65 -3.92 1.02 3.11
C LYS B 65 -4.26 -0.45 2.95
N LEU B 66 -3.28 -1.30 3.19
CA LEU B 66 -3.47 -2.74 3.14
C LEU B 66 -4.38 -3.15 4.30
N PHE B 67 -4.23 -2.49 5.45
CA PHE B 67 -5.07 -2.77 6.61
C PHE B 67 -6.50 -2.39 6.32
N GLU B 68 -6.68 -1.27 5.62
CA GLU B 68 -8.03 -0.88 5.23
C GLU B 68 -8.69 -1.98 4.39
N PHE B 69 -8.02 -2.42 3.33
CA PHE B 69 -8.58 -3.41 2.44
C PHE B 69 -8.86 -4.78 3.12
N MET B 70 -8.40 -4.98 4.35
CA MET B 70 -8.66 -6.23 5.04
C MET B 70 -10.08 -6.24 5.56
N HIS B 71 -10.74 -5.11 5.38
CA HIS B 71 -12.16 -5.00 5.69
C HIS B 71 -13.01 -4.88 4.43
N GLU B 72 -12.34 -4.89 3.27
CA GLU B 72 -13.02 -4.84 1.98
C GLU B 72 -13.78 -6.13 1.74
N THR B 73 -15.05 -6.01 1.38
CA THR B 73 -15.87 -7.19 1.19
C THR B 73 -15.77 -7.76 -0.23
N HIS B 74 -15.36 -6.94 -1.20
CA HIS B 74 -15.35 -7.39 -2.58
C HIS B 74 -14.45 -8.61 -2.80
N ASP B 75 -15.01 -9.64 -3.43
CA ASP B 75 -14.36 -10.94 -3.57
C ASP B 75 -12.89 -10.83 -3.99
N GLY B 76 -12.00 -11.46 -3.21
CA GLY B 76 -10.59 -11.54 -3.55
C GLY B 76 -9.69 -10.50 -2.90
N VAL B 77 -10.20 -9.30 -2.71
CA VAL B 77 -9.41 -8.18 -2.19
C VAL B 77 -8.73 -8.51 -0.87
N GLN B 78 -9.47 -9.11 0.06
CA GLN B 78 -8.92 -9.47 1.35
C GLN B 78 -7.73 -10.43 1.25
N ASP B 79 -7.86 -11.41 0.37
CA ASP B 79 -6.75 -12.29 0.05
C ASP B 79 -5.57 -11.53 -0.55
N MET B 80 -5.84 -10.59 -1.44
CA MET B 80 -4.79 -9.74 -1.99
C MET B 80 -4.12 -8.95 -0.89
N ALA B 81 -4.92 -8.30 -0.06
CA ALA B 81 -4.41 -7.45 1.01
C ALA B 81 -3.46 -8.23 1.93
N CYS B 82 -3.84 -9.44 2.29
CA CYS B 82 -3.02 -10.21 3.22
C CYS B 82 -1.77 -10.76 2.55
N ASP B 83 -1.92 -11.22 1.31
CA ASP B 83 -0.80 -11.77 0.55
C ASP B 83 0.31 -10.75 0.35
N THR B 84 -0.06 -9.53 -0.03
CA THR B 84 0.85 -8.42 -0.19
C THR B 84 1.49 -8.08 1.14
N PHE B 85 0.69 -8.11 2.20
CA PHE B 85 1.17 -7.76 3.53
C PHE B 85 2.29 -8.69 3.97
N ILE B 86 2.24 -9.94 3.55
CA ILE B 86 3.24 -10.84 4.06
C ILE B 86 4.54 -10.65 3.29
N LYS B 87 4.43 -10.38 2.00
CA LYS B 87 5.59 -10.09 1.18
C LYS B 87 6.32 -8.91 1.80
N ILE B 88 5.57 -7.86 2.08
CA ILE B 88 6.10 -6.60 2.62
C ILE B 88 6.72 -6.78 4.01
N ALA B 89 6.05 -7.52 4.89
CA ALA B 89 6.59 -7.77 6.21
C ALA B 89 7.89 -8.58 6.16
N GLN B 90 7.98 -9.56 5.27
CA GLN B 90 9.25 -10.27 5.12
C GLN B 90 10.33 -9.29 4.64
N LYS B 91 10.21 -8.86 3.39
CA LYS B 91 11.17 -7.99 2.74
C LYS B 91 11.50 -6.66 3.46
N CYS B 92 10.60 -6.14 4.30
CA CYS B 92 10.86 -4.87 4.98
C CYS B 92 10.83 -4.96 6.49
N ARG B 93 11.09 -6.15 7.00
CA ARG B 93 10.95 -6.45 8.43
C ARG B 93 11.59 -5.43 9.40
N ARG B 94 12.76 -4.90 9.06
CA ARG B 94 13.48 -4.00 9.98
C ARG B 94 12.79 -2.65 10.15
N HIS B 95 12.15 -2.20 9.10
CA HIS B 95 11.55 -0.87 9.05
C HIS B 95 10.34 -0.76 9.96
N PHE B 96 9.96 -1.88 10.56
CA PHE B 96 8.76 -1.93 11.41
C PHE B 96 9.16 -1.98 12.87
N VAL B 97 10.42 -2.32 13.11
CA VAL B 97 10.95 -2.50 14.45
C VAL B 97 11.86 -1.32 14.85
N GLN B 98 12.41 -0.64 13.87
CA GLN B 98 13.21 0.54 14.19
C GLN B 98 12.43 1.84 13.94
N VAL B 99 12.60 2.80 14.85
CA VAL B 99 11.93 4.09 14.73
C VAL B 99 12.37 4.75 13.45
N GLN B 100 11.41 5.08 12.59
CA GLN B 100 11.70 5.68 11.29
C GLN B 100 11.66 7.20 11.40
N VAL B 101 12.14 7.89 10.38
CA VAL B 101 12.23 9.36 10.47
C VAL B 101 10.85 10.04 10.38
N GLY B 102 10.58 10.91 11.34
CA GLY B 102 9.29 11.55 11.43
C GLY B 102 8.34 10.79 12.33
N GLU B 103 8.84 9.76 13.00
CA GLU B 103 8.00 9.05 13.96
C GLU B 103 8.72 8.87 15.28
N VAL B 104 7.93 8.66 16.33
CA VAL B 104 8.43 8.58 17.68
C VAL B 104 8.50 7.13 18.19
N MET B 105 7.70 6.25 17.59
CA MET B 105 7.59 4.88 18.09
C MET B 105 7.59 3.85 16.97
N PRO B 106 8.24 2.71 17.20
CA PRO B 106 8.29 1.65 16.18
C PRO B 106 6.89 1.28 15.67
N PHE B 107 6.71 1.22 14.35
CA PHE B 107 5.40 1.00 13.75
C PHE B 107 4.75 -0.31 14.25
N ILE B 108 5.57 -1.32 14.56
CA ILE B 108 5.07 -2.58 15.08
C ILE B 108 4.11 -2.34 16.26
N ASP B 109 4.51 -1.45 17.16
CA ASP B 109 3.71 -1.05 18.30
C ASP B 109 2.28 -0.68 17.94
N GLU B 110 2.13 0.22 16.97
CA GLU B 110 0.79 0.62 16.55
C GLU B 110 0.02 -0.58 16.05
N ILE B 111 0.72 -1.48 15.36
CA ILE B 111 0.07 -2.69 14.86
C ILE B 111 -0.45 -3.59 16.01
N LEU B 112 0.42 -3.84 16.99
CA LEU B 112 0.09 -4.71 18.12
C LEU B 112 -1.05 -4.19 18.97
N ASN B 113 -1.20 -2.87 19.03
CA ASN B 113 -2.26 -2.26 19.81
C ASN B 113 -3.64 -2.25 19.14
N ASN B 114 -3.71 -2.84 17.96
CA ASN B 114 -4.90 -2.82 17.13
C ASN B 114 -5.14 -4.12 16.38
N ILE B 115 -4.47 -5.18 16.79
CA ILE B 115 -4.61 -6.44 16.06
C ILE B 115 -6.08 -6.72 15.79
N ASN B 116 -6.90 -6.58 16.83
CA ASN B 116 -8.30 -6.91 16.69
C ASN B 116 -9.04 -6.03 15.68
N THR B 117 -8.92 -4.72 15.82
CA THR B 117 -9.59 -3.83 14.88
C THR B 117 -9.18 -4.15 13.45
N ILE B 118 -7.94 -4.60 13.24
CA ILE B 118 -7.46 -4.90 11.90
C ILE B 118 -7.93 -6.24 11.33
N ILE B 119 -7.90 -7.30 12.14
CA ILE B 119 -8.28 -8.61 11.60
C ILE B 119 -9.78 -8.93 11.67
N CYS B 120 -10.53 -8.04 12.32
CA CYS B 120 -12.00 -8.18 12.50
C CYS B 120 -12.73 -9.09 11.56
N ASP B 121 -12.58 -8.76 10.27
CA ASP B 121 -13.43 -9.28 9.22
C ASP B 121 -12.76 -10.43 8.50
N LEU B 122 -11.49 -10.67 8.82
CA LEU B 122 -10.70 -11.65 8.09
C LEU B 122 -11.14 -13.10 8.42
N GLN B 123 -11.04 -13.99 7.44
CA GLN B 123 -11.33 -15.41 7.65
C GLN B 123 -10.15 -16.04 8.38
N PRO B 124 -10.35 -17.21 8.99
CA PRO B 124 -9.28 -17.88 9.73
C PRO B 124 -7.93 -17.98 9.02
N GLN B 125 -7.96 -18.33 7.75
CA GLN B 125 -6.73 -18.56 7.02
C GLN B 125 -5.96 -17.24 6.87
N GLN B 126 -6.70 -16.18 6.54
CA GLN B 126 -6.12 -14.85 6.39
C GLN B 126 -5.54 -14.37 7.71
N VAL B 127 -6.23 -14.66 8.81
CA VAL B 127 -5.72 -14.29 10.13
C VAL B 127 -4.35 -14.94 10.39
N GLY A 1 14.99 14.72 5.23
CA GLY A 1 16.21 15.56 5.39
C GLY A 1 16.90 15.85 4.08
N SER A 2 16.25 16.64 3.23
CA SER A 2 16.80 17.00 1.93
C SER A 2 17.09 15.75 1.10
N ALA A 3 16.41 14.65 1.45
CA ALA A 3 16.58 13.38 0.74
C ALA A 3 15.85 13.40 -0.60
N SER A 4 14.79 14.20 -0.68
CA SER A 4 14.02 14.32 -1.92
C SER A 4 13.07 15.51 -1.84
N GLY A 5 12.00 15.37 -1.08
CA GLY A 5 11.03 16.45 -0.95
C GLY A 5 10.12 16.55 -2.15
N ASN A 6 9.75 15.41 -2.72
CA ASN A 6 8.87 15.38 -3.88
C ASN A 6 8.01 14.11 -3.87
N LEU A 7 8.54 13.05 -3.24
CA LEU A 7 7.84 11.80 -3.15
C LEU A 7 6.82 11.81 -2.01
N ASN A 8 6.94 12.79 -1.12
CA ASN A 8 6.04 12.91 0.03
C ASN A 8 4.59 13.11 -0.41
N GLU A 9 4.39 13.84 -1.50
CA GLU A 9 3.05 14.10 -2.01
C GLU A 9 2.45 12.87 -2.67
N LEU A 10 3.31 11.98 -3.13
CA LEU A 10 2.86 10.75 -3.79
C LEU A 10 2.15 9.82 -2.81
N ALA A 11 2.42 10.02 -1.53
CA ALA A 11 1.83 9.19 -0.48
C ALA A 11 0.41 9.63 -0.15
N LEU A 12 0.17 10.94 -0.20
CA LEU A 12 -1.15 11.50 0.11
C LEU A 12 -2.20 10.96 -0.85
N LYS A 13 -1.78 10.66 -2.08
CA LYS A 13 -2.70 10.14 -3.10
C LYS A 13 -3.03 8.67 -2.85
N LEU A 14 -2.06 7.92 -2.34
CA LEU A 14 -2.27 6.50 -2.07
C LEU A 14 -3.41 6.28 -1.08
N ALA A 15 -3.44 7.10 -0.02
CA ALA A 15 -4.49 7.00 0.99
C ALA A 15 -5.87 7.24 0.41
N GLY A 16 -5.91 7.69 -0.84
CA GLY A 16 -7.17 7.95 -1.49
C GLY A 16 -7.59 6.85 -2.45
N LEU A 17 -7.55 5.61 -1.97
CA LEU A 17 -7.92 4.45 -2.78
C LEU A 17 -9.12 3.75 -2.18
N ASP A 18 -10.29 3.92 -2.80
CA ASP A 18 -11.52 3.30 -2.32
C ASP A 18 -12.23 2.56 -3.43
N ILE A 19 -12.69 1.34 -3.12
CA ILE A 19 -13.40 0.52 -4.09
C ILE A 19 -14.90 0.77 -4.02
N ASN A 20 -15.38 1.14 -2.83
CA ASN A 20 -16.80 1.42 -2.63
C ASN A 20 -17.26 2.60 -3.49
N LYS A 21 -16.88 3.80 -3.10
CA LYS A 21 -17.25 5.01 -3.82
C LYS A 21 -16.50 6.22 -3.29
N THR A 22 -17.05 7.41 -3.52
CA THR A 22 -16.45 8.67 -3.07
C THR A 22 -15.12 8.93 -3.79
N GLU A 23 -15.01 10.11 -4.39
CA GLU A 23 -13.80 10.50 -5.10
C GLU A 23 -13.55 11.99 -4.96
N GLY A 24 -12.31 12.41 -5.21
CA GLY A 24 -11.95 13.81 -5.10
C GLY A 24 -11.05 14.27 -6.23
N GLU A 25 -11.64 14.99 -7.19
CA GLU A 25 -10.89 15.50 -8.33
C GLU A 25 -11.02 17.02 -8.43
N GLU A 26 -9.89 17.71 -8.40
CA GLU A 26 -9.89 19.17 -8.49
C GLU A 26 -9.50 19.63 -9.89
N CYS A 27 -10.18 20.66 -10.38
CA CYS A 27 -9.91 21.20 -11.70
C CYS A 27 -9.27 22.58 -11.61
N ILE B 1 10.18 -7.57 -13.76
CA ILE B 1 11.52 -7.04 -14.03
C ILE B 1 12.12 -6.32 -12.83
N SER B 2 11.49 -6.49 -11.67
CA SER B 2 12.02 -5.96 -10.41
C SER B 2 13.50 -6.30 -10.20
N GLY B 3 14.35 -5.28 -10.10
CA GLY B 3 15.77 -5.50 -9.91
C GLY B 3 16.57 -5.53 -11.21
N ALA B 4 15.91 -5.34 -12.35
CA ALA B 4 16.62 -5.29 -13.64
C ALA B 4 16.99 -3.85 -14.05
N MET B 5 16.49 -2.87 -13.30
CA MET B 5 16.84 -1.46 -13.48
C MET B 5 17.63 -0.91 -12.30
N HIS B 6 18.34 0.20 -12.55
CA HIS B 6 19.07 0.93 -11.51
C HIS B 6 18.07 1.60 -10.57
N GLU B 7 18.30 1.48 -9.25
CA GLU B 7 17.36 1.94 -8.24
C GLU B 7 16.72 3.29 -8.58
N GLU B 8 17.52 4.15 -9.19
CA GLU B 8 17.12 5.52 -9.52
C GLU B 8 16.13 5.56 -10.69
N ASP B 9 16.40 4.76 -11.71
CA ASP B 9 15.43 4.58 -12.80
C ASP B 9 14.16 3.90 -12.29
N GLU B 10 14.36 2.93 -11.40
CA GLU B 10 13.27 2.22 -10.77
C GLU B 10 12.29 3.19 -10.11
N LYS B 11 12.81 4.12 -9.33
CA LYS B 11 11.99 5.11 -8.64
C LYS B 11 11.10 5.87 -9.60
N ARG B 12 11.72 6.52 -10.59
CA ARG B 12 11.03 7.35 -11.58
C ARG B 12 9.96 6.56 -12.30
N PHE B 13 10.27 5.30 -12.53
CA PHE B 13 9.41 4.45 -13.33
C PHE B 13 8.18 4.02 -12.52
N LEU B 14 8.42 3.60 -11.28
CA LEU B 14 7.36 3.22 -10.37
C LEU B 14 6.48 4.38 -9.98
N VAL B 15 7.04 5.59 -9.89
CA VAL B 15 6.20 6.72 -9.55
C VAL B 15 5.22 6.98 -10.68
N THR B 16 5.67 6.76 -11.91
CA THR B 16 4.83 6.94 -13.09
C THR B 16 3.78 5.82 -13.23
N VAL B 17 4.16 4.61 -12.88
CA VAL B 17 3.29 3.46 -13.08
C VAL B 17 2.10 3.48 -12.13
N ILE B 18 2.36 3.83 -10.88
CA ILE B 18 1.32 3.78 -9.86
C ILE B 18 0.53 5.07 -9.67
N LYS B 19 1.12 6.21 -10.02
CA LYS B 19 0.41 7.49 -10.02
C LYS B 19 -0.75 7.40 -11.00
N ASP B 20 -0.52 6.69 -12.09
CA ASP B 20 -1.55 6.58 -13.11
C ASP B 20 -2.49 5.37 -12.96
N LEU B 21 -2.06 4.33 -12.25
CA LEU B 21 -2.97 3.23 -11.85
C LEU B 21 -3.94 3.75 -10.80
N LEU B 22 -3.43 4.47 -9.81
CA LEU B 22 -4.24 5.19 -8.87
C LEU B 22 -5.25 6.10 -9.61
N GLY B 23 -4.78 6.82 -10.61
CA GLY B 23 -5.63 7.72 -11.35
C GLY B 23 -6.69 6.96 -12.13
N LEU B 24 -6.28 5.83 -12.71
CA LEU B 24 -7.21 4.95 -13.41
C LEU B 24 -8.25 4.35 -12.45
N CYS B 25 -7.82 4.07 -11.22
CA CYS B 25 -8.68 3.41 -10.27
C CYS B 25 -9.87 4.29 -9.93
N GLU B 26 -9.59 5.55 -9.65
CA GLU B 26 -10.63 6.54 -9.43
C GLU B 26 -11.51 6.76 -10.68
N GLN B 27 -10.93 6.55 -11.86
CA GLN B 27 -11.63 6.76 -13.12
C GLN B 27 -12.70 5.70 -13.41
N LYS B 28 -12.29 4.44 -13.38
CA LYS B 28 -13.18 3.34 -13.69
C LYS B 28 -14.25 3.18 -12.60
N ARG B 29 -15.48 2.93 -13.02
CA ARG B 29 -16.56 2.72 -12.09
C ARG B 29 -16.79 1.23 -11.87
N GLY B 30 -17.46 0.91 -10.76
CA GLY B 30 -17.75 -0.47 -10.43
C GLY B 30 -16.65 -1.16 -9.65
N LYS B 31 -17.00 -1.62 -8.45
CA LYS B 31 -16.08 -2.36 -7.59
C LYS B 31 -15.33 -3.48 -8.33
N ASP B 32 -15.98 -4.15 -9.27
CA ASP B 32 -15.28 -5.13 -10.09
C ASP B 32 -14.01 -4.55 -10.69
N ASN B 33 -14.12 -3.39 -11.35
CA ASN B 33 -12.97 -2.70 -11.93
C ASN B 33 -11.99 -2.21 -10.88
N LYS B 34 -12.51 -1.60 -9.83
CA LYS B 34 -11.66 -0.99 -8.82
C LYS B 34 -10.89 -2.07 -8.06
N ALA B 35 -11.51 -3.23 -7.92
CA ALA B 35 -10.89 -4.37 -7.24
C ALA B 35 -9.73 -4.93 -8.06
N ILE B 36 -9.95 -5.12 -9.36
CA ILE B 36 -8.88 -5.51 -10.26
C ILE B 36 -7.73 -4.48 -10.24
N ILE B 37 -8.05 -3.22 -10.50
CA ILE B 37 -7.02 -2.19 -10.53
C ILE B 37 -6.26 -2.15 -9.19
N ALA B 38 -7.01 -2.15 -8.10
CA ALA B 38 -6.44 -2.13 -6.75
C ALA B 38 -5.50 -3.31 -6.46
N SER B 39 -5.91 -4.50 -6.87
CA SER B 39 -5.09 -5.69 -6.62
C SER B 39 -3.73 -5.56 -7.30
N ASN B 40 -3.75 -4.98 -8.50
CA ASN B 40 -2.58 -4.84 -9.34
C ASN B 40 -1.53 -3.85 -8.82
N ILE B 41 -1.99 -2.69 -8.41
CA ILE B 41 -1.14 -1.76 -7.71
C ILE B 41 -0.49 -2.50 -6.51
N MET B 42 -1.30 -3.25 -5.77
CA MET B 42 -0.76 -3.99 -4.63
C MET B 42 0.26 -5.05 -5.05
N TYR B 43 -0.03 -5.78 -6.12
CA TYR B 43 0.93 -6.75 -6.59
C TYR B 43 2.25 -6.05 -6.93
N ILE B 44 2.17 -4.96 -7.69
CA ILE B 44 3.33 -4.17 -8.08
C ILE B 44 4.16 -3.69 -6.89
N VAL B 45 3.56 -2.91 -6.02
CA VAL B 45 4.26 -2.49 -4.82
C VAL B 45 4.95 -3.69 -4.12
N GLY B 46 4.25 -4.81 -4.01
CA GLY B 46 4.78 -5.98 -3.33
C GLY B 46 6.09 -6.48 -3.93
N GLN B 47 6.25 -6.21 -5.23
CA GLN B 47 7.39 -6.69 -5.98
C GLN B 47 8.58 -5.76 -5.90
N TYR B 48 8.37 -4.58 -5.34
CA TYR B 48 9.43 -3.59 -5.26
C TYR B 48 9.78 -3.15 -3.84
N PRO B 49 10.20 -4.11 -2.99
CA PRO B 49 10.60 -3.75 -1.63
C PRO B 49 11.69 -2.68 -1.57
N ARG B 50 12.67 -2.75 -2.46
CA ARG B 50 13.80 -1.84 -2.41
C ARG B 50 13.33 -0.40 -2.43
N PHE B 51 12.41 -0.11 -3.36
CA PHE B 51 11.64 1.13 -3.38
C PHE B 51 11.02 1.46 -2.02
N LEU B 52 10.17 0.55 -1.52
CA LEU B 52 9.49 0.74 -0.24
C LEU B 52 10.49 1.02 0.85
N ARG B 53 11.53 0.19 0.90
CA ARG B 53 12.57 0.30 1.90
C ARG B 53 13.22 1.70 1.98
N ALA B 54 13.37 2.35 0.84
CA ALA B 54 14.01 3.66 0.82
C ALA B 54 13.02 4.79 1.10
N HIS B 55 11.72 4.50 1.08
CA HIS B 55 10.71 5.55 1.29
C HIS B 55 9.67 5.22 2.38
N TRP B 56 10.05 5.39 3.64
CA TRP B 56 9.16 5.02 4.78
C TRP B 56 7.73 5.58 4.74
N LYS B 57 7.61 6.88 4.47
CA LYS B 57 6.31 7.52 4.41
C LYS B 57 5.41 6.83 3.38
N PHE B 58 5.98 6.39 2.27
CA PHE B 58 5.17 5.64 1.31
C PHE B 58 4.88 4.21 1.80
N LEU B 59 5.90 3.53 2.31
CA LEU B 59 5.74 2.21 2.90
C LEU B 59 4.60 2.21 3.90
N LYS B 60 4.70 3.06 4.93
CA LYS B 60 3.65 3.18 5.94
C LYS B 60 2.23 3.37 5.37
N THR B 61 2.15 4.15 4.30
CA THR B 61 0.87 4.50 3.68
C THR B 61 0.29 3.29 2.95
N VAL B 62 1.15 2.54 2.30
CA VAL B 62 0.76 1.27 1.70
C VAL B 62 0.27 0.25 2.72
N VAL B 63 0.95 0.16 3.86
CA VAL B 63 0.59 -0.83 4.87
C VAL B 63 -0.73 -0.49 5.53
N ASN B 64 -0.84 0.75 6.00
CA ASN B 64 -2.13 1.25 6.48
C ASN B 64 -3.24 1.03 5.44
N LYS B 65 -2.91 1.19 4.16
CA LYS B 65 -3.92 1.02 3.11
C LYS B 65 -4.26 -0.45 2.95
N LEU B 66 -3.28 -1.30 3.19
CA LEU B 66 -3.47 -2.74 3.14
C LEU B 66 -4.38 -3.15 4.31
N PHE B 67 -4.23 -2.49 5.45
CA PHE B 67 -5.07 -2.77 6.61
C PHE B 67 -6.50 -2.39 6.32
N GLU B 68 -6.68 -1.27 5.62
CA GLU B 68 -8.03 -0.88 5.23
C GLU B 68 -8.69 -1.98 4.39
N PHE B 69 -8.02 -2.42 3.33
CA PHE B 69 -8.59 -3.41 2.44
C PHE B 69 -8.86 -4.78 3.12
N MET B 70 -8.40 -4.98 4.35
CA MET B 70 -8.66 -6.23 5.04
C MET B 70 -10.08 -6.24 5.56
N HIS B 71 -10.74 -5.11 5.38
CA HIS B 71 -12.16 -5.00 5.69
C HIS B 71 -13.01 -4.88 4.43
N GLU B 72 -12.34 -4.89 3.27
CA GLU B 72 -13.02 -4.84 1.98
C GLU B 72 -13.78 -6.13 1.74
N THR B 73 -15.05 -6.01 1.38
CA THR B 73 -15.87 -7.19 1.19
C THR B 73 -15.77 -7.76 -0.23
N HIS B 74 -15.36 -6.94 -1.20
CA HIS B 74 -15.35 -7.39 -2.58
C HIS B 74 -14.44 -8.60 -2.81
N ASP B 75 -15.01 -9.64 -3.43
CA ASP B 75 -14.36 -10.93 -3.58
C ASP B 75 -12.89 -10.83 -3.99
N GLY B 76 -12.00 -11.46 -3.21
CA GLY B 76 -10.59 -11.54 -3.55
C GLY B 76 -9.69 -10.50 -2.90
N VAL B 77 -10.20 -9.30 -2.71
CA VAL B 77 -9.41 -8.19 -2.20
C VAL B 77 -8.72 -8.52 -0.88
N GLN B 78 -9.47 -9.11 0.06
CA GLN B 78 -8.92 -9.47 1.35
C GLN B 78 -7.73 -10.43 1.25
N ASP B 79 -7.86 -11.41 0.37
CA ASP B 79 -6.75 -12.29 0.05
C ASP B 79 -5.57 -11.53 -0.55
N MET B 80 -5.84 -10.59 -1.44
CA MET B 80 -4.79 -9.74 -1.99
C MET B 80 -4.12 -8.95 -0.89
N ALA B 81 -4.93 -8.30 -0.05
CA ALA B 81 -4.40 -7.45 1.01
C ALA B 81 -3.46 -8.23 1.93
N CYS B 82 -3.84 -9.44 2.29
CA CYS B 82 -3.02 -10.21 3.21
C CYS B 82 -1.77 -10.76 2.55
N ASP B 83 -1.92 -11.22 1.31
CA ASP B 83 -0.80 -11.77 0.55
C ASP B 83 0.31 -10.75 0.35
N THR B 84 -0.06 -9.53 -0.03
CA THR B 84 0.85 -8.42 -0.19
C THR B 84 1.49 -8.08 1.14
N PHE B 85 0.69 -8.11 2.20
CA PHE B 85 1.17 -7.76 3.53
C PHE B 85 2.29 -8.69 3.97
N ILE B 86 2.24 -9.94 3.55
CA ILE B 86 3.24 -10.84 4.06
C ILE B 86 4.54 -10.65 3.29
N LYS B 87 4.43 -10.38 2.00
CA LYS B 87 5.59 -10.09 1.18
C LYS B 87 6.32 -8.91 1.80
N ILE B 88 5.57 -7.86 2.08
CA ILE B 88 6.10 -6.61 2.62
C ILE B 88 6.72 -6.78 4.01
N ALA B 89 6.05 -7.52 4.89
CA ALA B 89 6.59 -7.77 6.21
C ALA B 89 7.89 -8.58 6.16
N GLN B 90 7.98 -9.56 5.27
CA GLN B 90 9.25 -10.27 5.12
C GLN B 90 10.33 -9.29 4.64
N LYS B 91 10.21 -8.86 3.39
CA LYS B 91 11.17 -7.99 2.74
C LYS B 91 11.50 -6.66 3.46
N CYS B 92 10.60 -6.14 4.30
CA CYS B 92 10.86 -4.87 4.98
C CYS B 92 10.83 -4.96 6.49
N ARG B 93 11.09 -6.15 7.00
CA ARG B 93 10.95 -6.45 8.43
C ARG B 93 11.59 -5.43 9.40
N ARG B 94 12.76 -4.90 9.06
CA ARG B 94 13.48 -4.00 9.98
C ARG B 94 12.79 -2.65 10.15
N HIS B 95 12.15 -2.20 9.10
CA HIS B 95 11.55 -0.87 9.05
C HIS B 95 10.34 -0.76 9.96
N PHE B 96 9.96 -1.88 10.56
CA PHE B 96 8.76 -1.93 11.41
C PHE B 96 9.16 -1.98 12.87
N VAL B 97 10.42 -2.32 13.11
CA VAL B 97 10.95 -2.50 14.45
C VAL B 97 11.86 -1.32 14.85
N GLN B 98 12.41 -0.63 13.88
CA GLN B 98 13.21 0.54 14.19
C GLN B 98 12.43 1.84 13.94
N VAL B 99 12.60 2.80 14.85
CA VAL B 99 11.93 4.09 14.73
C VAL B 99 12.37 4.74 13.45
N GLN B 100 11.41 5.08 12.59
CA GLN B 100 11.70 5.68 11.29
C GLN B 100 11.66 7.20 11.40
N VAL B 101 12.14 7.89 10.38
CA VAL B 101 12.23 9.36 10.47
C VAL B 101 10.85 10.04 10.38
N GLY B 102 10.58 10.91 11.34
CA GLY B 102 9.29 11.55 11.43
C GLY B 102 8.34 10.79 12.33
N GLU B 103 8.84 9.76 13.00
CA GLU B 103 8.00 9.05 13.96
C GLU B 103 8.72 8.87 15.28
N VAL B 104 7.93 8.66 16.33
CA VAL B 104 8.43 8.58 17.68
C VAL B 104 8.50 7.13 18.19
N MET B 105 7.70 6.25 17.59
CA MET B 105 7.59 4.88 18.09
C MET B 105 7.59 3.85 16.97
N PRO B 106 8.24 2.71 17.20
CA PRO B 106 8.29 1.65 16.18
C PRO B 106 6.89 1.28 15.67
N PHE B 107 6.71 1.22 14.35
CA PHE B 107 5.40 1.00 13.75
C PHE B 107 4.75 -0.31 14.25
N ILE B 108 5.57 -1.31 14.56
CA ILE B 108 5.07 -2.58 15.08
C ILE B 108 4.11 -2.34 16.26
N ASP B 109 4.51 -1.45 17.16
CA ASP B 109 3.71 -1.05 18.30
C ASP B 109 2.29 -0.68 17.94
N GLU B 110 2.13 0.22 16.97
CA GLU B 110 0.79 0.62 16.55
C GLU B 110 0.02 -0.58 16.05
N ILE B 111 0.72 -1.48 15.36
CA ILE B 111 0.07 -2.69 14.86
C ILE B 111 -0.45 -3.59 16.01
N LEU B 112 0.42 -3.84 16.99
CA LEU B 112 0.09 -4.71 18.12
C LEU B 112 -1.05 -4.19 18.97
N ASN B 113 -1.20 -2.87 19.03
CA ASN B 113 -2.26 -2.26 19.81
C ASN B 113 -3.64 -2.25 19.14
N ASN B 114 -3.71 -2.84 17.96
CA ASN B 114 -4.90 -2.82 17.13
C ASN B 114 -5.14 -4.12 16.38
N ILE B 115 -4.47 -5.18 16.79
CA ILE B 115 -4.61 -6.44 16.06
C ILE B 115 -6.08 -6.72 15.79
N ASN B 116 -6.90 -6.58 16.83
CA ASN B 116 -8.30 -6.91 16.69
C ASN B 116 -9.04 -6.03 15.68
N THR B 117 -8.92 -4.72 15.82
CA THR B 117 -9.59 -3.83 14.88
C THR B 117 -9.18 -4.14 13.45
N ILE B 118 -7.94 -4.60 13.25
CA ILE B 118 -7.46 -4.90 11.90
C ILE B 118 -7.93 -6.24 11.33
N ILE B 119 -7.90 -7.30 12.13
CA ILE B 119 -8.28 -8.61 11.60
C ILE B 119 -9.78 -8.93 11.67
N CYS B 120 -10.53 -8.04 12.32
CA CYS B 120 -12.00 -8.17 12.51
C CYS B 120 -12.73 -9.09 11.56
N ASP B 121 -12.58 -8.76 10.27
CA ASP B 121 -13.43 -9.28 9.22
C ASP B 121 -12.76 -10.43 8.50
N LEU B 122 -11.49 -10.67 8.82
CA LEU B 122 -10.70 -11.65 8.09
C LEU B 122 -11.14 -13.10 8.42
N GLN B 123 -11.04 -13.99 7.44
CA GLN B 123 -11.33 -15.41 7.65
C GLN B 123 -10.15 -16.04 8.38
N PRO B 124 -10.35 -17.21 8.99
CA PRO B 124 -9.28 -17.88 9.74
C PRO B 124 -7.93 -17.98 9.02
N GLN B 125 -7.96 -18.33 7.75
CA GLN B 125 -6.73 -18.56 7.02
C GLN B 125 -5.96 -17.24 6.87
N GLN B 126 -6.70 -16.18 6.54
CA GLN B 126 -6.12 -14.85 6.39
C GLN B 126 -5.54 -14.36 7.71
N VAL B 127 -6.23 -14.66 8.81
CA VAL B 127 -5.72 -14.29 10.13
C VAL B 127 -4.35 -14.94 10.39
N GLY A 1 9.88 25.98 -5.10
CA GLY A 1 11.25 26.41 -4.70
C GLY A 1 12.31 26.00 -5.70
N SER A 2 12.68 24.72 -5.67
CA SER A 2 13.69 24.19 -6.58
C SER A 2 13.26 22.85 -7.14
N ALA A 3 11.96 22.72 -7.44
CA ALA A 3 11.42 21.49 -7.99
C ALA A 3 11.66 20.31 -7.06
N SER A 4 11.77 20.60 -5.76
CA SER A 4 12.01 19.57 -4.75
C SER A 4 10.71 19.11 -4.11
N GLY A 5 10.57 17.80 -3.92
CA GLY A 5 9.37 17.25 -3.31
C GLY A 5 8.45 16.61 -4.33
N ASN A 6 8.23 15.30 -4.20
CA ASN A 6 7.36 14.57 -5.11
C ASN A 6 6.70 13.39 -4.40
N LEU A 7 7.50 12.60 -3.70
CA LEU A 7 6.99 11.44 -2.98
C LEU A 7 5.89 11.84 -2.00
N ASN A 8 5.97 13.06 -1.49
CA ASN A 8 4.98 13.56 -0.55
C ASN A 8 3.59 13.62 -1.19
N GLU A 9 3.57 13.93 -2.49
CA GLU A 9 2.31 14.01 -3.22
C GLU A 9 1.77 12.62 -3.55
N LEU A 10 2.68 11.67 -3.78
CA LEU A 10 2.29 10.30 -4.09
C LEU A 10 1.41 9.73 -2.99
N ALA A 11 1.69 10.12 -1.75
CA ALA A 11 0.92 9.66 -0.60
C ALA A 11 -0.39 10.45 -0.47
N LEU A 12 -0.33 11.73 -0.83
CA LEU A 12 -1.50 12.59 -0.76
C LEU A 12 -2.52 12.18 -1.82
N LYS A 13 -2.05 11.45 -2.83
CA LYS A 13 -2.92 11.01 -3.92
C LYS A 13 -3.71 9.77 -3.50
N LEU A 14 -3.23 9.05 -2.49
CA LEU A 14 -3.88 7.85 -1.99
C LEU A 14 -5.23 8.20 -1.37
N ALA A 15 -5.48 9.49 -1.17
CA ALA A 15 -6.72 9.96 -0.58
C ALA A 15 -7.93 9.38 -1.30
N GLY A 16 -7.77 9.12 -2.60
CA GLY A 16 -8.85 8.56 -3.39
C GLY A 16 -8.93 7.05 -3.26
N LEU A 17 -8.66 6.35 -4.37
CA LEU A 17 -8.68 4.89 -4.39
C LEU A 17 -10.03 4.37 -3.90
N ASP A 18 -11.01 4.35 -4.80
CA ASP A 18 -12.36 3.89 -4.47
C ASP A 18 -12.42 2.36 -4.54
N ILE A 19 -13.19 1.77 -3.63
CA ILE A 19 -13.35 0.32 -3.58
C ILE A 19 -14.40 -0.06 -2.55
N ASN A 20 -14.64 0.83 -1.59
CA ASN A 20 -15.63 0.59 -0.55
C ASN A 20 -16.61 1.75 -0.44
N LYS A 21 -17.88 1.47 -0.70
CA LYS A 21 -18.93 2.48 -0.64
C LYS A 21 -18.71 3.58 -1.68
N THR A 22 -19.61 3.65 -2.65
CA THR A 22 -19.52 4.67 -3.70
C THR A 22 -20.77 5.56 -3.71
N GLU A 23 -20.56 6.87 -3.63
CA GLU A 23 -21.67 7.81 -3.62
C GLU A 23 -22.00 8.27 -5.04
N GLY A 24 -21.04 8.15 -5.94
CA GLY A 24 -21.25 8.56 -7.32
C GLY A 24 -21.11 10.06 -7.50
N GLU A 25 -22.22 10.71 -7.83
CA GLU A 25 -22.24 12.16 -8.04
C GLU A 25 -21.21 12.56 -9.08
N GLU A 26 -21.53 12.30 -10.35
CA GLU A 26 -20.64 12.64 -11.46
C GLU A 26 -20.63 14.13 -11.71
N CYS A 27 -19.59 14.81 -11.22
CA CYS A 27 -19.43 16.25 -11.39
C CYS A 27 -20.76 16.99 -11.24
N ILE B 1 10.18 -7.57 -13.76
CA ILE B 1 11.52 -7.04 -14.03
C ILE B 1 12.12 -6.32 -12.83
N SER B 2 11.49 -6.49 -11.67
CA SER B 2 12.02 -5.96 -10.41
C SER B 2 13.50 -6.30 -10.20
N GLY B 3 14.35 -5.28 -10.10
CA GLY B 3 15.77 -5.50 -9.91
C GLY B 3 16.57 -5.53 -11.21
N ALA B 4 15.91 -5.34 -12.35
CA ALA B 4 16.62 -5.29 -13.64
C ALA B 4 16.99 -3.85 -14.05
N MET B 5 16.49 -2.87 -13.30
CA MET B 5 16.84 -1.46 -13.48
C MET B 5 17.63 -0.91 -12.30
N HIS B 6 18.34 0.20 -12.55
CA HIS B 6 19.07 0.93 -11.51
C HIS B 6 18.07 1.60 -10.57
N GLU B 7 18.30 1.48 -9.25
CA GLU B 7 17.36 1.94 -8.24
C GLU B 7 16.73 3.29 -8.58
N GLU B 8 17.52 4.15 -9.19
CA GLU B 8 17.12 5.52 -9.52
C GLU B 8 16.13 5.56 -10.69
N ASP B 9 16.40 4.76 -11.71
CA ASP B 9 15.43 4.58 -12.80
C ASP B 9 14.16 3.90 -12.29
N GLU B 10 14.36 2.93 -11.40
CA GLU B 10 13.27 2.22 -10.77
C GLU B 10 12.29 3.19 -10.11
N LYS B 11 12.82 4.12 -9.33
CA LYS B 11 11.99 5.11 -8.64
C LYS B 11 11.10 5.87 -9.60
N ARG B 12 11.72 6.52 -10.59
CA ARG B 12 11.03 7.35 -11.58
C ARG B 12 9.96 6.56 -12.30
N PHE B 13 10.27 5.30 -12.53
CA PHE B 13 9.41 4.45 -13.33
C PHE B 13 8.18 4.02 -12.52
N LEU B 14 8.42 3.60 -11.28
CA LEU B 14 7.36 3.22 -10.37
C LEU B 14 6.48 4.38 -9.98
N VAL B 15 7.04 5.59 -9.89
CA VAL B 15 6.20 6.72 -9.55
C VAL B 15 5.22 6.98 -10.68
N THR B 16 5.67 6.76 -11.91
CA THR B 16 4.83 6.94 -13.09
C THR B 16 3.78 5.82 -13.23
N VAL B 17 4.16 4.61 -12.88
CA VAL B 17 3.29 3.46 -13.08
C VAL B 17 2.10 3.48 -12.13
N ILE B 18 2.36 3.83 -10.88
CA ILE B 18 1.32 3.78 -9.86
C ILE B 18 0.53 5.07 -9.67
N LYS B 19 1.12 6.21 -10.01
CA LYS B 19 0.41 7.49 -10.02
C LYS B 19 -0.75 7.40 -11.00
N ASP B 20 -0.52 6.68 -12.08
CA ASP B 20 -1.55 6.58 -13.11
C ASP B 20 -2.49 5.37 -12.96
N LEU B 21 -2.06 4.33 -12.25
CA LEU B 21 -2.97 3.24 -11.86
C LEU B 21 -3.94 3.75 -10.80
N LEU B 22 -3.42 4.47 -9.81
CA LEU B 22 -4.24 5.19 -8.87
C LEU B 22 -5.25 6.10 -9.61
N GLY B 23 -4.78 6.82 -10.61
CA GLY B 23 -5.63 7.72 -11.35
C GLY B 23 -6.69 6.96 -12.13
N LEU B 24 -6.28 5.83 -12.71
CA LEU B 24 -7.21 4.95 -13.41
C LEU B 24 -8.25 4.35 -12.45
N CYS B 25 -7.82 4.07 -11.22
CA CYS B 25 -8.68 3.41 -10.27
C CYS B 25 -9.87 4.29 -9.93
N GLU B 26 -9.59 5.55 -9.65
CA GLU B 26 -10.64 6.55 -9.43
C GLU B 26 -11.51 6.76 -10.68
N GLN B 27 -10.93 6.55 -11.86
CA GLN B 27 -11.63 6.76 -13.12
C GLN B 27 -12.70 5.70 -13.41
N LYS B 28 -12.29 4.44 -13.38
CA LYS B 28 -13.18 3.34 -13.69
C LYS B 28 -14.25 3.17 -12.60
N ARG B 29 -15.48 2.93 -13.02
CA ARG B 29 -16.56 2.72 -12.09
C ARG B 29 -16.79 1.23 -11.87
N GLY B 30 -17.46 0.91 -10.76
CA GLY B 30 -17.75 -0.47 -10.43
C GLY B 30 -16.65 -1.16 -9.65
N LYS B 31 -17.00 -1.62 -8.45
CA LYS B 31 -16.08 -2.36 -7.59
C LYS B 31 -15.32 -3.47 -8.33
N ASP B 32 -15.98 -4.15 -9.27
CA ASP B 32 -15.28 -5.13 -10.09
C ASP B 32 -14.01 -4.55 -10.69
N ASN B 33 -14.12 -3.39 -11.35
CA ASN B 33 -12.97 -2.70 -11.93
C ASN B 33 -11.99 -2.21 -10.88
N LYS B 34 -12.51 -1.60 -9.83
CA LYS B 34 -11.66 -0.99 -8.82
C LYS B 34 -10.89 -2.07 -8.06
N ALA B 35 -11.51 -3.23 -7.92
CA ALA B 35 -10.89 -4.37 -7.24
C ALA B 35 -9.73 -4.93 -8.06
N ILE B 36 -9.95 -5.12 -9.36
CA ILE B 36 -8.87 -5.50 -10.26
C ILE B 36 -7.73 -4.48 -10.24
N ILE B 37 -8.05 -3.22 -10.50
CA ILE B 37 -7.02 -2.19 -10.53
C ILE B 37 -6.26 -2.15 -9.19
N ALA B 38 -7.01 -2.15 -8.10
CA ALA B 38 -6.44 -2.13 -6.75
C ALA B 38 -5.50 -3.31 -6.46
N SER B 39 -5.91 -4.50 -6.87
CA SER B 39 -5.09 -5.69 -6.62
C SER B 39 -3.73 -5.56 -7.30
N ASN B 40 -3.75 -4.98 -8.50
CA ASN B 40 -2.58 -4.84 -9.34
C ASN B 40 -1.53 -3.85 -8.82
N ILE B 41 -1.99 -2.69 -8.41
CA ILE B 41 -1.14 -1.76 -7.71
C ILE B 41 -0.49 -2.50 -6.51
N MET B 42 -1.30 -3.25 -5.77
CA MET B 42 -0.76 -3.99 -4.63
C MET B 42 0.26 -5.05 -5.05
N TYR B 43 -0.03 -5.78 -6.12
CA TYR B 43 0.93 -6.75 -6.59
C TYR B 43 2.25 -6.05 -6.93
N ILE B 44 2.17 -4.96 -7.69
CA ILE B 44 3.33 -4.17 -8.08
C ILE B 44 4.16 -3.69 -6.89
N VAL B 45 3.56 -2.91 -6.02
CA VAL B 45 4.26 -2.49 -4.82
C VAL B 45 4.95 -3.69 -4.12
N GLY B 46 4.25 -4.81 -4.01
CA GLY B 46 4.78 -5.98 -3.33
C GLY B 46 6.09 -6.48 -3.93
N GLN B 47 6.25 -6.21 -5.23
CA GLN B 47 7.39 -6.69 -5.98
C GLN B 47 8.58 -5.76 -5.90
N TYR B 48 8.37 -4.58 -5.34
CA TYR B 48 9.43 -3.59 -5.26
C TYR B 48 9.78 -3.15 -3.84
N PRO B 49 10.20 -4.11 -2.99
CA PRO B 49 10.60 -3.75 -1.63
C PRO B 49 11.69 -2.68 -1.57
N ARG B 50 12.67 -2.75 -2.46
CA ARG B 50 13.80 -1.84 -2.41
C ARG B 50 13.33 -0.40 -2.43
N PHE B 51 12.41 -0.11 -3.36
CA PHE B 51 11.64 1.13 -3.38
C PHE B 51 11.02 1.46 -2.02
N LEU B 52 10.17 0.55 -1.52
CA LEU B 52 9.49 0.74 -0.24
C LEU B 52 10.49 1.01 0.85
N ARG B 53 11.53 0.20 0.90
CA ARG B 53 12.57 0.30 1.90
C ARG B 53 13.22 1.70 1.98
N ALA B 54 13.37 2.35 0.84
CA ALA B 54 14.01 3.66 0.82
C ALA B 54 13.02 4.79 1.10
N HIS B 55 11.72 4.50 1.08
CA HIS B 55 10.71 5.55 1.29
C HIS B 55 9.67 5.22 2.38
N TRP B 56 10.04 5.39 3.64
CA TRP B 56 9.16 5.02 4.78
C TRP B 56 7.73 5.58 4.74
N LYS B 57 7.61 6.88 4.47
CA LYS B 57 6.31 7.52 4.41
C LYS B 57 5.41 6.83 3.38
N PHE B 58 5.98 6.39 2.27
CA PHE B 58 5.18 5.65 1.31
C PHE B 58 4.88 4.21 1.80
N LEU B 59 5.91 3.53 2.31
CA LEU B 59 5.74 2.21 2.90
C LEU B 59 4.60 2.21 3.90
N LYS B 60 4.70 3.06 4.93
CA LYS B 60 3.65 3.18 5.94
C LYS B 60 2.23 3.37 5.37
N THR B 61 2.15 4.15 4.30
CA THR B 61 0.87 4.50 3.68
C THR B 61 0.29 3.29 2.95
N VAL B 62 1.15 2.54 2.30
CA VAL B 62 0.76 1.27 1.70
C VAL B 62 0.27 0.25 2.72
N VAL B 63 0.95 0.16 3.86
CA VAL B 63 0.59 -0.83 4.87
C VAL B 63 -0.74 -0.50 5.53
N ASN B 64 -0.84 0.75 6.00
CA ASN B 64 -2.13 1.25 6.48
C ASN B 64 -3.24 1.03 5.44
N LYS B 65 -2.91 1.19 4.16
CA LYS B 65 -3.92 1.02 3.11
C LYS B 65 -4.26 -0.45 2.95
N LEU B 66 -3.28 -1.30 3.19
CA LEU B 66 -3.47 -2.74 3.14
C LEU B 66 -4.38 -3.15 4.31
N PHE B 67 -4.23 -2.49 5.45
CA PHE B 67 -5.07 -2.77 6.61
C PHE B 67 -6.50 -2.39 6.32
N GLU B 68 -6.68 -1.27 5.62
CA GLU B 68 -8.03 -0.88 5.23
C GLU B 68 -8.69 -1.98 4.39
N PHE B 69 -8.02 -2.42 3.33
CA PHE B 69 -8.59 -3.41 2.44
C PHE B 69 -8.86 -4.78 3.12
N MET B 70 -8.40 -4.98 4.35
CA MET B 70 -8.66 -6.23 5.04
C MET B 70 -10.08 -6.24 5.56
N HIS B 71 -10.74 -5.11 5.38
CA HIS B 71 -12.16 -5.00 5.69
C HIS B 71 -13.01 -4.88 4.43
N GLU B 72 -12.34 -4.89 3.27
CA GLU B 72 -13.02 -4.84 1.98
C GLU B 72 -13.78 -6.13 1.74
N THR B 73 -15.05 -6.01 1.38
CA THR B 73 -15.87 -7.19 1.19
C THR B 73 -15.77 -7.76 -0.23
N HIS B 74 -15.36 -6.94 -1.20
CA HIS B 74 -15.35 -7.39 -2.58
C HIS B 74 -14.44 -8.60 -2.81
N ASP B 75 -15.01 -9.64 -3.43
CA ASP B 75 -14.36 -10.94 -3.57
C ASP B 75 -12.89 -10.83 -3.99
N GLY B 76 -12.00 -11.46 -3.21
CA GLY B 76 -10.59 -11.54 -3.55
C GLY B 76 -9.69 -10.50 -2.90
N VAL B 77 -10.20 -9.30 -2.71
CA VAL B 77 -9.41 -8.18 -2.19
C VAL B 77 -8.72 -8.52 -0.88
N GLN B 78 -9.47 -9.11 0.06
CA GLN B 78 -8.92 -9.47 1.36
C GLN B 78 -7.73 -10.43 1.25
N ASP B 79 -7.86 -11.41 0.37
CA ASP B 79 -6.75 -12.29 0.05
C ASP B 79 -5.57 -11.53 -0.55
N MET B 80 -5.84 -10.59 -1.44
CA MET B 80 -4.79 -9.74 -1.99
C MET B 80 -4.12 -8.95 -0.89
N ALA B 81 -4.93 -8.30 -0.05
CA ALA B 81 -4.40 -7.45 1.01
C ALA B 81 -3.46 -8.22 1.93
N CYS B 82 -3.84 -9.44 2.29
CA CYS B 82 -3.02 -10.21 3.22
C CYS B 82 -1.77 -10.76 2.55
N ASP B 83 -1.92 -11.22 1.31
CA ASP B 83 -0.80 -11.77 0.55
C ASP B 83 0.31 -10.75 0.35
N THR B 84 -0.06 -9.53 -0.03
CA THR B 84 0.85 -8.42 -0.19
C THR B 84 1.49 -8.08 1.14
N PHE B 85 0.69 -8.11 2.20
CA PHE B 85 1.17 -7.76 3.53
C PHE B 85 2.29 -8.69 3.97
N ILE B 86 2.24 -9.94 3.55
CA ILE B 86 3.24 -10.84 4.06
C ILE B 86 4.54 -10.65 3.29
N LYS B 87 4.43 -10.38 2.00
CA LYS B 87 5.59 -10.09 1.18
C LYS B 87 6.32 -8.91 1.81
N ILE B 88 5.57 -7.86 2.08
CA ILE B 88 6.10 -6.61 2.62
C ILE B 88 6.72 -6.78 4.01
N ALA B 89 6.05 -7.52 4.89
CA ALA B 89 6.60 -7.76 6.21
C ALA B 89 7.89 -8.58 6.16
N GLN B 90 7.98 -9.56 5.27
CA GLN B 90 9.25 -10.27 5.12
C GLN B 90 10.33 -9.29 4.64
N LYS B 91 10.21 -8.86 3.39
CA LYS B 91 11.17 -7.99 2.74
C LYS B 91 11.50 -6.66 3.46
N CYS B 92 10.60 -6.14 4.30
CA CYS B 92 10.86 -4.87 4.98
C CYS B 92 10.83 -4.96 6.49
N ARG B 93 11.09 -6.15 7.00
CA ARG B 93 10.95 -6.45 8.43
C ARG B 93 11.59 -5.43 9.40
N ARG B 94 12.76 -4.90 9.06
CA ARG B 94 13.48 -4.00 9.98
C ARG B 94 12.79 -2.66 10.16
N HIS B 95 12.15 -2.20 9.10
CA HIS B 95 11.55 -0.87 9.05
C HIS B 95 10.34 -0.76 9.96
N PHE B 96 9.96 -1.88 10.56
CA PHE B 96 8.76 -1.93 11.41
C PHE B 96 9.16 -1.98 12.87
N VAL B 97 10.42 -2.32 13.11
CA VAL B 97 10.95 -2.50 14.45
C VAL B 97 11.86 -1.32 14.85
N GLN B 98 12.41 -0.63 13.88
CA GLN B 98 13.21 0.54 14.19
C GLN B 98 12.43 1.84 13.94
N VAL B 99 12.60 2.80 14.85
CA VAL B 99 11.93 4.09 14.73
C VAL B 99 12.37 4.75 13.45
N GLN B 100 11.41 5.08 12.59
CA GLN B 100 11.70 5.68 11.29
C GLN B 100 11.66 7.20 11.40
N VAL B 101 12.14 7.89 10.38
CA VAL B 101 12.23 9.36 10.47
C VAL B 101 10.85 10.04 10.38
N GLY B 102 10.58 10.91 11.34
CA GLY B 102 9.29 11.55 11.43
C GLY B 102 8.34 10.79 12.33
N GLU B 103 8.84 9.76 13.00
CA GLU B 103 8.00 9.05 13.96
C GLU B 103 8.72 8.87 15.28
N VAL B 104 7.93 8.66 16.33
CA VAL B 104 8.43 8.58 17.68
C VAL B 104 8.50 7.13 18.19
N MET B 105 7.70 6.25 17.59
CA MET B 105 7.59 4.88 18.09
C MET B 105 7.59 3.85 16.97
N PRO B 106 8.24 2.71 17.20
CA PRO B 106 8.29 1.65 16.18
C PRO B 106 6.89 1.28 15.67
N PHE B 107 6.71 1.22 14.35
CA PHE B 107 5.40 1.00 13.75
C PHE B 107 4.75 -0.31 14.25
N ILE B 108 5.57 -1.32 14.56
CA ILE B 108 5.07 -2.58 15.08
C ILE B 108 4.11 -2.34 16.26
N ASP B 109 4.51 -1.45 17.16
CA ASP B 109 3.71 -1.05 18.30
C ASP B 109 2.29 -0.68 17.94
N GLU B 110 2.13 0.22 16.97
CA GLU B 110 0.79 0.62 16.55
C GLU B 110 0.02 -0.58 16.05
N ILE B 111 0.72 -1.48 15.36
CA ILE B 111 0.07 -2.69 14.86
C ILE B 111 -0.45 -3.59 16.01
N LEU B 112 0.42 -3.84 16.99
CA LEU B 112 0.09 -4.71 18.12
C LEU B 112 -1.05 -4.19 18.97
N ASN B 113 -1.20 -2.87 19.03
CA ASN B 113 -2.26 -2.26 19.81
C ASN B 113 -3.64 -2.25 19.14
N ASN B 114 -3.71 -2.84 17.95
CA ASN B 114 -4.90 -2.82 17.13
C ASN B 114 -5.14 -4.12 16.38
N ILE B 115 -4.47 -5.18 16.79
CA ILE B 115 -4.61 -6.44 16.06
C ILE B 115 -6.08 -6.72 15.79
N ASN B 116 -6.90 -6.58 16.83
CA ASN B 116 -8.30 -6.91 16.69
C ASN B 116 -9.04 -6.03 15.68
N THR B 117 -8.92 -4.72 15.82
CA THR B 117 -9.59 -3.83 14.88
C THR B 117 -9.18 -4.14 13.45
N ILE B 118 -7.94 -4.60 13.25
CA ILE B 118 -7.46 -4.90 11.90
C ILE B 118 -7.93 -6.24 11.33
N ILE B 119 -7.90 -7.30 12.13
CA ILE B 119 -8.28 -8.61 11.60
C ILE B 119 -9.78 -8.93 11.67
N CYS B 120 -10.53 -8.04 12.32
CA CYS B 120 -12.00 -8.17 12.51
C CYS B 120 -12.73 -9.09 11.56
N ASP B 121 -12.58 -8.76 10.27
CA ASP B 121 -13.43 -9.28 9.22
C ASP B 121 -12.76 -10.43 8.50
N LEU B 122 -11.49 -10.67 8.82
CA LEU B 122 -10.70 -11.66 8.10
C LEU B 122 -11.14 -13.10 8.42
N GLN B 123 -11.04 -13.99 7.44
CA GLN B 123 -11.33 -15.41 7.65
C GLN B 123 -10.15 -16.04 8.38
N PRO B 124 -10.35 -17.21 8.99
CA PRO B 124 -9.28 -17.88 9.73
C PRO B 124 -7.93 -17.98 9.02
N GLN B 125 -7.96 -18.33 7.75
CA GLN B 125 -6.73 -18.56 7.02
C GLN B 125 -5.96 -17.24 6.87
N GLN B 126 -6.70 -16.18 6.54
CA GLN B 126 -6.12 -14.85 6.39
C GLN B 126 -5.54 -14.37 7.71
N VAL B 127 -6.23 -14.66 8.81
CA VAL B 127 -5.72 -14.29 10.13
C VAL B 127 -4.35 -14.94 10.38
#